data_8SL5
# 
_entry.id   8SL5 
# 
_audit_conform.dict_name       mmcif_pdbx.dic 
_audit_conform.dict_version    5.392 
_audit_conform.dict_location   http://mmcif.pdb.org/dictionaries/ascii/mmcif_pdbx.dic 
# 
loop_
_database_2.database_id 
_database_2.database_code 
_database_2.pdbx_database_accession 
_database_2.pdbx_DOI 
PDB   8SL5         pdb_00008sl5 10.2210/pdb8sl5/pdb 
WWPDB D_1000273997 ?            ?                   
# 
loop_
_pdbx_audit_revision_history.ordinal 
_pdbx_audit_revision_history.data_content_type 
_pdbx_audit_revision_history.major_revision 
_pdbx_audit_revision_history.minor_revision 
_pdbx_audit_revision_history.revision_date 
1 'Structure model' 1 0 2024-04-24 
2 'Structure model' 1 1 2024-05-08 
# 
_pdbx_audit_revision_details.ordinal             1 
_pdbx_audit_revision_details.revision_ordinal    1 
_pdbx_audit_revision_details.data_content_type   'Structure model' 
_pdbx_audit_revision_details.provider            repository 
_pdbx_audit_revision_details.type                'Initial release' 
_pdbx_audit_revision_details.description         ? 
_pdbx_audit_revision_details.details             ? 
# 
_pdbx_audit_revision_group.ordinal             1 
_pdbx_audit_revision_group.revision_ordinal    2 
_pdbx_audit_revision_group.data_content_type   'Structure model' 
_pdbx_audit_revision_group.group               'Database references' 
# 
loop_
_pdbx_audit_revision_category.ordinal 
_pdbx_audit_revision_category.revision_ordinal 
_pdbx_audit_revision_category.data_content_type 
_pdbx_audit_revision_category.category 
1 2 'Structure model' citation        
2 2 'Structure model' citation_author 
# 
loop_
_pdbx_audit_revision_item.ordinal 
_pdbx_audit_revision_item.revision_ordinal 
_pdbx_audit_revision_item.data_content_type 
_pdbx_audit_revision_item.item 
1  2 'Structure model' '_citation.country'                 
2  2 'Structure model' '_citation.journal_abbrev'          
3  2 'Structure model' '_citation.journal_id_ASTM'         
4  2 'Structure model' '_citation.journal_id_CSD'          
5  2 'Structure model' '_citation.journal_id_ISSN'         
6  2 'Structure model' '_citation.journal_volume'          
7  2 'Structure model' '_citation.page_first'              
8  2 'Structure model' '_citation.page_last'               
9  2 'Structure model' '_citation.pdbx_database_id_DOI'    
10 2 'Structure model' '_citation.pdbx_database_id_PubMed' 
11 2 'Structure model' '_citation.title'                   
12 2 'Structure model' '_citation.year'                    
# 
_pdbx_database_status.status_code                     REL 
_pdbx_database_status.status_code_sf                  REL 
_pdbx_database_status.status_code_mr                  ? 
_pdbx_database_status.entry_id                        8SL5 
_pdbx_database_status.recvd_initial_deposition_date   2023-04-21 
_pdbx_database_status.SG_entry                        N 
_pdbx_database_status.deposit_site                    RCSB 
_pdbx_database_status.process_site                    RCSB 
_pdbx_database_status.status_code_cs                  ? 
_pdbx_database_status.status_code_nmr_data            ? 
_pdbx_database_status.methods_development_category    ? 
_pdbx_database_status.pdb_format_compatible           Y 
# 
_pdbx_database_related.db_name        PDB 
_pdbx_database_related.details        'Similar triangle' 
_pdbx_database_related.db_id          8SJN 
_pdbx_database_related.content_type   unspecified 
# 
_pdbx_contact_author.id                 5 
_pdbx_contact_author.email              rs17@nyu.edu 
_pdbx_contact_author.name_first         Ruojie 
_pdbx_contact_author.name_last          Sha 
_pdbx_contact_author.name_mi            ? 
_pdbx_contact_author.role               'principal investigator/group leader' 
_pdbx_contact_author.identifier_ORCID   0000-0002-0807-734X 
# 
loop_
_audit_author.name 
_audit_author.pdbx_ordinal 
_audit_author.identifier_ORCID 
'Vecchioni, S.' 1 0000-0001-8243-650X 
'Janowski, J.'  2 0000-0002-6990-5719 
'Sha, R.'       3 0000-0002-0807-734X 
'Ohayon, Y.P.'  4 0000-0001-7500-4282 
# 
_citation.abstract                  ? 
_citation.abstract_id_CAS           ? 
_citation.book_id_ISBN              ? 
_citation.book_publisher            ? 
_citation.book_publisher_city       ? 
_citation.book_title                ? 
_citation.coordinate_linkage        ? 
_citation.country                   US 
_citation.database_id_Medline       ? 
_citation.details                   ? 
_citation.id                        primary 
_citation.journal_abbrev            Proc.Natl.Acad.Sci.USA 
_citation.journal_id_ASTM           PNASA6 
_citation.journal_id_CSD            0040 
_citation.journal_id_ISSN           1091-6490 
_citation.journal_full              ? 
_citation.journal_issue             ? 
_citation.journal_volume            121 
_citation.language                  ? 
_citation.page_first                e2321992121 
_citation.page_last                 e2321992121 
_citation.title                     'Engineering tertiary chirality in helical biopolymers.' 
_citation.year                      2024 
_citation.database_id_CSD           ? 
_citation.pdbx_database_id_DOI      10.1073/pnas.2321992121 
_citation.pdbx_database_id_PubMed   38684000 
_citation.pdbx_database_id_patent   ? 
_citation.unpublished_flag          ? 
# 
loop_
_citation_author.citation_id 
_citation_author.name 
_citation_author.ordinal 
_citation_author.identifier_ORCID 
primary 'Janowski, J.'  1  ?                   
primary 'Pham, V.A.B.'  2  0000-0001-5074-7303 
primary 'Vecchioni, S.' 3  0000-0001-8243-650X 
primary 'Woloszyn, K.'  4  ?                   
primary 'Lu, B.'        5  0000-0001-6424-2197 
primary 'Zou, Y.'       6  ?                   
primary 'Erkalo, B.'    7  ?                   
primary 'Perren, L.'    8  0000-0001-9169-1780 
primary 'Rueb, J.'      9  ?                   
primary 'Madnick, J.'   10 0000-0003-1026-8409 
primary 'Mao, C.'       11 0000-0001-7516-8666 
primary 'Saito, M.'     12 0000-0003-0795-8548 
primary 'Ohayon, Y.P.'  13 0000-0001-7500-4282 
primary 'Jonoska, N.'   14 ?                   
primary 'Sha, R.'       15 0000-0002-0807-734X 
# 
loop_
_entity.id 
_entity.type 
_entity.src_method 
_entity.pdbx_description 
_entity.formula_weight 
_entity.pdbx_number_of_molecules 
_entity.pdbx_ec 
_entity.pdbx_mutation 
_entity.pdbx_fragment 
_entity.details 
1 polymer syn 
;DNA (5'-D(*GP*AP*GP*CP*CP*TP*GP*AP*CP*TP*AP*CP*A)-3')
;
3960.600 1 ? ? ? ? 
2 polymer syn 
;DNA (5'-D(P*CP*GP*TP*GP*GP*AP*CP*A)-3')
;
2451.630 1 ? ? ? ? 
3 polymer syn 
;DNA (5'-D(*TP*CP*TP*GP*TP*GP*GP*C)-3')
;
2433.602 1 ? ? ? ? 
4 polymer syn 
;DNA (5'-D(P*TP*GP*TP*AP*GP*TP*CP*AP*CP*CP*AP*CP*G)-3')
;
3951.586 1 ? ? ? ? 
# 
loop_
_entity_poly.entity_id 
_entity_poly.type 
_entity_poly.nstd_linkage 
_entity_poly.nstd_monomer 
_entity_poly.pdbx_seq_one_letter_code 
_entity_poly.pdbx_seq_one_letter_code_can 
_entity_poly.pdbx_strand_id 
_entity_poly.pdbx_target_identifier 
1 polydeoxyribonucleotide no no '(DG)(DA)(DG)(DC)(DC)(DT)(DG)(DA)(DC)(DT)(DA)(DC)(DA)' GAGCCTGACTACA A ? 
2 polydeoxyribonucleotide no no '(DC)(DG)(DT)(DG)(DG)(DA)(DC)(DA)'                     CGTGGACA      B ? 
3 polydeoxyribonucleotide no no '(DT)(DC)(DT)(DG)(DT)(DG)(DG)(DC)'                     TCTGTGGC      C ? 
4 polydeoxyribonucleotide no no '(DT)(DG)(DT)(DA)(DG)(DT)(DC)(DA)(DC)(DC)(DA)(DC)(DG)' TGTAGTCACCACG D ? 
# 
loop_
_entity_poly_seq.entity_id 
_entity_poly_seq.num 
_entity_poly_seq.mon_id 
_entity_poly_seq.hetero 
1 1  DG n 
1 2  DA n 
1 3  DG n 
1 4  DC n 
1 5  DC n 
1 6  DT n 
1 7  DG n 
1 8  DA n 
1 9  DC n 
1 10 DT n 
1 11 DA n 
1 12 DC n 
1 13 DA n 
2 1  DC n 
2 2  DG n 
2 3  DT n 
2 4  DG n 
2 5  DG n 
2 6  DA n 
2 7  DC n 
2 8  DA n 
3 1  DT n 
3 2  DC n 
3 3  DT n 
3 4  DG n 
3 5  DT n 
3 6  DG n 
3 7  DG n 
3 8  DC n 
4 1  DT n 
4 2  DG n 
4 3  DT n 
4 4  DA n 
4 5  DG n 
4 6  DT n 
4 7  DC n 
4 8  DA n 
4 9  DC n 
4 10 DC n 
4 11 DA n 
4 12 DC n 
4 13 DG n 
# 
loop_
_pdbx_entity_src_syn.entity_id 
_pdbx_entity_src_syn.pdbx_src_id 
_pdbx_entity_src_syn.pdbx_alt_source_flag 
_pdbx_entity_src_syn.pdbx_beg_seq_num 
_pdbx_entity_src_syn.pdbx_end_seq_num 
_pdbx_entity_src_syn.organism_scientific 
_pdbx_entity_src_syn.organism_common_name 
_pdbx_entity_src_syn.ncbi_taxonomy_id 
_pdbx_entity_src_syn.details 
1 1 sample 1 13 'synthetic construct' ? 32630 ? 
2 1 sample 1 8  'synthetic construct' ? 32630 ? 
3 1 sample 1 8  'synthetic construct' ? 32630 ? 
4 1 sample 1 13 'synthetic construct' ? 32630 ? 
# 
loop_
_chem_comp.id 
_chem_comp.type 
_chem_comp.mon_nstd_flag 
_chem_comp.name 
_chem_comp.pdbx_synonyms 
_chem_comp.formula 
_chem_comp.formula_weight 
DA 'DNA linking' y "2'-DEOXYADENOSINE-5'-MONOPHOSPHATE" ? 'C10 H14 N5 O6 P' 331.222 
DC 'DNA linking' y "2'-DEOXYCYTIDINE-5'-MONOPHOSPHATE"  ? 'C9 H14 N3 O7 P'  307.197 
DG 'DNA linking' y "2'-DEOXYGUANOSINE-5'-MONOPHOSPHATE" ? 'C10 H14 N5 O7 P' 347.221 
DT 'DNA linking' y "THYMIDINE-5'-MONOPHOSPHATE"         ? 'C10 H15 N2 O8 P' 322.208 
# 
loop_
_pdbx_poly_seq_scheme.asym_id 
_pdbx_poly_seq_scheme.entity_id 
_pdbx_poly_seq_scheme.seq_id 
_pdbx_poly_seq_scheme.mon_id 
_pdbx_poly_seq_scheme.ndb_seq_num 
_pdbx_poly_seq_scheme.pdb_seq_num 
_pdbx_poly_seq_scheme.auth_seq_num 
_pdbx_poly_seq_scheme.pdb_mon_id 
_pdbx_poly_seq_scheme.auth_mon_id 
_pdbx_poly_seq_scheme.pdb_strand_id 
_pdbx_poly_seq_scheme.pdb_ins_code 
_pdbx_poly_seq_scheme.hetero 
A 1 1  DG 1  6  6  DG DG A . n 
A 1 2  DA 2  7  7  DA DA A . n 
A 1 3  DG 3  8  8  DG DG A . n 
A 1 4  DC 4  9  9  DC DC A . n 
A 1 5  DC 5  10 10 DC DC A . n 
A 1 6  DT 6  11 11 DT DT A . n 
A 1 7  DG 7  12 12 DG DG A . n 
A 1 8  DA 8  13 13 DA DA A . n 
A 1 9  DC 9  14 14 DC DC A . n 
A 1 10 DT 10 15 15 DT DT A . n 
A 1 11 DA 11 16 16 DA DA A . n 
A 1 12 DC 12 17 17 DC DC A . n 
A 1 13 DA 13 18 18 DA DA A . n 
B 2 1  DC 1  1  1  DC DC B . n 
B 2 2  DG 2  2  2  DG DG B . n 
B 2 3  DT 3  3  3  DT DT B . n 
B 2 4  DG 4  4  4  DG DG B . n 
B 2 5  DG 5  5  5  DG DG B . n 
B 2 6  DA 6  6  6  DA DA B . n 
B 2 7  DC 7  7  7  DC DC B . n 
B 2 8  DA 8  8  8  DA DA B . n 
C 3 1  DT 1  6  6  DT DT C . n 
C 3 2  DC 2  7  7  DC DC C . n 
C 3 3  DT 3  8  8  DT DT C . n 
C 3 4  DG 4  9  9  DG DG C . n 
C 3 5  DT 5  10 10 DT DT C . n 
C 3 6  DG 6  11 11 DG DG C . n 
C 3 7  DG 7  12 12 DG DG C . n 
C 3 8  DC 8  13 13 DC DC C . n 
D 4 1  DT 1  1  1  DT DT D . n 
D 4 2  DG 2  2  2  DG DG D . n 
D 4 3  DT 3  3  3  DT DT D . n 
D 4 4  DA 4  4  4  DA DA D . n 
D 4 5  DG 5  5  5  DG DG D . n 
D 4 6  DT 6  6  6  DT DT D . n 
D 4 7  DC 7  7  7  DC DC D . n 
D 4 8  DA 8  8  8  DA DA D . n 
D 4 9  DC 9  9  9  DC DC D . n 
D 4 10 DC 10 10 10 DC DC D . n 
D 4 11 DA 11 11 11 DA DA D . n 
D 4 12 DC 12 12 12 DC DC D . n 
D 4 13 DG 13 13 13 DG DG D . n 
# 
loop_
_software.citation_id 
_software.classification 
_software.compiler_name 
_software.compiler_version 
_software.contact_author 
_software.contact_author_email 
_software.date 
_software.description 
_software.dependencies 
_software.hardware 
_software.language 
_software.location 
_software.mods 
_software.name 
_software.os 
_software.os_version 
_software.type 
_software.version 
_software.pdbx_ordinal 
? refinement       ? ? ? ? ? ? ? ? ? ? ? PHENIX    ? ? ? 1.20.1_4487 1 
? 'data reduction' ? ? ? ? ? ? ? ? ? ? ? autoPROC  ? ? ? .           2 
? 'data scaling'   ? ? ? ? ? ? ? ? ? ? ? STARANISO ? ? ? .           3 
? phasing          ? ? ? ? ? ? ? ? ? ? ? PHASER    ? ? ? .           4 
# 
_cell.angle_alpha                  90.000 
_cell.angle_alpha_esd              ? 
_cell.angle_beta                   90.000 
_cell.angle_beta_esd               ? 
_cell.angle_gamma                  120.000 
_cell.angle_gamma_esd              ? 
_cell.entry_id                     8SL5 
_cell.details                      ? 
_cell.formula_units_Z              ? 
_cell.length_a                     111.886 
_cell.length_a_esd                 ? 
_cell.length_b                     111.886 
_cell.length_b_esd                 ? 
_cell.length_c                     69.191 
_cell.length_c_esd                 ? 
_cell.volume                       750121.710 
_cell.volume_esd                   ? 
_cell.Z_PDB                        9 
_cell.reciprocal_angle_alpha       ? 
_cell.reciprocal_angle_beta        ? 
_cell.reciprocal_angle_gamma       ? 
_cell.reciprocal_angle_alpha_esd   ? 
_cell.reciprocal_angle_beta_esd    ? 
_cell.reciprocal_angle_gamma_esd   ? 
_cell.reciprocal_length_a          ? 
_cell.reciprocal_length_b          ? 
_cell.reciprocal_length_c          ? 
_cell.reciprocal_length_a_esd      ? 
_cell.reciprocal_length_b_esd      ? 
_cell.reciprocal_length_c_esd      ? 
_cell.pdbx_unique_axis             ? 
_cell.pdbx_esd_method              ? 
# 
_symmetry.entry_id                         8SL5 
_symmetry.cell_setting                     ? 
_symmetry.Int_Tables_number                146 
_symmetry.space_group_name_Hall            'R 3' 
_symmetry.space_group_name_H-M             'H 3' 
_symmetry.pdbx_full_space_group_name_H-M   ? 
# 
_exptl.absorpt_coefficient_mu     ? 
_exptl.absorpt_correction_T_max   ? 
_exptl.absorpt_correction_T_min   ? 
_exptl.absorpt_correction_type    ? 
_exptl.absorpt_process_details    ? 
_exptl.entry_id                   8SL5 
_exptl.crystals_number            1 
_exptl.details                    ? 
_exptl.method                     'X-RAY DIFFRACTION' 
_exptl.method_details             ? 
# 
_exptl_crystal.colour                       ? 
_exptl_crystal.density_diffrn               ? 
_exptl_crystal.density_Matthews             6.51 
_exptl_crystal.density_method               ? 
_exptl_crystal.density_percent_sol          81.11 
_exptl_crystal.description                  ? 
_exptl_crystal.F_000                        ? 
_exptl_crystal.id                           1 
_exptl_crystal.preparation                  ? 
_exptl_crystal.size_max                     ? 
_exptl_crystal.size_mid                     ? 
_exptl_crystal.size_min                     ? 
_exptl_crystal.size_rad                     ? 
_exptl_crystal.colour_lustre                ? 
_exptl_crystal.colour_modifier              ? 
_exptl_crystal.colour_primary               ? 
_exptl_crystal.density_meas                 ? 
_exptl_crystal.density_meas_esd             ? 
_exptl_crystal.density_meas_gt              ? 
_exptl_crystal.density_meas_lt              ? 
_exptl_crystal.density_meas_temp            ? 
_exptl_crystal.density_meas_temp_esd        ? 
_exptl_crystal.density_meas_temp_gt         ? 
_exptl_crystal.density_meas_temp_lt         ? 
_exptl_crystal.pdbx_crystal_image_url       ? 
_exptl_crystal.pdbx_crystal_image_format    ? 
_exptl_crystal.pdbx_mosaicity               ? 
_exptl_crystal.pdbx_mosaicity_esd           ? 
_exptl_crystal.pdbx_mosaic_method           ? 
_exptl_crystal.pdbx_mosaic_block_size       ? 
_exptl_crystal.pdbx_mosaic_block_size_esd   ? 
# 
_exptl_crystal_grow.apparatus       ? 
_exptl_crystal_grow.atmosphere      ? 
_exptl_crystal_grow.crystal_id      1 
_exptl_crystal_grow.details         ? 
_exptl_crystal_grow.method          'VAPOR DIFFUSION, HANGING DROP' 
_exptl_crystal_grow.method_ref      ? 
_exptl_crystal_grow.pH              7.8 
_exptl_crystal_grow.pressure        ? 
_exptl_crystal_grow.pressure_esd    ? 
_exptl_crystal_grow.seeding         ? 
_exptl_crystal_grow.seeding_ref     ? 
_exptl_crystal_grow.temp_details    '338-293 at 0.4/hr' 
_exptl_crystal_grow.temp_esd        ? 
_exptl_crystal_grow.time            ? 
_exptl_crystal_grow.pdbx_details    '100 mM MOPS, 1.25 M magnesium sulfate' 
_exptl_crystal_grow.pdbx_pH_range   ? 
_exptl_crystal_grow.temp            293 
# 
_diffrn.ambient_environment              ? 
_diffrn.ambient_temp                     100 
_diffrn.ambient_temp_details             ? 
_diffrn.ambient_temp_esd                 ? 
_diffrn.crystal_id                       1 
_diffrn.crystal_support                  ? 
_diffrn.crystal_treatment                ? 
_diffrn.details                          ? 
_diffrn.id                               1 
_diffrn.ambient_pressure                 ? 
_diffrn.ambient_pressure_esd             ? 
_diffrn.ambient_pressure_gt              ? 
_diffrn.ambient_pressure_lt              ? 
_diffrn.ambient_temp_gt                  ? 
_diffrn.ambient_temp_lt                  ? 
_diffrn.pdbx_serial_crystal_experiment   N 
# 
_diffrn_detector.details                      ? 
_diffrn_detector.detector                     PIXEL 
_diffrn_detector.diffrn_id                    1 
_diffrn_detector.type                         'DECTRIS EIGER2 X 9M' 
_diffrn_detector.area_resol_mean              ? 
_diffrn_detector.dtime                        ? 
_diffrn_detector.pdbx_frames_total            ? 
_diffrn_detector.pdbx_collection_time_total   ? 
_diffrn_detector.pdbx_collection_date         2023-03-19 
_diffrn_detector.pdbx_frequency               ? 
_diffrn_detector.id                           ? 
_diffrn_detector.number_of_axes               ? 
# 
_diffrn_radiation.collimation                      ? 
_diffrn_radiation.diffrn_id                        1 
_diffrn_radiation.filter_edge                      ? 
_diffrn_radiation.inhomogeneity                    ? 
_diffrn_radiation.monochromator                    ? 
_diffrn_radiation.polarisn_norm                    ? 
_diffrn_radiation.polarisn_ratio                   ? 
_diffrn_radiation.probe                            ? 
_diffrn_radiation.type                             ? 
_diffrn_radiation.xray_symbol                      ? 
_diffrn_radiation.wavelength_id                    1 
_diffrn_radiation.pdbx_monochromatic_or_laue_m_l   M 
_diffrn_radiation.pdbx_wavelength_list             ? 
_diffrn_radiation.pdbx_wavelength                  ? 
_diffrn_radiation.pdbx_diffrn_protocol             'SINGLE WAVELENGTH' 
_diffrn_radiation.pdbx_analyzer                    ? 
_diffrn_radiation.pdbx_scattering_type             x-ray 
# 
_diffrn_radiation_wavelength.id           1 
_diffrn_radiation_wavelength.wavelength   0.99187 
_diffrn_radiation_wavelength.wt           1.0 
# 
_diffrn_source.current                     ? 
_diffrn_source.details                     ? 
_diffrn_source.diffrn_id                   1 
_diffrn_source.power                       ? 
_diffrn_source.size                        ? 
_diffrn_source.source                      SYNCHROTRON 
_diffrn_source.target                      ? 
_diffrn_source.type                        'APS BEAMLINE 17-ID' 
_diffrn_source.voltage                     ? 
_diffrn_source.take-off_angle              ? 
_diffrn_source.pdbx_wavelength_list        0.99187 
_diffrn_source.pdbx_wavelength             ? 
_diffrn_source.pdbx_synchrotron_beamline   17-ID 
_diffrn_source.pdbx_synchrotron_site       APS 
# 
_reflns.B_iso_Wilson_estimate                          439.41 
_reflns.entry_id                                       8SL5 
_reflns.data_reduction_details                         ? 
_reflns.data_reduction_method                          ? 
_reflns.d_resolution_high                              6.548 
_reflns.d_resolution_low                               55.943 
_reflns.details                                        ? 
_reflns.limit_h_max                                    ? 
_reflns.limit_h_min                                    ? 
_reflns.limit_k_max                                    ? 
_reflns.limit_k_min                                    ? 
_reflns.limit_l_max                                    ? 
_reflns.limit_l_min                                    ? 
_reflns.number_all                                     ? 
_reflns.number_obs                                     496 
_reflns.observed_criterion                             ? 
_reflns.observed_criterion_F_max                       ? 
_reflns.observed_criterion_F_min                       ? 
_reflns.observed_criterion_I_max                       ? 
_reflns.observed_criterion_I_min                       ? 
_reflns.observed_criterion_sigma_F                     ? 
_reflns.observed_criterion_sigma_I                     ? 
_reflns.percent_possible_obs                           81.7 
_reflns.R_free_details                                 ? 
_reflns.Rmerge_F_all                                   ? 
_reflns.Rmerge_F_obs                                   ? 
_reflns.Friedel_coverage                               ? 
_reflns.number_gt                                      ? 
_reflns.threshold_expression                           ? 
_reflns.pdbx_redundancy                                9.7 
_reflns.pdbx_netI_over_av_sigmaI                       ? 
_reflns.pdbx_netI_over_sigmaI                          5.1 
_reflns.pdbx_res_netI_over_av_sigmaI_2                 ? 
_reflns.pdbx_res_netI_over_sigmaI_2                    ? 
_reflns.pdbx_chi_squared                               ? 
_reflns.pdbx_scaling_rejects                           ? 
_reflns.pdbx_d_res_high_opt                            ? 
_reflns.pdbx_d_res_low_opt                             ? 
_reflns.pdbx_d_res_opt_method                          ? 
_reflns.phase_calculation_details                      ? 
_reflns.pdbx_Rrim_I_all                                ? 
_reflns.pdbx_Rpim_I_all                                ? 
_reflns.pdbx_d_opt                                     ? 
_reflns.pdbx_number_measured_all                       ? 
_reflns.pdbx_diffrn_id                                 1 
_reflns.pdbx_ordinal                                   1 
_reflns.pdbx_CC_half                                   0.990 
_reflns.pdbx_CC_star                                   ? 
_reflns.pdbx_R_split                                   ? 
_reflns.pdbx_Rmerge_I_obs                              ? 
_reflns.pdbx_Rmerge_I_all                              ? 
_reflns.pdbx_Rsym_value                                ? 
_reflns.pdbx_CC_split_method                           ? 
_reflns.pdbx_aniso_diffraction_limit_axis_1_ortho[1]   ? 
_reflns.pdbx_aniso_diffraction_limit_axis_1_ortho[2]   ? 
_reflns.pdbx_aniso_diffraction_limit_axis_1_ortho[3]   ? 
_reflns.pdbx_aniso_diffraction_limit_axis_2_ortho[1]   ? 
_reflns.pdbx_aniso_diffraction_limit_axis_2_ortho[2]   ? 
_reflns.pdbx_aniso_diffraction_limit_axis_2_ortho[3]   ? 
_reflns.pdbx_aniso_diffraction_limit_axis_3_ortho[1]   ? 
_reflns.pdbx_aniso_diffraction_limit_axis_3_ortho[2]   ? 
_reflns.pdbx_aniso_diffraction_limit_axis_3_ortho[3]   ? 
_reflns.pdbx_aniso_diffraction_limit_1                 ? 
_reflns.pdbx_aniso_diffraction_limit_2                 ? 
_reflns.pdbx_aniso_diffraction_limit_3                 ? 
_reflns.pdbx_aniso_B_tensor_eigenvector_1_ortho[1]     ? 
_reflns.pdbx_aniso_B_tensor_eigenvector_1_ortho[2]     ? 
_reflns.pdbx_aniso_B_tensor_eigenvector_1_ortho[3]     ? 
_reflns.pdbx_aniso_B_tensor_eigenvector_2_ortho[1]     ? 
_reflns.pdbx_aniso_B_tensor_eigenvector_2_ortho[2]     ? 
_reflns.pdbx_aniso_B_tensor_eigenvector_2_ortho[3]     ? 
_reflns.pdbx_aniso_B_tensor_eigenvector_3_ortho[1]     ? 
_reflns.pdbx_aniso_B_tensor_eigenvector_3_ortho[2]     ? 
_reflns.pdbx_aniso_B_tensor_eigenvector_3_ortho[3]     ? 
_reflns.pdbx_aniso_B_tensor_eigenvalue_1               ? 
_reflns.pdbx_aniso_B_tensor_eigenvalue_2               ? 
_reflns.pdbx_aniso_B_tensor_eigenvalue_3               ? 
_reflns.pdbx_orthogonalization_convention              ? 
_reflns.pdbx_percent_possible_ellipsoidal              ? 
_reflns.pdbx_percent_possible_spherical                ? 
_reflns.pdbx_percent_possible_ellipsoidal_anomalous    ? 
_reflns.pdbx_percent_possible_spherical_anomalous      ? 
_reflns.pdbx_redundancy_anomalous                      ? 
_reflns.pdbx_CC_half_anomalous                         ? 
_reflns.pdbx_absDiff_over_sigma_anomalous              ? 
_reflns.pdbx_percent_possible_anomalous                ? 
_reflns.pdbx_observed_signal_threshold                 ? 
_reflns.pdbx_signal_type                               ? 
_reflns.pdbx_signal_details                            ? 
_reflns.pdbx_signal_software_id                        ? 
# 
loop_
_reflns_shell.d_res_high 
_reflns_shell.d_res_low 
_reflns_shell.meanI_over_sigI_all 
_reflns_shell.meanI_over_sigI_obs 
_reflns_shell.number_measured_all 
_reflns_shell.number_measured_obs 
_reflns_shell.number_possible 
_reflns_shell.number_unique_all 
_reflns_shell.number_unique_obs 
_reflns_shell.percent_possible_obs 
_reflns_shell.Rmerge_F_all 
_reflns_shell.Rmerge_F_obs 
_reflns_shell.meanI_over_sigI_gt 
_reflns_shell.meanI_over_uI_all 
_reflns_shell.meanI_over_uI_gt 
_reflns_shell.number_measured_gt 
_reflns_shell.number_unique_gt 
_reflns_shell.percent_possible_gt 
_reflns_shell.Rmerge_F_gt 
_reflns_shell.Rmerge_I_gt 
_reflns_shell.pdbx_redundancy 
_reflns_shell.pdbx_chi_squared 
_reflns_shell.pdbx_netI_over_sigmaI_all 
_reflns_shell.pdbx_netI_over_sigmaI_obs 
_reflns_shell.pdbx_Rrim_I_all 
_reflns_shell.pdbx_Rpim_I_all 
_reflns_shell.pdbx_rejects 
_reflns_shell.pdbx_ordinal 
_reflns_shell.pdbx_diffrn_id 
_reflns_shell.pdbx_CC_half 
_reflns_shell.pdbx_CC_star 
_reflns_shell.pdbx_R_split 
_reflns_shell.percent_possible_all 
_reflns_shell.Rmerge_I_all 
_reflns_shell.Rmerge_I_obs 
_reflns_shell.pdbx_Rsym_value 
_reflns_shell.pdbx_percent_possible_ellipsoidal 
_reflns_shell.pdbx_percent_possible_spherical 
_reflns_shell.pdbx_percent_possible_ellipsoidal_anomalous 
_reflns_shell.pdbx_percent_possible_spherical_anomalous 
_reflns_shell.pdbx_redundancy_anomalous 
_reflns_shell.pdbx_CC_half_anomalous 
_reflns_shell.pdbx_absDiff_over_sigma_anomalous 
_reflns_shell.pdbx_percent_possible_anomalous 
6.548 8.851  ? 1.4 ? ? ? ? 248 ? ? ? ? ? ? ? ? ? ? ? ? ? ? ? ? ? ? 1 1 0.844 ? ? ? ? ? ? ? ? ? ? ? ? ? ? 
8.897 55.943 ? 8.8 ? ? ? ? 248 ? ? ? ? ? ? ? ? ? ? ? ? ? ? ? ? ? ? 2 1 0.989 ? ? ? ? ? ? ? ? ? ? ? ? ? ? 
# 
_refine.aniso_B[1][1]                            ? 
_refine.aniso_B[1][2]                            ? 
_refine.aniso_B[1][3]                            ? 
_refine.aniso_B[2][2]                            ? 
_refine.aniso_B[2][3]                            ? 
_refine.aniso_B[3][3]                            ? 
_refine.B_iso_max                                ? 
_refine.B_iso_mean                               579.51 
_refine.B_iso_min                                ? 
_refine.correlation_coeff_Fo_to_Fc               ? 
_refine.correlation_coeff_Fo_to_Fc_free          ? 
_refine.details                                  ? 
_refine.diff_density_max                         ? 
_refine.diff_density_max_esd                     ? 
_refine.diff_density_min                         ? 
_refine.diff_density_min_esd                     ? 
_refine.diff_density_rms                         ? 
_refine.diff_density_rms_esd                     ? 
_refine.entry_id                                 8SL5 
_refine.pdbx_refine_id                           'X-RAY DIFFRACTION' 
_refine.ls_abs_structure_details                 ? 
_refine.ls_abs_structure_Flack                   ? 
_refine.ls_abs_structure_Flack_esd               ? 
_refine.ls_abs_structure_Rogers                  ? 
_refine.ls_abs_structure_Rogers_esd              ? 
_refine.ls_d_res_high                            6.55 
_refine.ls_d_res_low                             32.30 
_refine.ls_extinction_coef                       ? 
_refine.ls_extinction_coef_esd                   ? 
_refine.ls_extinction_expression                 ? 
_refine.ls_extinction_method                     ? 
_refine.ls_goodness_of_fit_all                   ? 
_refine.ls_goodness_of_fit_all_esd               ? 
_refine.ls_goodness_of_fit_obs                   ? 
_refine.ls_goodness_of_fit_obs_esd               ? 
_refine.ls_hydrogen_treatment                    ? 
_refine.ls_matrix_type                           ? 
_refine.ls_number_constraints                    ? 
_refine.ls_number_parameters                     ? 
_refine.ls_number_reflns_all                     ? 
_refine.ls_number_reflns_obs                     483 
_refine.ls_number_reflns_R_free                  16 
_refine.ls_number_reflns_R_work                  467 
_refine.ls_number_restraints                     ? 
_refine.ls_percent_reflns_obs                    77.40 
_refine.ls_percent_reflns_R_free                 3.31 
_refine.ls_R_factor_all                          ? 
_refine.ls_R_factor_obs                          0.2055 
_refine.ls_R_factor_R_free                       0.3488 
_refine.ls_R_factor_R_free_error                 ? 
_refine.ls_R_factor_R_free_error_details         ? 
_refine.ls_R_factor_R_work                       0.2030 
_refine.ls_R_Fsqd_factor_obs                     ? 
_refine.ls_R_I_factor_obs                        ? 
_refine.ls_redundancy_reflns_all                 ? 
_refine.ls_redundancy_reflns_obs                 ? 
_refine.ls_restrained_S_all                      ? 
_refine.ls_restrained_S_obs                      ? 
_refine.ls_shift_over_esd_max                    ? 
_refine.ls_shift_over_esd_mean                   ? 
_refine.ls_structure_factor_coef                 ? 
_refine.ls_weighting_details                     ? 
_refine.ls_weighting_scheme                      ? 
_refine.ls_wR_factor_all                         ? 
_refine.ls_wR_factor_obs                         ? 
_refine.ls_wR_factor_R_free                      ? 
_refine.ls_wR_factor_R_work                      ? 
_refine.occupancy_max                            ? 
_refine.occupancy_min                            ? 
_refine.solvent_model_details                    'FLAT BULK SOLVENT MODEL' 
_refine.solvent_model_param_bsol                 ? 
_refine.solvent_model_param_ksol                 ? 
_refine.pdbx_R_complete                          ? 
_refine.ls_R_factor_gt                           ? 
_refine.ls_goodness_of_fit_gt                    ? 
_refine.ls_goodness_of_fit_ref                   ? 
_refine.ls_shift_over_su_max                     ? 
_refine.ls_shift_over_su_max_lt                  ? 
_refine.ls_shift_over_su_mean                    ? 
_refine.ls_shift_over_su_mean_lt                 ? 
_refine.pdbx_ls_sigma_I                          ? 
_refine.pdbx_ls_sigma_F                          1.96 
_refine.pdbx_ls_sigma_Fsqd                       ? 
_refine.pdbx_data_cutoff_high_absF               ? 
_refine.pdbx_data_cutoff_high_rms_absF           ? 
_refine.pdbx_data_cutoff_low_absF                ? 
_refine.pdbx_isotropic_thermal_model             ? 
_refine.pdbx_ls_cross_valid_method               'FREE R-VALUE' 
_refine.pdbx_method_to_determine_struct          'MOLECULAR REPLACEMENT' 
_refine.pdbx_starting_model                      'PDB entry 8SJN' 
_refine.pdbx_stereochemistry_target_values       'GeoStd + Monomer Library + CDL v1.2' 
_refine.pdbx_R_Free_selection_details            ? 
_refine.pdbx_stereochem_target_val_spec_case     ? 
_refine.pdbx_overall_ESU_R                       ? 
_refine.pdbx_overall_ESU_R_Free                  ? 
_refine.pdbx_solvent_vdw_probe_radii             1.1000 
_refine.pdbx_solvent_ion_probe_radii             ? 
_refine.pdbx_solvent_shrinkage_radii             0.9000 
_refine.pdbx_real_space_R                        ? 
_refine.pdbx_density_correlation                 ? 
_refine.pdbx_pd_number_of_powder_patterns        ? 
_refine.pdbx_pd_number_of_points                 ? 
_refine.pdbx_pd_meas_number_of_points            ? 
_refine.pdbx_pd_proc_ls_prof_R_factor            ? 
_refine.pdbx_pd_proc_ls_prof_wR_factor           ? 
_refine.pdbx_pd_Marquardt_correlation_coeff      ? 
_refine.pdbx_pd_Fsqrd_R_factor                   ? 
_refine.pdbx_pd_ls_matrix_band_width             ? 
_refine.pdbx_overall_phase_error                 35.3251 
_refine.pdbx_overall_SU_R_free_Cruickshank_DPI   ? 
_refine.pdbx_overall_SU_R_free_Blow_DPI          ? 
_refine.pdbx_overall_SU_R_Blow_DPI               ? 
_refine.pdbx_TLS_residual_ADP_flag               ? 
_refine.pdbx_diffrn_id                           1 
_refine.overall_SU_B                             ? 
_refine.overall_SU_ML                            0.8174 
_refine.overall_SU_R_Cruickshank_DPI             ? 
_refine.overall_SU_R_free                        ? 
_refine.overall_FOM_free_R_set                   ? 
_refine.overall_FOM_work_R_set                   ? 
_refine.pdbx_average_fsc_overall                 ? 
_refine.pdbx_average_fsc_work                    ? 
_refine.pdbx_average_fsc_free                    ? 
# 
_refine_hist.pdbx_refine_id                   'X-RAY DIFFRACTION' 
_refine_hist.cycle_id                         LAST 
_refine_hist.details                          ? 
_refine_hist.d_res_high                       6.55 
_refine_hist.d_res_low                        32.30 
_refine_hist.number_atoms_solvent             0 
_refine_hist.number_atoms_total               855 
_refine_hist.number_reflns_all                ? 
_refine_hist.number_reflns_obs                ? 
_refine_hist.number_reflns_R_free             ? 
_refine_hist.number_reflns_R_work             ? 
_refine_hist.R_factor_all                     ? 
_refine_hist.R_factor_obs                     ? 
_refine_hist.R_factor_R_free                  ? 
_refine_hist.R_factor_R_work                  ? 
_refine_hist.pdbx_number_residues_total       ? 
_refine_hist.pdbx_B_iso_mean_ligand           ? 
_refine_hist.pdbx_B_iso_mean_solvent          ? 
_refine_hist.pdbx_number_atoms_protein        0 
_refine_hist.pdbx_number_atoms_nucleic_acid   855 
_refine_hist.pdbx_number_atoms_ligand         0 
_refine_hist.pdbx_number_atoms_lipid          ? 
_refine_hist.pdbx_number_atoms_carb           ? 
_refine_hist.pdbx_pseudo_atom_details         ? 
# 
loop_
_refine_ls_restr.pdbx_refine_id 
_refine_ls_restr.criterion 
_refine_ls_restr.dev_ideal 
_refine_ls_restr.dev_ideal_target 
_refine_ls_restr.number 
_refine_ls_restr.rejects 
_refine_ls_restr.type 
_refine_ls_restr.weight 
_refine_ls_restr.pdbx_restraint_function 
'X-RAY DIFFRACTION' ? 0.0046  ? 956  ? f_bond_d           ? ? 
'X-RAY DIFFRACTION' ? 0.6871  ? 1467 ? f_angle_d          ? ? 
'X-RAY DIFFRACTION' ? 0.0346  ? 166  ? f_chiral_restr     ? ? 
'X-RAY DIFFRACTION' ? 0.0024  ? 42   ? f_plane_restr      ? ? 
'X-RAY DIFFRACTION' ? 38.2396 ? 406  ? f_dihedral_angle_d ? ? 
# 
_refine_ls_shell.pdbx_refine_id                   'X-RAY DIFFRACTION' 
_refine_ls_shell.d_res_high                       6.55 
_refine_ls_shell.d_res_low                        32.30 
_refine_ls_shell.number_reflns_all                ? 
_refine_ls_shell.number_reflns_obs                ? 
_refine_ls_shell.number_reflns_R_free             16 
_refine_ls_shell.number_reflns_R_work             467 
_refine_ls_shell.percent_reflns_obs               77.40 
_refine_ls_shell.percent_reflns_R_free            ? 
_refine_ls_shell.R_factor_all                     ? 
_refine_ls_shell.R_factor_obs                     ? 
_refine_ls_shell.R_factor_R_free_error            ? 
_refine_ls_shell.R_factor_R_work                  0.2030 
_refine_ls_shell.redundancy_reflns_all            ? 
_refine_ls_shell.redundancy_reflns_obs            ? 
_refine_ls_shell.wR_factor_all                    ? 
_refine_ls_shell.wR_factor_obs                    ? 
_refine_ls_shell.wR_factor_R_free                 ? 
_refine_ls_shell.wR_factor_R_work                 ? 
_refine_ls_shell.pdbx_R_complete                  ? 
_refine_ls_shell.pdbx_total_number_of_bins_used   ? 
_refine_ls_shell.pdbx_phase_error                 ? 
_refine_ls_shell.pdbx_fsc_work                    ? 
_refine_ls_shell.pdbx_fsc_free                    ? 
_refine_ls_shell.R_factor_R_free                  0.3488 
# 
_struct.entry_id                     8SL5 
_struct.title                        
'[2T13] Self-assembling left-handed two-turn tensegrity triangle with 13 interjunction base pairs and R3 symmetry' 
_struct.pdbx_model_details           ? 
_struct.pdbx_formula_weight          ? 
_struct.pdbx_formula_weight_method   ? 
_struct.pdbx_model_type_details      ? 
_struct.pdbx_CASP_flag               N 
# 
_struct_keywords.entry_id        8SL5 
_struct_keywords.text            'Tensegrity triangle, DNA nanotechnology, nanomaterials, DNA' 
_struct_keywords.pdbx_keywords   DNA 
# 
loop_
_struct_asym.id 
_struct_asym.pdbx_blank_PDB_chainid_flag 
_struct_asym.pdbx_modified 
_struct_asym.entity_id 
_struct_asym.details 
A N N 1 ? 
B N N 2 ? 
C N N 3 ? 
D N N 4 ? 
# 
loop_
_struct_ref.id 
_struct_ref.db_name 
_struct_ref.db_code 
_struct_ref.pdbx_db_accession 
_struct_ref.pdbx_db_isoform 
_struct_ref.entity_id 
_struct_ref.pdbx_seq_one_letter_code 
_struct_ref.pdbx_align_begin 
1 PDB 8SL5 8SL5 ? 1 ? 1 
2 PDB 8SL5 8SL5 ? 2 ? 1 
3 PDB 8SL5 8SL5 ? 3 ? 1 
4 PDB 8SL5 8SL5 ? 4 ? 1 
# 
loop_
_struct_ref_seq.align_id 
_struct_ref_seq.ref_id 
_struct_ref_seq.pdbx_PDB_id_code 
_struct_ref_seq.pdbx_strand_id 
_struct_ref_seq.seq_align_beg 
_struct_ref_seq.pdbx_seq_align_beg_ins_code 
_struct_ref_seq.seq_align_end 
_struct_ref_seq.pdbx_seq_align_end_ins_code 
_struct_ref_seq.pdbx_db_accession 
_struct_ref_seq.db_align_beg 
_struct_ref_seq.pdbx_db_align_beg_ins_code 
_struct_ref_seq.db_align_end 
_struct_ref_seq.pdbx_db_align_end_ins_code 
_struct_ref_seq.pdbx_auth_seq_align_beg 
_struct_ref_seq.pdbx_auth_seq_align_end 
1 1 8SL5 A 1 ? 13 ? 8SL5 6 ? 18 ? 6 18 
2 2 8SL5 B 1 ? 8  ? 8SL5 1 ? 8  ? 1 8  
3 3 8SL5 C 1 ? 8  ? 8SL5 6 ? 13 ? 6 13 
4 4 8SL5 D 1 ? 13 ? 8SL5 1 ? 13 ? 1 13 
# 
_pdbx_struct_assembly.id                   1 
_pdbx_struct_assembly.details              author_defined_assembly 
_pdbx_struct_assembly.method_details       ? 
_pdbx_struct_assembly.oligomeric_details   dodecameric 
_pdbx_struct_assembly.oligomeric_count     12 
# 
loop_
_pdbx_struct_assembly_gen.assembly_id 
_pdbx_struct_assembly_gen.oper_expression 
_pdbx_struct_assembly_gen.asym_id_list 
1 1 A,B,C,D 
1 2 A,B,C,D 
1 3 A,B,C,D 
# 
_pdbx_struct_assembly_auth_evidence.id                     1 
_pdbx_struct_assembly_auth_evidence.assembly_id            1 
_pdbx_struct_assembly_auth_evidence.experimental_support   'native gel electrophoresis' 
_pdbx_struct_assembly_auth_evidence.details                ? 
# 
loop_
_pdbx_struct_oper_list.id 
_pdbx_struct_oper_list.type 
_pdbx_struct_oper_list.name 
_pdbx_struct_oper_list.symmetry_operation 
_pdbx_struct_oper_list.matrix[1][1] 
_pdbx_struct_oper_list.matrix[1][2] 
_pdbx_struct_oper_list.matrix[1][3] 
_pdbx_struct_oper_list.vector[1] 
_pdbx_struct_oper_list.matrix[2][1] 
_pdbx_struct_oper_list.matrix[2][2] 
_pdbx_struct_oper_list.matrix[2][3] 
_pdbx_struct_oper_list.vector[2] 
_pdbx_struct_oper_list.matrix[3][1] 
_pdbx_struct_oper_list.matrix[3][2] 
_pdbx_struct_oper_list.matrix[3][3] 
_pdbx_struct_oper_list.vector[3] 
1 'identity operation'         1_555 x,y,z     1.0000000000  0.0000000000 0.0000000000  0.0000000000  0.0000000000 1.0000000000 0.0000000000  0.0000000000   0.0000000000  0.0000000000  1.0000000000  0.0000000000   
2 'crystal symmetry operation' 2_555 -y,x-y,z  -0.2559679144 0.7334927463 -0.6296576991 34.7388537537 0.3388809092 0.6781086634 0.6521720402  -10.9296751681 0.9053398015  -0.0464438566 -0.4221407490 -18.9859773572 
3 'crystal symmetry operation' 3_555 -x+y,-x,z -0.2559679144 0.3388809092 0.9053398015  29.7846511726 0.7334927463 0.6781086634 -0.0464438566 -18.9509718322 -0.6296576991 0.6521720402  -0.4221407490 20.9868605739 
# 
loop_
_struct_conn.id 
_struct_conn.conn_type_id 
_struct_conn.pdbx_leaving_atom_flag 
_struct_conn.pdbx_PDB_id 
_struct_conn.ptnr1_label_asym_id 
_struct_conn.ptnr1_label_comp_id 
_struct_conn.ptnr1_label_seq_id 
_struct_conn.ptnr1_label_atom_id 
_struct_conn.pdbx_ptnr1_label_alt_id 
_struct_conn.pdbx_ptnr1_PDB_ins_code 
_struct_conn.pdbx_ptnr1_standard_comp_id 
_struct_conn.ptnr1_symmetry 
_struct_conn.ptnr2_label_asym_id 
_struct_conn.ptnr2_label_comp_id 
_struct_conn.ptnr2_label_seq_id 
_struct_conn.ptnr2_label_atom_id 
_struct_conn.pdbx_ptnr2_label_alt_id 
_struct_conn.pdbx_ptnr2_PDB_ins_code 
_struct_conn.ptnr1_auth_asym_id 
_struct_conn.ptnr1_auth_comp_id 
_struct_conn.ptnr1_auth_seq_id 
_struct_conn.ptnr2_auth_asym_id 
_struct_conn.ptnr2_auth_comp_id 
_struct_conn.ptnr2_auth_seq_id 
_struct_conn.ptnr2_symmetry 
_struct_conn.pdbx_ptnr3_label_atom_id 
_struct_conn.pdbx_ptnr3_label_seq_id 
_struct_conn.pdbx_ptnr3_label_comp_id 
_struct_conn.pdbx_ptnr3_label_asym_id 
_struct_conn.pdbx_ptnr3_label_alt_id 
_struct_conn.pdbx_ptnr3_PDB_ins_code 
_struct_conn.details 
_struct_conn.pdbx_dist_value 
_struct_conn.pdbx_value_order 
_struct_conn.pdbx_role 
hydrog1  hydrog ? ? A DG 3  N1 ? ? ? 1_555 C DC 8  N3 ? ? A DG 8  C DC 13 1_555 ? ? ? ? ? ? WATSON-CRICK ? ? ? 
hydrog2  hydrog ? ? A DG 3  N2 ? ? ? 1_555 C DC 8  O2 ? ? A DG 8  C DC 13 1_555 ? ? ? ? ? ? WATSON-CRICK ? ? ? 
hydrog3  hydrog ? ? A DG 3  O6 ? ? ? 1_555 C DC 8  N4 ? ? A DG 8  C DC 13 1_555 ? ? ? ? ? ? WATSON-CRICK ? ? ? 
hydrog4  hydrog ? ? A DC 4  N3 ? ? ? 1_555 C DG 7  N1 ? ? A DC 9  C DG 12 1_555 ? ? ? ? ? ? WATSON-CRICK ? ? ? 
hydrog5  hydrog ? ? A DC 4  N4 ? ? ? 1_555 C DG 7  O6 ? ? A DC 9  C DG 12 1_555 ? ? ? ? ? ? WATSON-CRICK ? ? ? 
hydrog6  hydrog ? ? A DC 4  O2 ? ? ? 1_555 C DG 7  N2 ? ? A DC 9  C DG 12 1_555 ? ? ? ? ? ? WATSON-CRICK ? ? ? 
hydrog7  hydrog ? ? A DC 5  N3 ? ? ? 1_555 C DG 6  N1 ? ? A DC 10 C DG 11 1_555 ? ? ? ? ? ? WATSON-CRICK ? ? ? 
hydrog8  hydrog ? ? A DC 5  N4 ? ? ? 1_555 C DG 6  O6 ? ? A DC 10 C DG 11 1_555 ? ? ? ? ? ? WATSON-CRICK ? ? ? 
hydrog9  hydrog ? ? A DC 5  O2 ? ? ? 1_555 C DG 6  N2 ? ? A DC 10 C DG 11 1_555 ? ? ? ? ? ? WATSON-CRICK ? ? ? 
hydrog10 hydrog ? ? A DT 6  N3 ? ? ? 1_555 D DA 8  N1 ? ? A DT 11 D DA 8  1_555 ? ? ? ? ? ? WATSON-CRICK ? ? ? 
hydrog11 hydrog ? ? A DT 6  O4 ? ? ? 1_555 D DA 8  N6 ? ? A DT 11 D DA 8  1_555 ? ? ? ? ? ? WATSON-CRICK ? ? ? 
hydrog12 hydrog ? ? A DG 7  N1 ? ? ? 1_555 D DC 7  N3 ? ? A DG 12 D DC 7  1_555 ? ? ? ? ? ? WATSON-CRICK ? ? ? 
hydrog13 hydrog ? ? A DG 7  N2 ? ? ? 1_555 D DC 7  O2 ? ? A DG 12 D DC 7  1_555 ? ? ? ? ? ? WATSON-CRICK ? ? ? 
hydrog14 hydrog ? ? A DG 7  O6 ? ? ? 1_555 D DC 7  N4 ? ? A DG 12 D DC 7  1_555 ? ? ? ? ? ? WATSON-CRICK ? ? ? 
hydrog15 hydrog ? ? A DA 8  N1 ? ? ? 1_555 D DT 6  N3 ? ? A DA 13 D DT 6  1_555 ? ? ? ? ? ? WATSON-CRICK ? ? ? 
hydrog16 hydrog ? ? A DA 8  N6 ? ? ? 1_555 D DT 6  O4 ? ? A DA 13 D DT 6  1_555 ? ? ? ? ? ? WATSON-CRICK ? ? ? 
hydrog17 hydrog ? ? A DC 9  N3 ? ? ? 1_555 D DG 5  N1 ? ? A DC 14 D DG 5  1_555 ? ? ? ? ? ? WATSON-CRICK ? ? ? 
hydrog18 hydrog ? ? A DC 9  N4 ? ? ? 1_555 D DG 5  O6 ? ? A DC 14 D DG 5  1_555 ? ? ? ? ? ? WATSON-CRICK ? ? ? 
hydrog19 hydrog ? ? A DC 9  O2 ? ? ? 1_555 D DG 5  N2 ? ? A DC 14 D DG 5  1_555 ? ? ? ? ? ? WATSON-CRICK ? ? ? 
hydrog20 hydrog ? ? A DT 10 N3 ? ? ? 1_555 D DA 4  N1 ? ? A DT 15 D DA 4  1_555 ? ? ? ? ? ? WATSON-CRICK ? ? ? 
hydrog21 hydrog ? ? A DT 10 O4 ? ? ? 1_555 D DA 4  N6 ? ? A DT 15 D DA 4  1_555 ? ? ? ? ? ? WATSON-CRICK ? ? ? 
hydrog22 hydrog ? ? A DA 11 N1 ? ? ? 1_555 D DT 3  N3 ? ? A DA 16 D DT 3  1_555 ? ? ? ? ? ? WATSON-CRICK ? ? ? 
hydrog23 hydrog ? ? A DA 11 N6 ? ? ? 1_555 D DT 3  O4 ? ? A DA 16 D DT 3  1_555 ? ? ? ? ? ? WATSON-CRICK ? ? ? 
hydrog24 hydrog ? ? A DC 12 N3 ? ? ? 1_555 D DG 2  N1 ? ? A DC 17 D DG 2  1_555 ? ? ? ? ? ? WATSON-CRICK ? ? ? 
hydrog25 hydrog ? ? A DC 12 N4 ? ? ? 1_555 D DG 2  O6 ? ? A DC 17 D DG 2  1_555 ? ? ? ? ? ? WATSON-CRICK ? ? ? 
hydrog26 hydrog ? ? A DC 12 O2 ? ? ? 1_555 D DG 2  N2 ? ? A DC 17 D DG 2  1_555 ? ? ? ? ? ? WATSON-CRICK ? ? ? 
hydrog27 hydrog ? ? A DA 13 N1 ? ? ? 1_555 D DT 1  N3 ? ? A DA 18 D DT 1  1_555 ? ? ? ? ? ? WATSON-CRICK ? ? ? 
hydrog28 hydrog ? ? A DA 13 N6 ? ? ? 1_555 D DT 1  O4 ? ? A DA 18 D DT 1  1_555 ? ? ? ? ? ? WATSON-CRICK ? ? ? 
hydrog29 hydrog ? ? B DC 1  N3 ? ? ? 1_555 D DG 13 N1 ? ? B DC 1  D DG 13 1_555 ? ? ? ? ? ? WATSON-CRICK ? ? ? 
hydrog30 hydrog ? ? B DC 1  N4 ? ? ? 1_555 D DG 13 O6 ? ? B DC 1  D DG 13 1_555 ? ? ? ? ? ? WATSON-CRICK ? ? ? 
hydrog31 hydrog ? ? B DC 1  O2 ? ? ? 1_555 D DG 13 N2 ? ? B DC 1  D DG 13 1_555 ? ? ? ? ? ? WATSON-CRICK ? ? ? 
hydrog32 hydrog ? ? B DG 2  N1 ? ? ? 1_555 D DC 12 N3 ? ? B DG 2  D DC 12 1_555 ? ? ? ? ? ? WATSON-CRICK ? ? ? 
hydrog33 hydrog ? ? B DG 2  N2 ? ? ? 1_555 D DC 12 O2 ? ? B DG 2  D DC 12 1_555 ? ? ? ? ? ? WATSON-CRICK ? ? ? 
hydrog34 hydrog ? ? B DG 2  O6 ? ? ? 1_555 D DC 12 N4 ? ? B DG 2  D DC 12 1_555 ? ? ? ? ? ? WATSON-CRICK ? ? ? 
hydrog35 hydrog ? ? B DT 3  N3 ? ? ? 1_555 D DA 11 N1 ? ? B DT 3  D DA 11 1_555 ? ? ? ? ? ? WATSON-CRICK ? ? ? 
hydrog36 hydrog ? ? B DT 3  O4 ? ? ? 1_555 D DA 11 N6 ? ? B DT 3  D DA 11 1_555 ? ? ? ? ? ? WATSON-CRICK ? ? ? 
hydrog37 hydrog ? ? B DG 4  N1 ? ? ? 1_555 D DC 10 N3 ? ? B DG 4  D DC 10 1_555 ? ? ? ? ? ? WATSON-CRICK ? ? ? 
hydrog38 hydrog ? ? B DG 4  N2 ? ? ? 1_555 D DC 10 O2 ? ? B DG 4  D DC 10 1_555 ? ? ? ? ? ? WATSON-CRICK ? ? ? 
hydrog39 hydrog ? ? B DG 4  O6 ? ? ? 1_555 D DC 10 N4 ? ? B DG 4  D DC 10 1_555 ? ? ? ? ? ? WATSON-CRICK ? ? ? 
hydrog40 hydrog ? ? B DG 5  N1 ? ? ? 1_555 D DC 9  N3 ? ? B DG 5  D DC 9  1_555 ? ? ? ? ? ? WATSON-CRICK ? ? ? 
hydrog41 hydrog ? ? B DG 5  N2 ? ? ? 1_555 D DC 9  O2 ? ? B DG 5  D DC 9  1_555 ? ? ? ? ? ? WATSON-CRICK ? ? ? 
hydrog42 hydrog ? ? B DG 5  O6 ? ? ? 1_555 D DC 9  N4 ? ? B DG 5  D DC 9  1_555 ? ? ? ? ? ? WATSON-CRICK ? ? ? 
hydrog43 hydrog ? ? B DA 6  N1 ? ? ? 1_555 C DT 5  N3 ? ? B DA 6  C DT 10 1_555 ? ? ? ? ? ? WATSON-CRICK ? ? ? 
hydrog44 hydrog ? ? B DA 6  N6 ? ? ? 1_555 C DT 5  O4 ? ? B DA 6  C DT 10 1_555 ? ? ? ? ? ? WATSON-CRICK ? ? ? 
hydrog45 hydrog ? ? B DC 7  N3 ? ? ? 1_555 C DG 4  N1 ? ? B DC 7  C DG 9  1_555 ? ? ? ? ? ? WATSON-CRICK ? ? ? 
hydrog46 hydrog ? ? B DC 7  N4 ? ? ? 1_555 C DG 4  O6 ? ? B DC 7  C DG 9  1_555 ? ? ? ? ? ? WATSON-CRICK ? ? ? 
hydrog47 hydrog ? ? B DC 7  O2 ? ? ? 1_555 C DG 4  N2 ? ? B DC 7  C DG 9  1_555 ? ? ? ? ? ? WATSON-CRICK ? ? ? 
hydrog48 hydrog ? ? B DA 8  N1 ? ? ? 1_555 C DT 3  N3 ? ? B DA 8  C DT 8  1_555 ? ? ? ? ? ? WATSON-CRICK ? ? ? 
hydrog49 hydrog ? ? B DA 8  N6 ? ? ? 1_555 C DT 3  O4 ? ? B DA 8  C DT 8  1_555 ? ? ? ? ? ? WATSON-CRICK ? ? ? 
# 
_struct_conn_type.id          hydrog 
_struct_conn_type.criteria    ? 
_struct_conn_type.reference   ? 
# 
loop_
_pdbx_validate_symm_contact.id 
_pdbx_validate_symm_contact.PDB_model_num 
_pdbx_validate_symm_contact.auth_atom_id_1 
_pdbx_validate_symm_contact.auth_asym_id_1 
_pdbx_validate_symm_contact.auth_comp_id_1 
_pdbx_validate_symm_contact.auth_seq_id_1 
_pdbx_validate_symm_contact.PDB_ins_code_1 
_pdbx_validate_symm_contact.label_alt_id_1 
_pdbx_validate_symm_contact.site_symmetry_1 
_pdbx_validate_symm_contact.auth_atom_id_2 
_pdbx_validate_symm_contact.auth_asym_id_2 
_pdbx_validate_symm_contact.auth_comp_id_2 
_pdbx_validate_symm_contact.auth_seq_id_2 
_pdbx_validate_symm_contact.PDB_ins_code_2 
_pdbx_validate_symm_contact.label_alt_id_2 
_pdbx_validate_symm_contact.site_symmetry_2 
_pdbx_validate_symm_contact.dist 
1 1 P     D DT 1  ? ? 1_555 "O3'" D DG 13 ? ? 2_555 1.60 
2 1 "O3'" A DA 18 ? ? 1_555 P     B DC 1  ? ? 2_555 1.60 
3 1 "O5'" D DT 1  ? ? 1_555 "O3'" D DG 13 ? ? 2_555 1.64 
4 1 "O3'" A DA 18 ? ? 1_555 "O5'" B DC 1  ? ? 2_555 2.09 
# 
_pdbx_validate_rmsd_angle.id                         1 
_pdbx_validate_rmsd_angle.PDB_model_num              1 
_pdbx_validate_rmsd_angle.auth_atom_id_1             "O4'" 
_pdbx_validate_rmsd_angle.auth_asym_id_1             B 
_pdbx_validate_rmsd_angle.auth_comp_id_1             DG 
_pdbx_validate_rmsd_angle.auth_seq_id_1              2 
_pdbx_validate_rmsd_angle.PDB_ins_code_1             ? 
_pdbx_validate_rmsd_angle.label_alt_id_1             ? 
_pdbx_validate_rmsd_angle.auth_atom_id_2             "C1'" 
_pdbx_validate_rmsd_angle.auth_asym_id_2             B 
_pdbx_validate_rmsd_angle.auth_comp_id_2             DG 
_pdbx_validate_rmsd_angle.auth_seq_id_2              2 
_pdbx_validate_rmsd_angle.PDB_ins_code_2             ? 
_pdbx_validate_rmsd_angle.label_alt_id_2             ? 
_pdbx_validate_rmsd_angle.auth_atom_id_3             N9 
_pdbx_validate_rmsd_angle.auth_asym_id_3             B 
_pdbx_validate_rmsd_angle.auth_comp_id_3             DG 
_pdbx_validate_rmsd_angle.auth_seq_id_3              2 
_pdbx_validate_rmsd_angle.PDB_ins_code_3             ? 
_pdbx_validate_rmsd_angle.label_alt_id_3             ? 
_pdbx_validate_rmsd_angle.angle_value                110.15 
_pdbx_validate_rmsd_angle.angle_target_value         108.30 
_pdbx_validate_rmsd_angle.angle_deviation            1.85 
_pdbx_validate_rmsd_angle.angle_standard_deviation   0.30 
_pdbx_validate_rmsd_angle.linker_flag                N 
# 
loop_
_space_group_symop.id 
_space_group_symop.operation_xyz 
1 x,y,z                 
2 -y,x-y,z              
3 -x+y,-x,z             
4 x+1/3,y+2/3,z+2/3     
5 -y+1/3,x-y+2/3,z+2/3  
6 -x+y+1/3,-x+2/3,z+2/3 
7 x+2/3,y+1/3,z+1/3     
8 -y+2/3,x-y+1/3,z+1/3  
9 -x+y+2/3,-x+1/3,z+1/3 
# 
loop_
_pdbx_refine_tls.id 
_pdbx_refine_tls.pdbx_refine_id 
_pdbx_refine_tls.details 
_pdbx_refine_tls.method 
_pdbx_refine_tls.origin_x 
_pdbx_refine_tls.origin_y 
_pdbx_refine_tls.origin_z 
_pdbx_refine_tls.T[1][1] 
_pdbx_refine_tls.T[1][1]_esd 
_pdbx_refine_tls.T[1][2] 
_pdbx_refine_tls.T[1][2]_esd 
_pdbx_refine_tls.T[1][3] 
_pdbx_refine_tls.T[1][3]_esd 
_pdbx_refine_tls.T[2][2] 
_pdbx_refine_tls.T[2][2]_esd 
_pdbx_refine_tls.T[2][3] 
_pdbx_refine_tls.T[2][3]_esd 
_pdbx_refine_tls.T[3][3] 
_pdbx_refine_tls.T[3][3]_esd 
_pdbx_refine_tls.L[1][1] 
_pdbx_refine_tls.L[1][1]_esd 
_pdbx_refine_tls.L[1][2] 
_pdbx_refine_tls.L[1][2]_esd 
_pdbx_refine_tls.L[1][3] 
_pdbx_refine_tls.L[1][3]_esd 
_pdbx_refine_tls.L[2][2] 
_pdbx_refine_tls.L[2][2]_esd 
_pdbx_refine_tls.L[2][3] 
_pdbx_refine_tls.L[2][3]_esd 
_pdbx_refine_tls.L[3][3] 
_pdbx_refine_tls.L[3][3]_esd 
_pdbx_refine_tls.S[1][1] 
_pdbx_refine_tls.S[1][1]_esd 
_pdbx_refine_tls.S[1][2] 
_pdbx_refine_tls.S[1][2]_esd 
_pdbx_refine_tls.S[1][3] 
_pdbx_refine_tls.S[1][3]_esd 
_pdbx_refine_tls.S[2][1] 
_pdbx_refine_tls.S[2][1]_esd 
_pdbx_refine_tls.S[2][2] 
_pdbx_refine_tls.S[2][2]_esd 
_pdbx_refine_tls.S[2][3] 
_pdbx_refine_tls.S[2][3]_esd 
_pdbx_refine_tls.S[3][1] 
_pdbx_refine_tls.S[3][1]_esd 
_pdbx_refine_tls.S[3][2] 
_pdbx_refine_tls.S[3][2]_esd 
_pdbx_refine_tls.S[3][3] 
_pdbx_refine_tls.S[3][3]_esd 
1 'X-RAY DIFFRACTION' ? refined -0.5809391907 -3.5489716928 -7.9922097728  8.76394505027 ? -1.66261403010 ? -0.798477941458 ? 4.30146078971 ? 1.061786647259  ? 5.05092367310 ? 0.76047818258 ? -0.14745493837 ? 1.44988795832   ? 3.22965290977  ? 6.09705980322   ? 16.9117203731  ? 0.31174585924   ? -3.282622325584 ? -3.80592391138  ? 2.94330981728  ? -1.21352796266  ? 5.23414064013  ? -1.09693844843  ? 6.004050832939  ? -0.983442001160 ? 
2 'X-RAY DIFFRACTION' ? refined 0.08357650956 2.5007835577  14.16148979608 7.43108157203 ? 3.28457429964  ? -2.940131692625 ? 5.40302026158 ? -2.30209629465  ? 9.55562710793 ? 1.74106702006 ? 0.75357026312  ? -3.189503071800 ? 1.06062457443  ? -0.537125881559 ? 6.92042724410  ? -0.964737622488 ? -1.28647530168  ? -0.882237581045 ? 0.388607448514 ? -1.832307969105 ? -0.81366732478 ? -0.554922938541 ? 1.114487001968  ? 1.18765482660   ? 
3 'X-RAY DIFFRACTION' ? refined -9.2099362552 6.2874648818  3.29329014674  7.95535051060 ? 0.37722445161  ? 1.08605298211   ? 6.54419070675 ? 3.3342332889    ? 4.08900313925 ? 1.88772235192 ? 0.21407983078  ? -1.07604131610  ? 0.60356029609  ? -0.379837085779 ? 6.314113375908 ? -1.013195735787 ? -0.320280504616 ? -0.132656479045 ? 0.707560559796 ? 1.376720883435  ? -0.57365927973 ? 0.897109574401  ? 0.18694669852   ? 0.71047236601   ? 
4 'X-RAY DIFFRACTION' ? refined 6.1903471145  -1.9307060042 -2.96818176603 5.35712544804 ? -1.58270089869 ? -1.325071713546 ? 3.16315713955 ? -1.210983360207 ? 7.72924965561 ? 6.23427910218 ? -8.6999771870  ? -1.03778383756  ? 11.82167944334 ? 1.35745575614   ? 0.16673879734  ? 3.669981557170  ? 1.45112331209   ? -4.634991862496 ? -2.28399721773 ? -0.06128311172  ? -0.36691875254 ? -0.14641610078  ? -1.220338308450 ? 0.207290005373  ? 
# 
loop_
_pdbx_refine_tls_group.id 
_pdbx_refine_tls_group.pdbx_refine_id 
_pdbx_refine_tls_group.refine_tls_id 
_pdbx_refine_tls_group.beg_label_asym_id 
_pdbx_refine_tls_group.beg_label_seq_id 
_pdbx_refine_tls_group.beg_auth_asym_id 
_pdbx_refine_tls_group.beg_auth_seq_id 
_pdbx_refine_tls_group.beg_PDB_ins_code 
_pdbx_refine_tls_group.end_label_asym_id 
_pdbx_refine_tls_group.end_label_seq_id 
_pdbx_refine_tls_group.end_auth_asym_id 
_pdbx_refine_tls_group.end_auth_seq_id 
_pdbx_refine_tls_group.end_PDB_ins_code 
_pdbx_refine_tls_group.selection 
_pdbx_refine_tls_group.selection_details 
1 'X-RAY DIFFRACTION' 1 A ? A 6 ? A ? A 18 ? ? 
;(chain 'A' and resid 6 through 18)
;
2 'X-RAY DIFFRACTION' 2 B ? B 1 ? B ? B 8  ? ? 
;(chain 'B' and resid 1 through 8)
;
3 'X-RAY DIFFRACTION' 3 C ? C 6 ? C ? C 13 ? ? 
;(chain 'C' and resid 6 through 13)
;
4 'X-RAY DIFFRACTION' 4 D ? D 1 ? D ? D 13 ? ? 
;(chain 'D' and resid 1 through 13)
;
# 
loop_
_chem_comp_atom.comp_id 
_chem_comp_atom.atom_id 
_chem_comp_atom.type_symbol 
_chem_comp_atom.pdbx_aromatic_flag 
_chem_comp_atom.pdbx_stereo_config 
_chem_comp_atom.pdbx_ordinal 
DA OP3    O N N 1   
DA P      P N N 2   
DA OP1    O N N 3   
DA OP2    O N N 4   
DA "O5'"  O N N 5   
DA "C5'"  C N N 6   
DA "C4'"  C N R 7   
DA "O4'"  O N N 8   
DA "C3'"  C N S 9   
DA "O3'"  O N N 10  
DA "C2'"  C N N 11  
DA "C1'"  C N R 12  
DA N9     N Y N 13  
DA C8     C Y N 14  
DA N7     N Y N 15  
DA C5     C Y N 16  
DA C6     C Y N 17  
DA N6     N N N 18  
DA N1     N Y N 19  
DA C2     C Y N 20  
DA N3     N Y N 21  
DA C4     C Y N 22  
DA HOP3   H N N 23  
DA HOP2   H N N 24  
DA "H5'"  H N N 25  
DA "H5''" H N N 26  
DA "H4'"  H N N 27  
DA "H3'"  H N N 28  
DA "HO3'" H N N 29  
DA "H2'"  H N N 30  
DA "H2''" H N N 31  
DA "H1'"  H N N 32  
DA H8     H N N 33  
DA H61    H N N 34  
DA H62    H N N 35  
DA H2     H N N 36  
DC OP3    O N N 37  
DC P      P N N 38  
DC OP1    O N N 39  
DC OP2    O N N 40  
DC "O5'"  O N N 41  
DC "C5'"  C N N 42  
DC "C4'"  C N R 43  
DC "O4'"  O N N 44  
DC "C3'"  C N S 45  
DC "O3'"  O N N 46  
DC "C2'"  C N N 47  
DC "C1'"  C N R 48  
DC N1     N N N 49  
DC C2     C N N 50  
DC O2     O N N 51  
DC N3     N N N 52  
DC C4     C N N 53  
DC N4     N N N 54  
DC C5     C N N 55  
DC C6     C N N 56  
DC HOP3   H N N 57  
DC HOP2   H N N 58  
DC "H5'"  H N N 59  
DC "H5''" H N N 60  
DC "H4'"  H N N 61  
DC "H3'"  H N N 62  
DC "HO3'" H N N 63  
DC "H2'"  H N N 64  
DC "H2''" H N N 65  
DC "H1'"  H N N 66  
DC H41    H N N 67  
DC H42    H N N 68  
DC H5     H N N 69  
DC H6     H N N 70  
DG OP3    O N N 71  
DG P      P N N 72  
DG OP1    O N N 73  
DG OP2    O N N 74  
DG "O5'"  O N N 75  
DG "C5'"  C N N 76  
DG "C4'"  C N R 77  
DG "O4'"  O N N 78  
DG "C3'"  C N S 79  
DG "O3'"  O N N 80  
DG "C2'"  C N N 81  
DG "C1'"  C N R 82  
DG N9     N Y N 83  
DG C8     C Y N 84  
DG N7     N Y N 85  
DG C5     C Y N 86  
DG C6     C N N 87  
DG O6     O N N 88  
DG N1     N N N 89  
DG C2     C N N 90  
DG N2     N N N 91  
DG N3     N N N 92  
DG C4     C Y N 93  
DG HOP3   H N N 94  
DG HOP2   H N N 95  
DG "H5'"  H N N 96  
DG "H5''" H N N 97  
DG "H4'"  H N N 98  
DG "H3'"  H N N 99  
DG "HO3'" H N N 100 
DG "H2'"  H N N 101 
DG "H2''" H N N 102 
DG "H1'"  H N N 103 
DG H8     H N N 104 
DG H1     H N N 105 
DG H21    H N N 106 
DG H22    H N N 107 
DT OP3    O N N 108 
DT P      P N N 109 
DT OP1    O N N 110 
DT OP2    O N N 111 
DT "O5'"  O N N 112 
DT "C5'"  C N N 113 
DT "C4'"  C N R 114 
DT "O4'"  O N N 115 
DT "C3'"  C N S 116 
DT "O3'"  O N N 117 
DT "C2'"  C N N 118 
DT "C1'"  C N R 119 
DT N1     N N N 120 
DT C2     C N N 121 
DT O2     O N N 122 
DT N3     N N N 123 
DT C4     C N N 124 
DT O4     O N N 125 
DT C5     C N N 126 
DT C7     C N N 127 
DT C6     C N N 128 
DT HOP3   H N N 129 
DT HOP2   H N N 130 
DT "H5'"  H N N 131 
DT "H5''" H N N 132 
DT "H4'"  H N N 133 
DT "H3'"  H N N 134 
DT "HO3'" H N N 135 
DT "H2'"  H N N 136 
DT "H2''" H N N 137 
DT "H1'"  H N N 138 
DT H3     H N N 139 
DT H71    H N N 140 
DT H72    H N N 141 
DT H73    H N N 142 
DT H6     H N N 143 
# 
loop_
_chem_comp_bond.comp_id 
_chem_comp_bond.atom_id_1 
_chem_comp_bond.atom_id_2 
_chem_comp_bond.value_order 
_chem_comp_bond.pdbx_aromatic_flag 
_chem_comp_bond.pdbx_stereo_config 
_chem_comp_bond.pdbx_ordinal 
DA OP3   P      sing N N 1   
DA OP3   HOP3   sing N N 2   
DA P     OP1    doub N N 3   
DA P     OP2    sing N N 4   
DA P     "O5'"  sing N N 5   
DA OP2   HOP2   sing N N 6   
DA "O5'" "C5'"  sing N N 7   
DA "C5'" "C4'"  sing N N 8   
DA "C5'" "H5'"  sing N N 9   
DA "C5'" "H5''" sing N N 10  
DA "C4'" "O4'"  sing N N 11  
DA "C4'" "C3'"  sing N N 12  
DA "C4'" "H4'"  sing N N 13  
DA "O4'" "C1'"  sing N N 14  
DA "C3'" "O3'"  sing N N 15  
DA "C3'" "C2'"  sing N N 16  
DA "C3'" "H3'"  sing N N 17  
DA "O3'" "HO3'" sing N N 18  
DA "C2'" "C1'"  sing N N 19  
DA "C2'" "H2'"  sing N N 20  
DA "C2'" "H2''" sing N N 21  
DA "C1'" N9     sing N N 22  
DA "C1'" "H1'"  sing N N 23  
DA N9    C8     sing Y N 24  
DA N9    C4     sing Y N 25  
DA C8    N7     doub Y N 26  
DA C8    H8     sing N N 27  
DA N7    C5     sing Y N 28  
DA C5    C6     sing Y N 29  
DA C5    C4     doub Y N 30  
DA C6    N6     sing N N 31  
DA C6    N1     doub Y N 32  
DA N6    H61    sing N N 33  
DA N6    H62    sing N N 34  
DA N1    C2     sing Y N 35  
DA C2    N3     doub Y N 36  
DA C2    H2     sing N N 37  
DA N3    C4     sing Y N 38  
DC OP3   P      sing N N 39  
DC OP3   HOP3   sing N N 40  
DC P     OP1    doub N N 41  
DC P     OP2    sing N N 42  
DC P     "O5'"  sing N N 43  
DC OP2   HOP2   sing N N 44  
DC "O5'" "C5'"  sing N N 45  
DC "C5'" "C4'"  sing N N 46  
DC "C5'" "H5'"  sing N N 47  
DC "C5'" "H5''" sing N N 48  
DC "C4'" "O4'"  sing N N 49  
DC "C4'" "C3'"  sing N N 50  
DC "C4'" "H4'"  sing N N 51  
DC "O4'" "C1'"  sing N N 52  
DC "C3'" "O3'"  sing N N 53  
DC "C3'" "C2'"  sing N N 54  
DC "C3'" "H3'"  sing N N 55  
DC "O3'" "HO3'" sing N N 56  
DC "C2'" "C1'"  sing N N 57  
DC "C2'" "H2'"  sing N N 58  
DC "C2'" "H2''" sing N N 59  
DC "C1'" N1     sing N N 60  
DC "C1'" "H1'"  sing N N 61  
DC N1    C2     sing N N 62  
DC N1    C6     sing N N 63  
DC C2    O2     doub N N 64  
DC C2    N3     sing N N 65  
DC N3    C4     doub N N 66  
DC C4    N4     sing N N 67  
DC C4    C5     sing N N 68  
DC N4    H41    sing N N 69  
DC N4    H42    sing N N 70  
DC C5    C6     doub N N 71  
DC C5    H5     sing N N 72  
DC C6    H6     sing N N 73  
DG OP3   P      sing N N 74  
DG OP3   HOP3   sing N N 75  
DG P     OP1    doub N N 76  
DG P     OP2    sing N N 77  
DG P     "O5'"  sing N N 78  
DG OP2   HOP2   sing N N 79  
DG "O5'" "C5'"  sing N N 80  
DG "C5'" "C4'"  sing N N 81  
DG "C5'" "H5'"  sing N N 82  
DG "C5'" "H5''" sing N N 83  
DG "C4'" "O4'"  sing N N 84  
DG "C4'" "C3'"  sing N N 85  
DG "C4'" "H4'"  sing N N 86  
DG "O4'" "C1'"  sing N N 87  
DG "C3'" "O3'"  sing N N 88  
DG "C3'" "C2'"  sing N N 89  
DG "C3'" "H3'"  sing N N 90  
DG "O3'" "HO3'" sing N N 91  
DG "C2'" "C1'"  sing N N 92  
DG "C2'" "H2'"  sing N N 93  
DG "C2'" "H2''" sing N N 94  
DG "C1'" N9     sing N N 95  
DG "C1'" "H1'"  sing N N 96  
DG N9    C8     sing Y N 97  
DG N9    C4     sing Y N 98  
DG C8    N7     doub Y N 99  
DG C8    H8     sing N N 100 
DG N7    C5     sing Y N 101 
DG C5    C6     sing N N 102 
DG C5    C4     doub Y N 103 
DG C6    O6     doub N N 104 
DG C6    N1     sing N N 105 
DG N1    C2     sing N N 106 
DG N1    H1     sing N N 107 
DG C2    N2     sing N N 108 
DG C2    N3     doub N N 109 
DG N2    H21    sing N N 110 
DG N2    H22    sing N N 111 
DG N3    C4     sing N N 112 
DT OP3   P      sing N N 113 
DT OP3   HOP3   sing N N 114 
DT P     OP1    doub N N 115 
DT P     OP2    sing N N 116 
DT P     "O5'"  sing N N 117 
DT OP2   HOP2   sing N N 118 
DT "O5'" "C5'"  sing N N 119 
DT "C5'" "C4'"  sing N N 120 
DT "C5'" "H5'"  sing N N 121 
DT "C5'" "H5''" sing N N 122 
DT "C4'" "O4'"  sing N N 123 
DT "C4'" "C3'"  sing N N 124 
DT "C4'" "H4'"  sing N N 125 
DT "O4'" "C1'"  sing N N 126 
DT "C3'" "O3'"  sing N N 127 
DT "C3'" "C2'"  sing N N 128 
DT "C3'" "H3'"  sing N N 129 
DT "O3'" "HO3'" sing N N 130 
DT "C2'" "C1'"  sing N N 131 
DT "C2'" "H2'"  sing N N 132 
DT "C2'" "H2''" sing N N 133 
DT "C1'" N1     sing N N 134 
DT "C1'" "H1'"  sing N N 135 
DT N1    C2     sing N N 136 
DT N1    C6     sing N N 137 
DT C2    O2     doub N N 138 
DT C2    N3     sing N N 139 
DT N3    C4     sing N N 140 
DT N3    H3     sing N N 141 
DT C4    O4     doub N N 142 
DT C4    C5     sing N N 143 
DT C5    C7     sing N N 144 
DT C5    C6     doub N N 145 
DT C7    H71    sing N N 146 
DT C7    H72    sing N N 147 
DT C7    H73    sing N N 148 
DT C6    H6     sing N N 149 
# 
loop_
_ndb_struct_conf_na.entry_id 
_ndb_struct_conf_na.feature 
8SL5 'double helix'        
8SL5 'b-form double helix' 
# 
loop_
_ndb_struct_na_base_pair.model_number 
_ndb_struct_na_base_pair.i_label_asym_id 
_ndb_struct_na_base_pair.i_label_comp_id 
_ndb_struct_na_base_pair.i_label_seq_id 
_ndb_struct_na_base_pair.i_symmetry 
_ndb_struct_na_base_pair.j_label_asym_id 
_ndb_struct_na_base_pair.j_label_comp_id 
_ndb_struct_na_base_pair.j_label_seq_id 
_ndb_struct_na_base_pair.j_symmetry 
_ndb_struct_na_base_pair.shear 
_ndb_struct_na_base_pair.stretch 
_ndb_struct_na_base_pair.stagger 
_ndb_struct_na_base_pair.buckle 
_ndb_struct_na_base_pair.propeller 
_ndb_struct_na_base_pair.opening 
_ndb_struct_na_base_pair.pair_number 
_ndb_struct_na_base_pair.pair_name 
_ndb_struct_na_base_pair.i_auth_asym_id 
_ndb_struct_na_base_pair.i_auth_seq_id 
_ndb_struct_na_base_pair.i_PDB_ins_code 
_ndb_struct_na_base_pair.j_auth_asym_id 
_ndb_struct_na_base_pair.j_auth_seq_id 
_ndb_struct_na_base_pair.j_PDB_ins_code 
_ndb_struct_na_base_pair.hbond_type_28 
_ndb_struct_na_base_pair.hbond_type_12 
1 A DG 3  1_555 C DC 8  1_555 -0.189 -0.132 -0.160 -2.284 0.014  0.157   1  A_DG8:DC13_C  A 8  ? C 13 ? 19 1 
1 A DC 4  1_555 C DG 7  1_555 0.197  -0.121 0.033  0.589  -1.571 0.952   2  A_DC9:DG12_C  A 9  ? C 12 ? 19 1 
1 A DC 5  1_555 C DG 6  1_555 0.193  -0.125 -0.027 0.133  -0.225 -0.278  3  A_DC10:DG11_C A 10 ? C 11 ? 19 1 
1 A DT 6  1_555 D DA 8  1_555 -0.070 -0.121 -0.112 -1.629 -6.212 1.588   4  A_DT11:DA8_D  A 11 ? D 8  ? 20 1 
1 A DG 7  1_555 D DC 7  1_555 -0.199 -0.140 -0.177 -2.633 -4.259 0.286   5  A_DG12:DC7_D  A 12 ? D 7  ? 19 1 
1 A DA 8  1_555 D DT 6  1_555 0.096  -0.106 -0.204 -1.488 -4.186 -1.115  6  A_DA13:DT6_D  A 13 ? D 6  ? 20 1 
1 A DC 9  1_555 D DG 5  1_555 0.155  -0.110 -0.058 -0.164 -4.468 0.716   7  A_DC14:DG5_D  A 14 ? D 5  ? 19 1 
1 A DT 10 1_555 D DA 4  1_555 -0.169 -0.095 0.026  -1.537 -5.846 -0.901  8  A_DT15:DA4_D  A 15 ? D 4  ? 20 1 
1 A DA 11 1_555 D DT 3  1_555 0.056  -0.129 -0.014 -2.441 0.472  -0.534  9  A_DA16:DT3_D  A 16 ? D 3  ? 20 1 
1 A DC 12 1_555 D DG 2  1_555 0.182  -0.132 0.023  -1.347 3.354  -0.346  10 A_DC17:DG2_D  A 17 ? D 2  ? 19 1 
1 A DA 13 1_555 D DT 1  1_555 0.090  -0.100 -0.033 -2.057 -4.061 -2.172  11 A_DA18:DT1_D  A 18 ? D 1  ? 20 1 
1 B DC 1  1_555 D DG 13 1_555 0.187  -0.131 0.109  0.551  -3.681 0.179   12 B_DC1:DG13_D  B 1  ? D 13 ? 19 1 
1 B DG 2  1_555 D DC 12 1_555 -0.200 -0.121 0.035  0.116  -0.147 1.972   13 B_DG2:DC12_D  B 2  ? D 12 ? 19 1 
1 B DT 3  1_555 D DA 11 1_555 -0.111 -0.066 -0.019 0.703  -2.476 -3.210  14 B_DT3:DA11_D  B 3  ? D 11 ? 20 1 
1 B DG 4  1_555 D DC 10 1_555 -0.195 -0.132 0.010  1.623  -1.276 0.294   15 B_DG4:DC10_D  B 4  ? D 10 ? 19 1 
1 B DG 5  1_555 D DC 9  1_555 -0.192 -0.138 -0.196 -0.019 -1.846 1.580   16 B_DG5:DC9_D   B 5  ? D 9  ? 19 1 
1 B DA 6  1_555 C DT 5  1_555 0.245  -0.096 0.360  2.017  -4.409 -7.697  17 B_DA6:DT10_C  B 6  ? C 10 ? 20 1 
1 B DC 7  1_555 C DG 4  1_555 0.178  -0.111 0.079  -0.881 -2.204 -0.273  18 B_DC7:DG9_C   B 7  ? C 9  ? 19 1 
1 B DA 8  1_555 C DT 3  1_555 0.008  0.495  -0.212 -1.077 -1.985 -17.824 19 B_DA8:DT8_C   B 8  ? C 8  ? 20 1 
# 
loop_
_ndb_struct_na_base_pair_step.model_number 
_ndb_struct_na_base_pair_step.i_label_asym_id_1 
_ndb_struct_na_base_pair_step.i_label_comp_id_1 
_ndb_struct_na_base_pair_step.i_label_seq_id_1 
_ndb_struct_na_base_pair_step.i_symmetry_1 
_ndb_struct_na_base_pair_step.j_label_asym_id_1 
_ndb_struct_na_base_pair_step.j_label_comp_id_1 
_ndb_struct_na_base_pair_step.j_label_seq_id_1 
_ndb_struct_na_base_pair_step.j_symmetry_1 
_ndb_struct_na_base_pair_step.i_label_asym_id_2 
_ndb_struct_na_base_pair_step.i_label_comp_id_2 
_ndb_struct_na_base_pair_step.i_label_seq_id_2 
_ndb_struct_na_base_pair_step.i_symmetry_2 
_ndb_struct_na_base_pair_step.j_label_asym_id_2 
_ndb_struct_na_base_pair_step.j_label_comp_id_2 
_ndb_struct_na_base_pair_step.j_label_seq_id_2 
_ndb_struct_na_base_pair_step.j_symmetry_2 
_ndb_struct_na_base_pair_step.shift 
_ndb_struct_na_base_pair_step.slide 
_ndb_struct_na_base_pair_step.rise 
_ndb_struct_na_base_pair_step.tilt 
_ndb_struct_na_base_pair_step.roll 
_ndb_struct_na_base_pair_step.twist 
_ndb_struct_na_base_pair_step.x_displacement 
_ndb_struct_na_base_pair_step.y_displacement 
_ndb_struct_na_base_pair_step.helical_rise 
_ndb_struct_na_base_pair_step.inclination 
_ndb_struct_na_base_pair_step.tip 
_ndb_struct_na_base_pair_step.helical_twist 
_ndb_struct_na_base_pair_step.step_number 
_ndb_struct_na_base_pair_step.step_name 
_ndb_struct_na_base_pair_step.i_auth_asym_id_1 
_ndb_struct_na_base_pair_step.i_auth_seq_id_1 
_ndb_struct_na_base_pair_step.i_PDB_ins_code_1 
_ndb_struct_na_base_pair_step.j_auth_asym_id_1 
_ndb_struct_na_base_pair_step.j_auth_seq_id_1 
_ndb_struct_na_base_pair_step.j_PDB_ins_code_1 
_ndb_struct_na_base_pair_step.i_auth_asym_id_2 
_ndb_struct_na_base_pair_step.i_auth_seq_id_2 
_ndb_struct_na_base_pair_step.i_PDB_ins_code_2 
_ndb_struct_na_base_pair_step.j_auth_asym_id_2 
_ndb_struct_na_base_pair_step.j_auth_seq_id_2 
_ndb_struct_na_base_pair_step.j_PDB_ins_code_2 
1 A DG 3  1_555 C DC 8  1_555 A DC 4  1_555 C DG 7  1_555 0.325  -0.692 3.162 -3.421  2.040  39.451 -1.248 -0.862 3.087 3.012  
5.052  39.644 1  AA_DG8DC9:DG12DC13_CC  A 8  ? C 13 ? A 9  ? C 12 ? 
1 A DC 4  1_555 C DG 7  1_555 A DC 5  1_555 C DG 6  1_555 -0.931 -0.985 3.144 -1.501  1.773  32.778 -2.033 1.400  3.127 3.136  
2.656  32.858 2  AA_DC9DC10:DG11DG12_CC A 9  ? C 12 ? A 10 ? C 11 ? 
1 A DC 5  1_555 C DG 6  1_555 A DT 6  1_555 D DA 8  1_555 0.569  -0.819 3.126 3.891   6.708  34.011 -2.327 -0.393 2.961 11.286 
-6.547 34.859 3  AA_DC10DT11:DA8DG11_DC A 10 ? C 11 ? A 11 ? D 8  ? 
1 A DT 6  1_555 D DA 8  1_555 A DG 7  1_555 D DC 7  1_555 -0.505 2.067  3.281 -1.539  0.826  35.984 3.223  0.595  3.344 1.336  
2.490  36.025 4  AA_DT11DG12:DC7DA8_DD  A 11 ? D 8  ? A 12 ? D 7  ? 
1 A DG 7  1_555 D DC 7  1_555 A DA 8  1_555 D DT 6  1_555 -0.370 0.391  3.174 -4.034  1.735  41.300 0.372  0.102  3.208 2.451  
5.700  41.522 5  AA_DG12DA13:DT6DC7_DD  A 12 ? D 7  ? A 13 ? D 6  ? 
1 A DA 8  1_555 D DT 6  1_555 A DC 9  1_555 D DG 5  1_555 0.040  -0.726 3.152 -1.353  -1.162 32.501 -1.099 -0.299 3.171 -2.074 
2.415  32.549 6  AA_DA13DC14:DG5DT6_DD  A 13 ? D 6  ? A 14 ? D 5  ? 
1 A DC 9  1_555 D DG 5  1_555 A DT 10 1_555 D DA 4  1_555 0.286  -0.377 3.206 0.164   -3.931 31.455 0.025  -0.494 3.229 -7.215 
-0.301 31.694 7  AA_DC14DT15:DA4DG5_DD  A 14 ? D 5  ? A 15 ? D 4  ? 
1 A DT 10 1_555 D DA 4  1_555 A DA 11 1_555 D DT 3  1_555 -0.470 -1.012 3.005 -1.599  9.599  34.756 -2.836 0.559  2.659 15.692 
2.615  36.052 8  AA_DT15DA16:DT3DA4_DD  A 15 ? D 4  ? A 16 ? D 3  ? 
1 A DA 11 1_555 D DT 3  1_555 A DC 12 1_555 D DG 2  1_555 -0.891 -0.969 3.230 -2.370  3.214  34.453 -2.110 1.137  3.182 5.404  
3.984  34.677 9  AA_DA16DC17:DG2DT3_DD  A 16 ? D 3  ? A 17 ? D 2  ? 
1 A DC 12 1_555 D DG 2  1_555 A DA 13 1_555 D DT 1  1_555 0.119  -0.727 2.925 1.145   12.998 27.846 -3.546 -0.033 2.362 25.324 
-2.230 30.697 10 AA_DC17DA18:DT1DG2_DD  A 17 ? D 2  ? A 18 ? D 1  ? 
1 B DC 1  1_555 D DG 13 1_555 B DG 2  1_555 D DC 12 1_555 0.289  -1.120 2.995 0.638   3.203  28.385 -2.924 -0.455 2.859 6.504  
-1.296 28.568 11 BB_DC1DG2:DC12DG13_DD  B 1  ? D 13 ? B 2  ? D 12 ? 
1 B DG 2  1_555 D DC 12 1_555 B DT 3  1_555 D DA 11 1_555 -0.694 -0.523 3.187 -0.130  -0.102 31.281 -0.951 1.264  3.191 -0.189 
0.241  31.281 12 BB_DG2DT3:DA11DC12_DD  B 2  ? D 12 ? B 3  ? D 11 ? 
1 B DT 3  1_555 D DA 11 1_555 B DG 4  1_555 D DC 10 1_555 0.485  1.032  3.108 0.288   2.378  37.627 1.301  -0.715 3.169 3.682  
-0.446 37.700 13 BB_DT3DG4:DC10DA11_DD  B 3  ? D 11 ? B 4  ? D 10 ? 
1 B DG 4  1_555 D DC 10 1_555 B DG 5  1_555 D DC 9  1_555 0.366  -1.270 3.193 0.417   0.584  33.444 -2.301 -0.568 3.175 1.015  
-0.724 33.452 14 BB_DG4DG5:DC9DC10_DD   B 4  ? D 10 ? B 5  ? D 9  ? 
1 B DG 5  1_555 D DC 9  1_555 B DA 6  1_555 C DT 5  1_555 -1.806 -0.446 3.105 -15.946 10.500 40.681 -1.581 0.860  3.350 14.199 
21.564 44.766 15 BB_DG5DA6:DT10DC9_CD   B 5  ? D 9  ? B 6  ? C 10 ? 
1 B DA 6  1_555 C DT 5  1_555 B DC 7  1_555 C DG 4  1_555 0.149  -1.554 3.332 0.945   -1.145 32.875 -2.543 -0.098 3.386 -2.023 
-1.669 32.908 16 BB_DA6DC7:DG9DT10_CC   B 6  ? C 10 ? B 7  ? C 9  ? 
1 B DC 7  1_555 C DG 4  1_555 B DA 8  1_555 C DT 3  1_555 -2.509 1.003  3.218 -0.499  -0.708 25.643 2.457  5.510  3.237 -1.594 
1.125  25.657 17 BB_DC7DA8:DT8DG9_CC    B 7  ? C 9  ? B 8  ? C 8  ? 
# 
loop_
_pdbx_audit_support.funding_organization 
_pdbx_audit_support.country 
_pdbx_audit_support.grant_number 
_pdbx_audit_support.ordinal 
'Office of Naval Research (ONR)'                                      'United States' N000141912596                      1 
'Department of Energy (DOE, United States)'                           'United States' DE-SC0007991                       2 
'National Science Foundation (NSF, United States)'                    'United States' 2106790                            3 
'Human Frontier Science Program (HFSP)'                               France          RPG0010/2017                       4 
'National Science Foundation (NSF, United States)'                    'United States' DMR-1420073                        5 
'National Aeronautics and Space Administration (NASA, United States)' 'United States' '2020 NASA Center Innovation Fund' 6 
# 
_pdbx_initial_refinement_model.id               1 
_pdbx_initial_refinement_model.entity_id_list   ? 
_pdbx_initial_refinement_model.type             'experimental model' 
_pdbx_initial_refinement_model.source_name      PDB 
_pdbx_initial_refinement_model.accession_code   8SJN 
_pdbx_initial_refinement_model.details          'Three-turn triangle with same interjunction spacing' 
# 
_space_group.name_H-M_alt     'R 3 :H' 
_space_group.name_Hall        'R 3' 
_space_group.IT_number        146 
_space_group.crystal_system   trigonal 
_space_group.id               1 
# 
_atom_sites.entry_id                    8SL5 
_atom_sites.Cartn_transf_matrix[1][1]   ? 
_atom_sites.Cartn_transf_matrix[1][2]   ? 
_atom_sites.Cartn_transf_matrix[1][3]   ? 
_atom_sites.Cartn_transf_matrix[2][1]   ? 
_atom_sites.Cartn_transf_matrix[2][2]   ? 
_atom_sites.Cartn_transf_matrix[2][3]   ? 
_atom_sites.Cartn_transf_matrix[3][1]   ? 
_atom_sites.Cartn_transf_matrix[3][2]   ? 
_atom_sites.Cartn_transf_matrix[3][3]   ? 
_atom_sites.Cartn_transf_vector[1]      ? 
_atom_sites.Cartn_transf_vector[2]      ? 
_atom_sites.Cartn_transf_vector[3]      ? 
_atom_sites.Cartn_transform_axes        ? 
_atom_sites.fract_transf_matrix[1][1]   0.00027192 
_atom_sites.fract_transf_matrix[1][2]   0.00245246 
_atom_sites.fract_transf_matrix[1][3]   -0.01002122 
_atom_sites.fract_transf_matrix[2][1]   0.00831083 
_atom_sites.fract_transf_matrix[2][2]   -0.00232792 
_atom_sites.fract_transf_matrix[2][3]   -0.00565804 
_atom_sites.fract_transf_matrix[3][1]   -0.00582956 
_atom_sites.fract_transf_matrix[3][2]   -0.01280870 
_atom_sites.fract_transf_matrix[3][3]   -0.00329282 
_atom_sites.fract_transf_vector[1]      0.025262 
_atom_sites.fract_transf_vector[2]      -0.198161 
_atom_sites.fract_transf_vector[3]      0.081720 
_atom_sites.solution_primary            ? 
_atom_sites.solution_secondary          ? 
_atom_sites.solution_hydrogens          ? 
_atom_sites.special_details             ? 
# 
loop_
_atom_type.symbol 
_atom_type.scat_dispersion_real 
_atom_type.scat_dispersion_imag 
_atom_type.scat_Cromer_Mann_a1 
_atom_type.scat_Cromer_Mann_a2 
_atom_type.scat_Cromer_Mann_a3 
_atom_type.scat_Cromer_Mann_a4 
_atom_type.scat_Cromer_Mann_b1 
_atom_type.scat_Cromer_Mann_b2 
_atom_type.scat_Cromer_Mann_b3 
_atom_type.scat_Cromer_Mann_b4 
_atom_type.scat_Cromer_Mann_c 
_atom_type.scat_source 
_atom_type.scat_dispersion_source 
C ? ? 5.96793  ? ? ? 14.89577 ? ? ? 0.0 
;1-Gaussian fit: Grosse-Kunstleve RW, Sauter NK, Adams PD: Newsletter of the IUCr Commission on Crystallographic Computing 2004, 3, 22-31.
;
? 
N ? ? 6.96715  ? ? ? 11.43723 ? ? ? 0.0 
;1-Gaussian fit: Grosse-Kunstleve RW, Sauter NK, Adams PD: Newsletter of the IUCr Commission on Crystallographic Computing 2004, 3, 22-31.
;
? 
O ? ? 7.96527  ? ? ? 9.05267  ? ? ? 0.0 
;1-Gaussian fit: Grosse-Kunstleve RW, Sauter NK, Adams PD: Newsletter of the IUCr Commission on Crystallographic Computing 2004, 3, 22-31.
;
? 
P ? ? 14.90797 ? ? ? 11.91318 ? ? ? 0.0 
;1-Gaussian fit: Grosse-Kunstleve RW, Sauter NK, Adams PD: Newsletter of the IUCr Commission on Crystallographic Computing 2004, 3, 22-31.
;
? 
# 
loop_
_atom_site.group_PDB 
_atom_site.id 
_atom_site.type_symbol 
_atom_site.label_atom_id 
_atom_site.label_alt_id 
_atom_site.label_comp_id 
_atom_site.label_asym_id 
_atom_site.label_entity_id 
_atom_site.label_seq_id 
_atom_site.pdbx_PDB_ins_code 
_atom_site.Cartn_x 
_atom_site.Cartn_y 
_atom_site.Cartn_z 
_atom_site.occupancy 
_atom_site.B_iso_or_equiv 
_atom_site.pdbx_formal_charge 
_atom_site.auth_seq_id 
_atom_site.auth_comp_id 
_atom_site.auth_asym_id 
_atom_site.auth_atom_id 
_atom_site.pdbx_PDB_model_num 
ATOM 1   O "O5'" . DG A 1 1  ? -15.50385 -5.29612  7.37612   1.000 637.79691 ? 6  DG A "O5'" 1 
ATOM 2   C "C5'" . DG A 1 1  ? -15.96892 -6.46992  8.03342   1.000 650.25886 ? 6  DG A "C5'" 1 
ATOM 3   C "C4'" . DG A 1 1  ? -15.93902 -7.66768  7.09784   1.000 649.22250 ? 6  DG A "C4'" 1 
ATOM 4   O "O4'" . DG A 1 1  ? -16.67003 -7.35530  5.88419   1.000 642.10811 ? 6  DG A "O4'" 1 
ATOM 5   C "C3'" . DG A 1 1  ? -14.55021 -8.10779  6.64872   1.000 642.08522 ? 6  DG A "C3'" 1 
ATOM 6   O "O3'" . DG A 1 1  ? -14.51405 -9.52173  6.50433   1.000 648.54278 ? 6  DG A "O3'" 1 
ATOM 7   C "C2'" . DG A 1 1  ? -14.38356 -7.40081  5.30697   1.000 627.95063 ? 6  DG A "C2'" 1 
ATOM 8   C "C1'" . DG A 1 1  ? -15.80757 -7.41123  4.76412   1.000 630.16847 ? 6  DG A "C1'" 1 
ATOM 9   N N9    . DG A 1 1  ? -16.10701 -6.27022  3.90556   1.000 620.04021 ? 6  DG A N9    1 
ATOM 10  C C8    . DG A 1 1  ? -15.83606 -4.94889  4.16571   1.000 614.97991 ? 6  DG A C8    1 
ATOM 11  N N7    . DG A 1 1  ? -16.22283 -4.14243  3.21797   1.000 606.99435 ? 6  DG A N7    1 
ATOM 12  C C5    . DG A 1 1  ? -16.78858 -4.98199  2.26754   1.000 606.35460 ? 6  DG A C5    1 
ATOM 13  C C6    . DG A 1 1  ? -17.38028 -4.67537  1.02102   1.000 599.51640 ? 6  DG A C6    1 
ATOM 14  O O6    . DG A 1 1  ? -17.52155 -3.56473  0.49202   1.000 592.71816 ? 6  DG A O6    1 
ATOM 15  N N1    . DG A 1 1  ? -17.82825 -5.82097  0.36711   1.000 601.70533 ? 6  DG A N1    1 
ATOM 16  C C2    . DG A 1 1  ? -17.72077 -7.09986  0.85964   1.000 609.95360 ? 6  DG A C2    1 
ATOM 17  N N2    . DG A 1 1  ? -18.21305 -8.07810  0.08549   1.000 611.40924 ? 6  DG A N2    1 
ATOM 18  N N3    . DG A 1 1  ? -17.16878 -7.40099  2.02842   1.000 616.83879 ? 6  DG A N3    1 
ATOM 19  C C4    . DG A 1 1  ? -16.72496 -6.29534  2.67530   1.000 614.33342 ? 6  DG A C4    1 
ATOM 20  P P     . DA A 1 2  ? -13.13463 -10.26506 6.14906   1.000 644.25699 ? 7  DA A P     1 
ATOM 21  O OP1   . DA A 1 2  ? -13.17444 -11.60475 6.77585   1.000 657.27617 ? 7  DA A OP1   1 
ATOM 22  O OP2   . DA A 1 2  ? -12.02496 -9.33829  6.46416   1.000 637.45723 ? 7  DA A OP2   1 
ATOM 23  O "O5'" . DA A 1 2  ? -13.19471 -10.43942 4.56101   1.000 633.52080 ? 7  DA A "O5'" 1 
ATOM 24  C "C5'" . DA A 1 2  ? -14.25693 -11.17770 3.97003   1.000 637.41977 ? 7  DA A "C5'" 1 
ATOM 25  C "C4'" . DA A 1 2  ? -14.25536 -11.01228 2.46174   1.000 625.16063 ? 7  DA A "C4'" 1 
ATOM 26  O "O4'" . DA A 1 2  ? -14.69172 -9.68051  2.12082   1.000 617.14788 ? 7  DA A "O4'" 1 
ATOM 27  C "C3'" . DA A 1 2  ? -12.88778 -11.19269 1.79522   1.000 616.12586 ? 7  DA A "C3'" 1 
ATOM 28  O "O3'" . DA A 1 2  ? -12.88201 -12.37538 1.00370   1.000 617.06267 ? 7  DA A "O3'" 1 
ATOM 29  C "C2'" . DA A 1 2  ? -12.70146 -9.93134  0.93443   1.000 602.36969 ? 7  DA A "C2'" 1 
ATOM 30  C "C1'" . DA A 1 2  ? -14.09420 -9.31570  0.90797   1.000 604.12108 ? 7  DA A "C1'" 1 
ATOM 31  N N9    . DA A 1 2  ? -14.08163 -7.85817  0.81677   1.000 596.40910 ? 7  DA A N9    1 
ATOM 32  C C8    . DA A 1 2  ? -13.58103 -6.97945  1.73682   1.000 596.97379 ? 7  DA A C8    1 
ATOM 33  N N7    . DA A 1 2  ? -13.70444 -5.72043  1.38835   1.000 589.68035 ? 7  DA A N7    1 
ATOM 34  C C5    . DA A 1 2  ? -14.32894 -5.77708  0.15331   1.000 583.89747 ? 7  DA A C5    1 
ATOM 35  C C6    . DA A 1 2  ? -14.74267 -4.77634  -0.74818  1.000 575.73396 ? 7  DA A C6    1 
ATOM 36  N N6    . DA A 1 2  ? -14.57556 -3.46887  -0.52414  1.000 572.08603 ? 7  DA A N6    1 
ATOM 37  N N1    . DA A 1 2  ? -15.33607 -5.17327  -1.89332  1.000 572.01652 ? 7  DA A N1    1 
ATOM 38  C C2    . DA A 1 2  ? -15.50192 -6.48245  -2.11412  1.000 576.16108 ? 7  DA A C2    1 
ATOM 39  N N3    . DA A 1 2  ? -15.15557 -7.51271  -1.34383  1.000 584.17916 ? 7  DA A N3    1 
ATOM 40  C C4    . DA A 1 2  ? -14.56831 -7.08727  -0.21416  1.000 587.72903 ? 7  DA A C4    1 
ATOM 41  P P     . DG A 1 3  ? -11.54656 -12.82855 0.23218   1.000 591.13472 ? 8  DG A P     1 
ATOM 42  O OP1   . DG A 1 3  ? -11.56334 -14.30533 0.14272   1.000 599.60372 ? 8  DG A OP1   1 
ATOM 43  O OP2   . DG A 1 3  ? -10.39691 -12.14768 0.86868   1.000 588.53128 ? 8  DG A OP2   1 
ATOM 44  O "O5'" . DG A 1 3  ? -11.73068 -12.22130 -1.23639  1.000 577.41161 ? 8  DG A "O5'" 1 
ATOM 45  C "C5'" . DG A 1 3  ? -12.88011 -12.56218 -2.00307  1.000 577.50000 ? 8  DG A "C5'" 1 
ATOM 46  C "C4'" . DG A 1 3  ? -13.00758 -11.66606 -3.22230  1.000 564.27000 ? 8  DG A "C4'" 1 
ATOM 47  O "O4'" . DG A 1 3  ? -13.19915 -10.29008 -2.79952  1.000 560.88592 ? 8  DG A "O4'" 1 
ATOM 48  C "C3'" . DG A 1 3  ? -11.79200 -11.66402 -4.15755  1.000 553.72843 ? 8  DG A "C3'" 1 
ATOM 49  O "O3'" . DG A 1 3  ? -12.21159 -11.85647 -5.50521  1.000 546.58918 ? 8  DG A "O3'" 1 
ATOM 50  C "C2'" . DG A 1 3  ? -11.18231 -10.27757 -3.95165  1.000 546.44105 ? 8  DG A "C2'" 1 
ATOM 51  C "C1'" . DG A 1 3  ? -12.40804 -9.45226  -3.60302  1.000 548.65295 ? 8  DG A "C1'" 1 
ATOM 52  N N9    . DG A 1 3  ? -12.09466 -8.23747  -2.85528  1.000 547.30418 ? 8  DG A N9    1 
ATOM 53  C C8    . DG A 1 3  ? -11.47002 -8.15501  -1.63513  1.000 553.33340 ? 8  DG A C8    1 
ATOM 54  N N7    . DG A 1 3  ? -11.31581 -6.93181  -1.21132  1.000 550.50761 ? 8  DG A N7    1 
ATOM 55  C C5    . DG A 1 3  ? -11.87029 -6.15114  -2.21705  1.000 542.35969 ? 8  DG A C5    1 
ATOM 56  C C6    . DG A 1 3  ? -11.98847 -4.74512  -2.31791  1.000 536.98583 ? 8  DG A C6    1 
ATOM 57  O O6    . DG A 1 3  ? -11.61940 -3.88575  -1.50636  1.000 538.22747 ? 8  DG A O6    1 
ATOM 58  N N1    . DG A 1 3  ? -12.61570 -4.36362  -3.50188  1.000 530.13776 ? 8  DG A N1    1 
ATOM 59  C C2    . DG A 1 3  ? -13.06689 -5.23318  -4.46808  1.000 528.31878 ? 8  DG A C2    1 
ATOM 60  N N2    . DG A 1 3  ? -13.64426 -4.68592  -5.54700  1.000 521.73096 ? 8  DG A N2    1 
ATOM 61  N N3    . DG A 1 3  ? -12.95781 -6.55316  -4.38573  1.000 533.14165 ? 8  DG A N3    1 
ATOM 62  C C4    . DG A 1 3  ? -12.35597 -6.93957  -3.23550  1.000 540.20714 ? 8  DG A C4    1 
ATOM 63  P P     . DC A 1 4  ? -11.12706 -12.08872 -6.66965  1.000 532.13846 ? 9  DC A P     1 
ATOM 64  O OP1   . DC A 1 4  ? -11.64114 -13.16549 -7.54428  1.000 533.11234 ? 9  DC A OP1   1 
ATOM 65  O OP2   . DC A 1 4  ? -9.79608  -12.23327 -6.03925  1.000 533.84142 ? 9  DC A OP2   1 
ATOM 66  O "O5'" . DC A 1 4  ? -11.14030 -10.71300 -7.48803  1.000 519.97503 ? 9  DC A "O5'" 1 
ATOM 67  C "C5'" . DC A 1 4  ? -12.31035 -10.32290 -8.20022  1.000 516.87476 ? 9  DC A "C5'" 1 
ATOM 68  C "C4'" . DC A 1 4  ? -12.21077 -8.88050  -8.66792  1.000 507.46229 ? 9  DC A "C4'" 1 
ATOM 69  O "O4'" . DC A 1 4  ? -12.05903 -8.00529  -7.52014  1.000 511.00994 ? 9  DC A "O4'" 1 
ATOM 70  C "C3'" . DC A 1 4  ? -11.03082 -8.57645  -9.60019  1.000 496.95426 ? 9  DC A "C3'" 1 
ATOM 71  O "O3'" . DC A 1 4  ? -11.48190 -7.85240  -10.74218 1.000 488.37225 ? 9  DC A "O3'" 1 
ATOM 72  C "C2'" . DC A 1 4  ? -10.09540 -7.73159  -8.73450  1.000 496.96474 ? 9  DC A "C2'" 1 
ATOM 73  C "C1'" . DC A 1 4  ? -11.07973 -7.03991  -7.80776  1.000 502.82864 ? 9  DC A "C1'" 1 
ATOM 74  N N1    . DC A 1 4  ? -10.46889 -6.57848  -6.52835  1.000 507.70685 ? 9  DC A N1    1 
ATOM 75  C C2    . DC A 1 4  ? -10.36383 -5.20853  -6.26979  1.000 504.50177 ? 9  DC A C2    1 
ATOM 76  O O2    . DC A 1 4  ? -10.77803 -4.40897  -7.11680  1.000 497.94698 ? 9  DC A O2    1 
ATOM 77  N N3    . DC A 1 4  ? -9.79527  -4.80068  -5.10706  1.000 509.08724 ? 9  DC A N3    1 
ATOM 78  C C4    . DC A 1 4  ? -9.35625  -5.70386  -4.22743  1.000 516.63213 ? 9  DC A C4    1 
ATOM 79  N N4    . DC A 1 4  ? -8.80933  -5.26005  -3.09010  1.000 521.17552 ? 9  DC A N4    1 
ATOM 80  C C5    . DC A 1 4  ? -9.45607  -7.10500  -4.47557  1.000 520.40656 ? 9  DC A C5    1 
ATOM 81  C C6    . DC A 1 4  ? -10.01545 -7.49252  -5.62598  1.000 515.74090 ? 9  DC A C6    1 
ATOM 82  P P     . DC A 1 5  ? -10.59196 -7.81629  -12.08075 1.000 521.77576 ? 10 DC A P     1 
ATOM 83  O OP1   . DC A 1 5  ? -11.48519 -8.12889  -13.21829 1.000 518.17250 ? 10 DC A OP1   1 
ATOM 84  O OP2   . DC A 1 5  ? -9.38723  -8.64198  -11.84321 1.000 523.37194 ? 10 DC A OP2   1 
ATOM 85  O "O5'" . DC A 1 5  ? -10.12576 -6.28889  -12.19763 1.000 515.23646 ? 10 DC A "O5'" 1 
ATOM 86  C "C5'" . DC A 1 5  ? -11.05102 -5.29280  -12.62306 1.000 512.27181 ? 10 DC A "C5'" 1 
ATOM 87  C "C4'" . DC A 1 5  ? -10.50081 -3.89723  -12.37839 1.000 514.27036 ? 10 DC A "C4'" 1 
ATOM 88  O "O4'" . DC A 1 5  ? -10.22248 -3.72872  -10.96959 1.000 523.58952 ? 10 DC A "O4'" 1 
ATOM 89  C "C3'" . DC A 1 5  ? -9.19707  -3.57077  -13.11668 1.000 510.74710 ? 10 DC A "C3'" 1 
ATOM 90  O "O3'" . DC A 1 5  ? -9.37569  -2.45882  -14.05147 1.000 507.38087 ? 10 DC A "O3'" 1 
ATOM 91  C "C2'" . DC A 1 5  ? -8.17428  -3.27751  -12.00728 1.000 519.63121 ? 10 DC A "C2'" 1 
ATOM 92  C "C1'" . DC A 1 5  ? -9.05740  -2.95749  -10.81020 1.000 525.74979 ? 10 DC A "C1'" 1 
ATOM 93  N N1    . DC A 1 5  ? -8.44825  -3.31078  -9.49886  1.000 533.51046 ? 10 DC A N1    1 
ATOM 94  C C2    . DC A 1 5  ? -8.01346  -2.29622  -8.63607  1.000 538.71306 ? 10 DC A C2    1 
ATOM 95  O O2    . DC A 1 5  ? -8.13212  -1.11614  -8.98843  1.000 534.03148 ? 10 DC A O2    1 
ATOM 96  N N3    . DC A 1 5  ? -7.47219  -2.64151  -7.43964  1.000 548.59972 ? 10 DC A N3    1 
ATOM 97  C C4    . DC A 1 5  ? -7.36546  -3.92972  -7.10326  1.000 546.93464 ? 10 DC A C4    1 
ATOM 98  N N4    . DC A 1 5  ? -6.82656  -4.22848  -5.91661  1.000 550.87642 ? 10 DC A N4    1 
ATOM 99  C C5    . DC A 1 5  ? -7.80024  -4.97236  -7.97258  1.000 541.29550 ? 10 DC A C5    1 
ATOM 100 C C6    . DC A 1 5  ? -8.34190  -4.62065  -9.14051  1.000 533.61817 ? 10 DC A C6    1 
ATOM 101 P P     . DT A 1 6  ? -9.72749  -0.95365  -13.57927 1.000 525.06032 ? 11 DT A P     1 
ATOM 102 O OP1   . DT A 1 6  ? -10.82318 -0.93503  -12.58655 1.000 530.50567 ? 11 DT A OP1   1 
ATOM 103 O OP2   . DT A 1 6  ? -9.89737  -0.17781  -14.82584 1.000 519.93352 ? 11 DT A OP2   1 
ATOM 104 O "O5'" . DT A 1 6  ? -8.38628  -0.41990  -12.89217 1.000 525.86498 ? 11 DT A "O5'" 1 
ATOM 105 C "C5'" . DT A 1 6  ? -8.39129  0.82139   -12.19377 1.000 527.96422 ? 11 DT A "C5'" 1 
ATOM 106 C "C4'" . DT A 1 6  ? -6.97827  1.34865   -12.01216 1.000 528.78650 ? 11 DT A "C4'" 1 
ATOM 107 O "O4'" . DT A 1 6  ? -6.39344  0.78939   -10.80357 1.000 539.08785 ? 11 DT A "O4'" 1 
ATOM 108 C "C3'" . DT A 1 6  ? -6.00914  1.00655   -13.14474 1.000 519.10661 ? 11 DT A "C3'" 1 
ATOM 109 O "O3'" . DT A 1 6  ? -5.14831  2.11011   -13.38932 1.000 512.46518 ? 11 DT A "O3'" 1 
ATOM 110 C "C2'" . DT A 1 6  ? -5.23975  -0.18071  -12.57456 1.000 523.65938 ? 11 DT A "C2'" 1 
ATOM 111 C "C1'" . DT A 1 6  ? -5.13843  0.22800   -11.11533 1.000 533.72219 ? 11 DT A "C1'" 1 
ATOM 112 N N1    . DT A 1 6  ? -4.87768  -0.90622  -10.18240 1.000 540.31693 ? 11 DT A N1    1 
ATOM 113 C C2    . DT A 1 6  ? -4.40129  -0.64043  -8.91940  1.000 552.45408 ? 11 DT A C2    1 
ATOM 114 O O2    . DT A 1 6  ? -4.17368  0.48552   -8.51494  1.000 549.63219 ? 11 DT A O2    1 
ATOM 115 N N3    . DT A 1 6  ? -4.19945  -1.74724  -8.13893  1.000 565.74334 ? 11 DT A N3    1 
ATOM 116 C C4    . DT A 1 6  ? -4.42070  -3.06664  -8.48761  1.000 567.09796 ? 11 DT A C4    1 
ATOM 117 O O4    . DT A 1 6  ? -4.20823  -3.99425  -7.71284  1.000 573.30836 ? 11 DT A O4    1 
ATOM 118 C C5    . DT A 1 6  ? -4.91921  -3.27579  -9.82714  1.000 555.38984 ? 11 DT A C5    1 
ATOM 119 C C7    . DT A 1 6  ? -5.19245  -4.66493  -10.32225 1.000 554.13755 ? 11 DT A C7    1 
ATOM 120 C C6    . DT A 1 6  ? -5.12026  -2.19790  -10.60046 1.000 544.99578 ? 11 DT A C6    1 
ATOM 121 P P     . DG A 1 7  ? -4.80187  2.55315   -14.89417 1.000 489.39098 ? 12 DG A P     1 
ATOM 122 O OP1   . DG A 1 7  ? -6.02396  3.14697   -15.48072 1.000 487.43668 ? 12 DG A OP1   1 
ATOM 123 O OP2   . DG A 1 7  ? -4.14877  1.40500   -15.56111 1.000 486.20136 ? 12 DG A OP2   1 
ATOM 124 O "O5'" . DG A 1 7  ? -3.70586  3.70359   -14.70836 1.000 490.00279 ? 12 DG A "O5'" 1 
ATOM 125 C "C5'" . DG A 1 7  ? -4.04282  4.90296   -14.01835 1.000 493.67671 ? 12 DG A "C5'" 1 
ATOM 126 C "C4'" . DG A 1 7  ? -3.02233  5.21997   -12.93609 1.000 498.70268 ? 12 DG A "C4'" 1 
ATOM 127 O "O4'" . DG A 1 7  ? -2.94533  4.11215   -11.99990 1.000 502.79383 ? 12 DG A "O4'" 1 
ATOM 128 C "C3'" . DG A 1 7  ? -1.59414  5.44687   -13.42534 1.000 497.00817 ? 12 DG A "C3'" 1 
ATOM 129 O "O3'" . DG A 1 7  ? -0.95345  6.40665   -12.59171 1.000 501.80643 ? 12 DG A "O3'" 1 
ATOM 130 C "C2'" . DG A 1 7  ? -0.97207  4.06534   -13.26080 1.000 503.95527 ? 12 DG A "C2'" 1 
ATOM 131 C "C1'" . DG A 1 7  ? -1.62597  3.60728   -11.96582 1.000 505.76203 ? 12 DG A "C1'" 1 
ATOM 132 N N9    . DG A 1 7  ? -1.69441  2.15654   -11.81979 1.000 517.07275 ? 12 DG A N9    1 
ATOM 133 C C8    . DG A 1 7  ? -2.13078  1.25180   -12.75552 1.000 512.73971 ? 12 DG A C8    1 
ATOM 134 N N7    . DG A 1 7  ? -2.08447  0.01577   -12.34377 1.000 519.98501 ? 12 DG A N7    1 
ATOM 135 C C5    . DG A 1 7  ? -1.59541  0.10574   -11.04849 1.000 535.87341 ? 12 DG A C5    1 
ATOM 136 C C6    . DG A 1 7  ? -1.33363  -0.91253  -10.10280 1.000 550.94035 ? 12 DG A C6    1 
ATOM 137 O O6    . DG A 1 7  ? -1.49206  -2.13413  -10.23019 1.000 552.31922 ? 12 DG A O6    1 
ATOM 138 N N1    . DG A 1 7  ? -0.83924  -0.39291  -8.90945  1.000 555.28459 ? 12 DG A N1    1 
ATOM 139 C C2    . DG A 1 7  ? -0.62493  0.94371   -8.66234  1.000 550.18847 ? 12 DG A C2    1 
ATOM 140 N N2    . DG A 1 7  ? -0.14356  1.26056   -7.45187  1.000 558.73172 ? 12 DG A N2    1 
ATOM 141 N N3    . DG A 1 7  ? -0.86813  1.90813   -9.54201  1.000 539.21852 ? 12 DG A N3    1 
ATOM 142 C C4    . DG A 1 7  ? -1.35047  1.41673   -10.70896 1.000 531.39672 ? 12 DG A C4    1 
ATOM 143 P P     . DA A 1 8  ? 0.42340   7.10041   -13.04611 1.000 493.56182 ? 13 DA A P     1 
ATOM 144 O OP1   . DA A 1 8  ? 0.16201   8.55111   -13.16585 1.000 477.24630 ? 13 DA A OP1   1 
ATOM 145 O OP2   . DA A 1 8  ? 0.97156   6.35817   -14.20270 1.000 493.08201 ? 13 DA A OP2   1 
ATOM 146 O "O5'" . DA A 1 8  ? 1.39403   6.86455   -11.79808 1.000 513.50824 ? 13 DA A "O5'" 1 
ATOM 147 C "C5'" . DA A 1 8  ? 1.07337   7.43731   -10.53901 1.000 516.46921 ? 13 DA A "C5'" 1 
ATOM 148 C "C4'" . DA A 1 8  ? 1.89157   6.80847   -9.42171  1.000 539.97704 ? 13 DA A "C4'" 1 
ATOM 149 O "O4'" . DA A 1 8  ? 1.55408   5.40296   -9.29546  1.000 542.92713 ? 13 DA A "O4'" 1 
ATOM 150 C "C3'" . DA A 1 8  ? 3.40523   6.86296   -9.60094  1.000 549.00743 ? 13 DA A "C3'" 1 
ATOM 151 O "O3'" . DA A 1 8  ? 4.02022   7.04715   -8.33867  1.000 564.34227 ? 13 DA A "O3'" 1 
ATOM 152 C "C2'" . DA A 1 8  ? 3.72795   5.48936   -10.18534 1.000 556.20855 ? 13 DA A "C2'" 1 
ATOM 153 C "C1'" . DA A 1 8  ? 2.70738   4.60585   -9.47867  1.000 560.65909 ? 13 DA A "C1'" 1 
ATOM 154 N N9    . DA A 1 8  ? 2.31654   3.42489   -10.24671 1.000 560.01393 ? 13 DA A N9    1 
ATOM 155 C C8    . DA A 1 8  ? 1.78639   3.40526   -11.50504 1.000 547.99659 ? 13 DA A C8    1 
ATOM 156 N N7    . DA A 1 8  ? 1.51289   2.20115   -11.94838 1.000 552.15768 ? 13 DA A N7    1 
ATOM 157 C C5    . DA A 1 8  ? 1.88698   1.37031   -10.90709 1.000 565.60966 ? 13 DA A C5    1 
ATOM 158 C C6    . DA A 1 8  ? 1.84870   -0.02929  -10.75142 1.000 570.50534 ? 13 DA A C6    1 
ATOM 159 N N6    . DA A 1 8  ? 1.39634   -0.86061  -11.69537 1.000 565.91023 ? 13 DA A N6    1 
ATOM 160 N N1    . DA A 1 8  ? 2.29575   -0.54212  -9.58637  1.000 586.03978 ? 13 DA A N1    1 
ATOM 161 C C2    . DA A 1 8  ? 2.74479   0.29596   -8.64290  1.000 584.93350 ? 13 DA A C2    1 
ATOM 162 N N3    . DA A 1 8  ? 2.83197   1.62756   -8.67535  1.000 577.04704 ? 13 DA A N3    1 
ATOM 163 C C4    . DA A 1 8  ? 2.37852   2.10691   -9.84488  1.000 571.27209 ? 13 DA A C4    1 
ATOM 164 P P     . DC A 1 9  ? 5.55506   7.50509   -8.23662  1.000 576.65985 ? 14 DC A P     1 
ATOM 165 O OP1   . DC A 1 9  ? 5.58335   8.73484   -7.41524  1.000 586.70215 ? 14 DC A OP1   1 
ATOM 166 O OP2   . DC A 1 9  ? 6.13110   7.51518   -9.60135  1.000 570.45417 ? 14 DC A OP2   1 
ATOM 167 O "O5'" . DC A 1 9  ? 6.23205   6.31728   -7.41087  1.000 578.50063 ? 14 DC A "O5'" 1 
ATOM 168 C "C5'" . DC A 1 9  ? 5.40281   5.39688   -6.69228  1.000 579.47746 ? 14 DC A "C5'" 1 
ATOM 169 C "C4'" . DC A 1 9  ? 6.15243   4.10873   -6.40377  1.000 579.62321 ? 14 DC A "C4'" 1 
ATOM 170 O "O4'" . DC A 1 9  ? 5.58984   3.02091   -7.19141  1.000 578.19239 ? 14 DC A "O4'" 1 
ATOM 171 C "C3'" . DC A 1 9  ? 7.64553   4.14557   -6.74551  1.000 582.71249 ? 14 DC A "C3'" 1 
ATOM 172 O "O3'" . DC A 1 9  ? 8.38467   3.43374   -5.76722  1.000 588.53526 ? 14 DC A "O3'" 1 
ATOM 173 C "C2'" . DC A 1 9  ? 7.69795   3.44133   -8.09402  1.000 574.01644 ? 14 DC A "C2'" 1 
ATOM 174 C "C1'" . DC A 1 9  ? 6.63392   2.37520   -7.89226  1.000 574.23743 ? 14 DC A "C1'" 1 
ATOM 175 N N1    . DC A 1 9  ? 6.09341   1.81622   -9.16590  1.000 578.26156 ? 14 DC A N1    1 
ATOM 176 C C2    . DC A 1 9  ? 5.93470   0.43447   -9.30931  1.000 588.31655 ? 14 DC A C2    1 
ATOM 177 O O2    . DC A 1 9  ? 6.23006   -0.30965  -8.36833  1.000 594.02358 ? 14 DC A O2    1 
ATOM 178 N N3    . DC A 1 9  ? 5.43902   -0.04872  -10.48000 1.000 590.92491 ? 14 DC A N3    1 
ATOM 179 C C4    . DC A 1 9  ? 5.12494   0.78358   -11.47252 1.000 583.79740 ? 14 DC A C4    1 
ATOM 180 N N4    . DC A 1 9  ? 4.64291   0.25968   -12.60986 1.000 586.81172 ? 14 DC A N4    1 
ATOM 181 C C5    . DC A 1 9  ? 5.29367   2.18973   -11.34576 1.000 573.34032 ? 14 DC A C5    1 
ATOM 182 C C6    . DC A 1 9  ? 5.77526   2.65594   -10.18695 1.000 570.80111 ? 14 DC A C6    1 
ATOM 183 P P     . DT A 1 10 ? 9.96414   3.67822   -5.61382  1.000 581.25668 ? 15 DT A P     1 
ATOM 184 O OP1   . DT A 1 10 ? 10.40634  2.99208   -4.37942  1.000 589.79340 ? 15 DT A OP1   1 
ATOM 185 O OP2   . DT A 1 10 ? 10.19454  5.13011   -5.76224  1.000 580.85447 ? 15 DT A OP2   1 
ATOM 186 O "O5'" . DT A 1 10 ? 10.59285  2.95776   -6.89626  1.000 578.09312 ? 15 DT A "O5'" 1 
ATOM 187 C "C5'" . DT A 1 10 ? 11.69955  2.08695   -6.74863  1.000 584.52525 ? 15 DT A "C5'" 1 
ATOM 188 C "C4'" . DT A 1 10 ? 11.23728  0.66525   -6.48679  1.000 585.43473 ? 15 DT A "C4'" 1 
ATOM 189 O "O4'" . DT A 1 10 ? 9.87099   0.50927   -6.94180  1.000 577.46502 ? 15 DT A "O4'" 1 
ATOM 190 C "C3'" . DT A 1 10 ? 12.02807  -0.40275  -7.22064  1.000 586.95306 ? 15 DT A "C3'" 1 
ATOM 191 O "O3'" . DT A 1 10 ? 13.13971  -0.80467  -6.43836  1.000 597.20934 ? 15 DT A "O3'" 1 
ATOM 192 C "C2'" . DT A 1 10 ? 11.00901  -1.52630  -7.35732  1.000 583.56416 ? 15 DT A "C2'" 1 
ATOM 193 C "C1'" . DT A 1 10 ? 9.70383   -0.75601  -7.55556  1.000 575.58403 ? 15 DT A "C1'" 1 
ATOM 194 N N1    . DT A 1 10 ? 9.30871   -0.53114  -8.99402  1.000 566.19336 ? 15 DT A N1    1 
ATOM 195 C C2    . DT A 1 10 ? 8.90462   -1.59563  -9.77178  1.000 579.25678 ? 15 DT A C2    1 
ATOM 196 O O2    . DT A 1 10 ? 8.87154   -2.74353  -9.37113  1.000 576.59062 ? 15 DT A O2    1 
ATOM 197 N N3    . DT A 1 10 ? 8.55713   -1.26403  -11.05862 1.000 576.12638 ? 15 DT A N3    1 
ATOM 198 C C4    . DT A 1 10 ? 8.55613   -0.00618  -11.62921 1.000 557.04212 ? 15 DT A C4    1 
ATOM 199 O O4    . DT A 1 10 ? 8.22316   0.18776   -12.79528 1.000 548.99912 ? 15 DT A O4    1 
ATOM 200 C C5    . DT A 1 10 ? 8.97418   1.06458   -10.75759 1.000 560.47321 ? 15 DT A C5    1 
ATOM 201 C C7    . DT A 1 10 ? 9.01836   2.47571   -11.26557 1.000 564.79494 ? 15 DT A C7    1 
ATOM 202 C C6    . DT A 1 10 ? 9.32261   0.75392   -9.49846  1.000 562.02218 ? 15 DT A C6    1 
ATOM 203 P P     . DA A 1 11 ? 14.47518  -1.34062  -7.15255  1.000 604.68646 ? 16 DA A P     1 
ATOM 204 O OP1   . DA A 1 11 ? 15.54986  -1.35396  -6.13880  1.000 616.15286 ? 16 DA A OP1   1 
ATOM 205 O OP2   . DA A 1 11 ? 14.65323  -0.55247  -8.39075  1.000 597.96312 ? 16 DA A OP2   1 
ATOM 206 O "O5'" . DA A 1 11 ? 14.12639  -2.85052  -7.55257  1.000 603.83433 ? 16 DA A "O5'" 1 
ATOM 207 C "C5'" . DA A 1 11 ? 13.67978  -3.75751  -6.55929  1.000 609.06387 ? 16 DA A "C5'" 1 
ATOM 208 C "C4'" . DA A 1 11 ? 13.14788  -5.03960  -7.18189  1.000 606.44510 ? 16 DA A "C4'" 1 
ATOM 209 O "O4'" . DA A 1 11 ? 12.08175  -4.73207  -8.12022  1.000 602.73325 ? 16 DA A "O4'" 1 
ATOM 210 C "C3'" . DA A 1 11 ? 14.16799  -5.85228  -7.96772  1.000 609.90724 ? 16 DA A "C3'" 1 
ATOM 211 O "O3'" . DA A 1 11 ? 13.87465  -7.23919  -7.84719  1.000 613.59308 ? 16 DA A "O3'" 1 
ATOM 212 C "C2'" . DA A 1 11 ? 13.95246  -5.36110  -9.39277  1.000 614.03700 ? 16 DA A "C2'" 1 
ATOM 213 C "C1'" . DA A 1 11 ? 12.44497  -5.15508  -9.42034  1.000 606.71388 ? 16 DA A "C1'" 1 
ATOM 214 N N9    . DA A 1 11 ? 12.01140  -4.12888  -10.36564 1.000 602.68070 ? 16 DA A N9    1 
ATOM 215 C C8    . DA A 1 11 ? 11.99685  -2.77839  -10.15778 1.000 603.98990 ? 16 DA A C8    1 
ATOM 216 N N7    . DA A 1 11 ? 11.54789  -2.08695  -11.17570 1.000 605.65466 ? 16 DA A N7    1 
ATOM 217 C C5    . DA A 1 11 ? 11.24219  -3.04834  -12.11978 1.000 605.75929 ? 16 DA A C5    1 
ATOM 218 C C6    . DA A 1 11 ? 10.72422  -2.95669  -13.42342 1.000 602.53082 ? 16 DA A C6    1 
ATOM 219 N N6    . DA A 1 11 ? 10.41295  -1.79646  -14.00828 1.000 603.15956 ? 16 DA A N6    1 
ATOM 220 N N1    . DA A 1 11 ? 10.53820  -4.10432  -14.10409 1.000 606.48919 ? 16 DA A N1    1 
ATOM 221 C C2    . DA A 1 11 ? 10.85224  -5.26564  -13.51264 1.000 611.96200 ? 16 DA A C2    1 
ATOM 222 N N3    . DA A 1 11 ? 11.34589  -5.47851  -12.29002 1.000 613.81015 ? 16 DA A N3    1 
ATOM 223 C C4    . DA A 1 11 ? 11.51733  -4.31598  -11.63824 1.000 606.71341 ? 16 DA A C4    1 
ATOM 224 P P     . DC A 1 12 ? 15.05761  -8.30252  -7.61301  1.000 670.78275 ? 17 DC A P     1 
ATOM 225 O OP1   . DC A 1 12 ? 14.69230  -9.13358  -6.44487  1.000 678.97116 ? 17 DC A OP1   1 
ATOM 226 O OP2   . DC A 1 12 ? 16.33682  -7.56012  -7.60879  1.000 675.64373 ? 17 DC A OP2   1 
ATOM 227 O "O5'" . DC A 1 12 ? 15.02917  -9.20663  -8.93267  1.000 666.42800 ? 17 DC A "O5'" 1 
ATOM 228 C "C5'" . DC A 1 12 ? 15.25140  -8.60732  -10.19996 1.000 658.11025 ? 17 DC A "C5'" 1 
ATOM 229 C "C4'" . DC A 1 12 ? 14.88828  -9.55632  -11.32577 1.000 653.11787 ? 17 DC A "C4'" 1 
ATOM 230 O "O4'" . DC A 1 12 ? 13.99663  -8.88161  -12.24820 1.000 640.36399 ? 17 DC A "O4'" 1 
ATOM 231 C "C3'" . DC A 1 12 ? 16.05555  -9.99573  -12.18576 1.000 656.85602 ? 17 DC A "C3'" 1 
ATOM 232 O "O3'" . DC A 1 12 ? 15.70991  -11.18453 -12.88739 1.000 655.47545 ? 17 DC A "O3'" 1 
ATOM 233 C "C2'" . DC A 1 12 ? 16.18595  -8.81041  -13.13238 1.000 648.02925 ? 17 DC A "C2'" 1 
ATOM 234 C "C1'" . DC A 1 12 ? 14.71829  -8.48271  -13.40464 1.000 636.62230 ? 17 DC A "C1'" 1 
ATOM 235 N N1    . DC A 1 12 ? 14.45487  -7.03234  -13.63937 1.000 629.33793 ? 17 DC A N1    1 
ATOM 236 C C2    . DC A 1 12 ? 13.97696  -6.59759  -14.88409 1.000 618.85798 ? 17 DC A C2    1 
ATOM 237 O O2    . DC A 1 12 ? 13.79719  -7.42702  -15.78369 1.000 615.39114 ? 17 DC A O2    1 
ATOM 238 N N3    . DC A 1 12 ? 13.73786  -5.27246  -15.06656 1.000 613.34904 ? 17 DC A N3    1 
ATOM 239 C C4    . DC A 1 12 ? 13.95471  -4.41201  -14.06869 1.000 617.75018 ? 17 DC A C4    1 
ATOM 240 N N4    . DC A 1 12 ? 13.70410  -3.11706  -14.28550 1.000 612.80967 ? 17 DC A N4    1 
ATOM 241 C C5    . DC A 1 12 ? 14.43585  -4.84087  -12.79984 1.000 627.91487 ? 17 DC A C5    1 
ATOM 242 C C6    . DC A 1 12 ? 14.66560  -6.14396  -12.63115 1.000 633.42329 ? 17 DC A C6    1 
ATOM 243 P P     . DA A 1 13 ? 16.84491  -12.07068 -13.60119 1.000 701.34392 ? 18 DA A P     1 
ATOM 244 O OP1   . DA A 1 13 ? 16.82658  -13.40720 -12.96621 1.000 711.02145 ? 18 DA A OP1   1 
ATOM 245 O OP2   . DA A 1 13 ? 18.10019  -11.28789 -13.61684 1.000 706.31476 ? 18 DA A OP2   1 
ATOM 246 O "O5'" . DA A 1 13 ? 16.32731  -12.21208 -15.11044 1.000 691.37422 ? 18 DA A "O5'" 1 
ATOM 247 C "C5'" . DA A 1 13 ? 15.59002  -11.15077 -15.71631 1.000 678.56151 ? 18 DA A "C5'" 1 
ATOM 248 C "C4'" . DA A 1 13 ? 16.33077  -10.59432 -16.91791 1.000 674.70032 ? 18 DA A "C4'" 1 
ATOM 249 O "O4'" . DA A 1 13 ? 15.97235  -9.19588  -17.10539 1.000 665.62568 ? 18 DA A "O4'" 1 
ATOM 250 C "C3'" . DA A 1 13 ? 17.85589  -10.63022 -16.80173 1.000 685.05864 ? 18 DA A "C3'" 1 
ATOM 251 O "O3'" . DA A 1 13 ? 18.43116  -11.03849 -18.03593 1.000 687.20977 ? 18 DA A "O3'" 1 
ATOM 252 C "C2'" . DA A 1 13 ? 18.21186  -9.18521  -16.46629 1.000 683.77331 ? 18 DA A "C2'" 1 
ATOM 253 C "C1'" . DA A 1 13 ? 17.14620  -8.42901  -17.24206 1.000 670.13979 ? 18 DA A "C1'" 1 
ATOM 254 N N9    . DA A 1 13 ? 16.89907  -7.08250  -16.72847 1.000 667.44015 ? 18 DA A N9    1 
ATOM 255 C C8    . DA A 1 13 ? 17.08910  -6.64788  -15.44791 1.000 674.11392 ? 18 DA A C8    1 
ATOM 256 N N7    . DA A 1 13 ? 16.78760  -5.38599  -15.26430 1.000 670.01689 ? 18 DA A N7    1 
ATOM 257 C C5    . DA A 1 13 ? 16.38180  -4.95541  -16.51530 1.000 660.26364 ? 18 DA A C5    1 
ATOM 258 C C6    . DA A 1 13 ? 15.93268  -3.70705  -16.98530 1.000 652.88386 ? 18 DA A C6    1 
ATOM 259 N N6    . DA A 1 13 ? 15.82368  -2.62792  -16.20638 1.000 654.28789 ? 18 DA A N6    1 
ATOM 260 N N1    . DA A 1 13 ? 15.60397  -3.60932  -18.28989 1.000 644.51960 ? 18 DA A N1    1 
ATOM 261 C C2    . DA A 1 13 ? 15.71709  -4.69472  -19.06663 1.000 643.26677 ? 18 DA A C2    1 
ATOM 262 N N3    . DA A 1 13 ? 16.12429  -5.92305  -18.73681 1.000 649.72365 ? 18 DA A N3    1 
ATOM 263 C C4    . DA A 1 13 ? 16.44500  -5.98626  -17.43329 1.000 658.31691 ? 18 DA A C4    1 
ATOM 264 P P     . DC B 2 1  ? 3.94976   -12.39608 8.62869   1.000 710.63570 ? 1  DC B P     1 
ATOM 265 O OP1   . DC B 2 1  ? 4.22986   -12.18373 7.19095   1.000 704.62081 ? 1  DC B OP1   1 
ATOM 266 O OP2   . DC B 2 1  ? 3.16818   -13.57747 9.05865   1.000 708.76329 ? 1  DC B OP2   1 
ATOM 267 O "O5'" . DC B 2 1  ? 3.25686   -11.07777 9.21709   1.000 691.06527 ? 1  DC B "O5'" 1 
ATOM 268 C "C5'" . DC B 2 1  ? 1.92647   -11.13073 9.72682   1.000 675.80735 ? 1  DC B "C5'" 1 
ATOM 269 C "C4'" . DC B 2 1  ? 1.92230   -11.54025 11.18922  1.000 665.99165 ? 1  DC B "C4'" 1 
ATOM 270 O "O4'" . DC B 2 1  ? 3.18068   -11.15633 11.80195  1.000 679.80805 ? 1  DC B "O4'" 1 
ATOM 271 C "C3'" . DC B 2 1  ? 0.85287   -10.87355 12.03941  1.000 651.70230 ? 1  DC B "C3'" 1 
ATOM 272 O "O3'" . DC B 2 1  ? 0.56570   -11.69090 13.16779  1.000 640.44062 ? 1  DC B "O3'" 1 
ATOM 273 C "C2'" . DC B 2 1  ? 1.55606   -9.58830  12.45283  1.000 649.87242 ? 1  DC B "C2'" 1 
ATOM 274 C "C1'" . DC B 2 1  ? 2.95520   -10.11724 12.73844  1.000 668.24359 ? 1  DC B "C1'" 1 
ATOM 275 N N1    . DC B 2 1  ? 4.04215   -9.10574  12.58732  1.000 674.30420 ? 1  DC B N1    1 
ATOM 276 C C2    . DC B 2 1  ? 4.51021   -8.41636  13.71215  1.000 671.10693 ? 1  DC B C2    1 
ATOM 277 O O2    . DC B 2 1  ? 3.99350   -8.64417  14.81202  1.000 665.65843 ? 1  DC B O2    1 
ATOM 278 N N3    . DC B 2 1  ? 5.50944   -7.51022  13.55762  1.000 674.58287 ? 1  DC B N3    1 
ATOM 279 C C4    . DC B 2 1  ? 6.03522   -7.29657  12.34931  1.000 676.94360 ? 1  DC B C4    1 
ATOM 280 N N4    . DC B 2 1  ? 7.01850   -6.39636  12.24062  1.000 674.16800 ? 1  DC B N4    1 
ATOM 281 C C5    . DC B 2 1  ? 5.57508   -7.99588  11.19552  1.000 679.46863 ? 1  DC B C5    1 
ATOM 282 C C6    . DC B 2 1  ? 4.58726   -8.88086  11.35910  1.000 681.08526 ? 1  DC B C6    1 
ATOM 283 P P     . DG B 2 2  ? -0.86547  -11.60654 13.89273  1.000 614.30901 ? 2  DG B P     1 
ATOM 284 O OP1   . DG B 2 2  ? -0.96478  -12.75889 14.81566  1.000 617.94736 ? 2  DG B OP1   1 
ATOM 285 O OP2   . DG B 2 2  ? -1.89167  -11.40869 12.84496  1.000 611.56016 ? 2  DG B OP2   1 
ATOM 286 O "O5'" . DG B 2 2  ? -0.78044  -10.26449 14.75833  1.000 611.95533 ? 2  DG B "O5'" 1 
ATOM 287 C "C5'" . DG B 2 2  ? 0.23309   -10.11550 15.74976  1.000 614.11560 ? 2  DG B "C5'" 1 
ATOM 288 C "C4'" . DG B 2 2  ? 0.15282   -8.74460  16.39612  1.000 611.63148 ? 2  DG B "C4'" 1 
ATOM 289 O "O4'" . DG B 2 2  ? 1.33425   -7.96404  16.05010  1.000 611.64511 ? 2  DG B "O4'" 1 
ATOM 290 C "C3'" . DG B 2 2  ? -1.03907  -7.88862  15.94950  1.000 607.56568 ? 2  DG B "C3'" 1 
ATOM 291 O "O3'" . DG B 2 2  ? -1.42777  -7.02515  17.00645  1.000 606.37545 ? 2  DG B "O3'" 1 
ATOM 292 C "C2'" . DG B 2 2  ? -0.40975  -7.07393  14.83220  1.000 605.80994 ? 2  DG B "C2'" 1 
ATOM 293 C "C1'" . DG B 2 2  ? 0.89501   -6.73548  15.52154  1.000 607.95628 ? 2  DG B "C1'" 1 
ATOM 294 N N9    . DG B 2 2  ? 1.92598   -6.16020  14.66226  1.000 607.74543 ? 2  DG B N9    1 
ATOM 295 C C8    . DG B 2 2  ? 2.13332   -6.39073  13.32360  1.000 607.10129 ? 2  DG B C8    1 
ATOM 296 N N7    . DG B 2 2  ? 3.13641   -5.71252  12.83134  1.000 607.12370 ? 2  DG B N7    1 
ATOM 297 C C5    . DG B 2 2  ? 3.61800   -4.98481  13.91434  1.000 607.97199 ? 2  DG B C5    1 
ATOM 298 C C6    . DG B 2 2  ? 4.69703   -4.06925  13.99885  1.000 608.72551 ? 2  DG B C6    1 
ATOM 299 O O6    . DG B 2 2  ? 5.47013   -3.70568  13.10182  1.000 608.67212 ? 2  DG B O6    1 
ATOM 300 N N1    . DG B 2 2  ? 4.83870   -3.55801  15.28834  1.000 609.84305 ? 2  DG B N1    1 
ATOM 301 C C2    . DG B 2 2  ? 4.03840   -3.88865  16.35659  1.000 610.02423 ? 2  DG B C2    1 
ATOM 302 N N2    . DG B 2 2  ? 4.31976   -3.30189  17.52733  1.000 611.28810 ? 2  DG B N2    1 
ATOM 303 N N3    . DG B 2 2  ? 3.03120   -4.74376  16.28798  1.000 609.24754 ? 2  DG B N3    1 
ATOM 304 C C4    . DG B 2 2  ? 2.88057   -5.25028  15.04317  1.000 608.31898 ? 2  DG B C4    1 
ATOM 305 P P     . DT B 2 3  ? -2.41036  -7.50967  18.18147  1.000 612.59657 ? 3  DT B P     1 
ATOM 306 O OP1   . DT B 2 3  ? -2.03398  -8.87581  18.60779  1.000 616.32799 ? 3  DT B OP1   1 
ATOM 307 O OP2   . DT B 2 3  ? -3.79536  -7.23634  17.73906  1.000 612.42413 ? 3  DT B OP2   1 
ATOM 308 O "O5'" . DT B 2 3  ? -2.06674  -6.49056  19.36480  1.000 613.59458 ? 3  DT B "O5'" 1 
ATOM 309 C "C5'" . DT B 2 3  ? -0.73432  -5.98958  19.49474  1.000 613.86158 ? 3  DT B "C5'" 1 
ATOM 310 C "C4'" . DT B 2 3  ? -0.73241  -4.48176  19.68481  1.000 617.50687 ? 3  DT B "C4'" 1 
ATOM 311 O "O4'" . DT B 2 3  ? 0.25691   -3.87325  18.80254  1.000 619.21536 ? 3  DT B "O4'" 1 
ATOM 312 C "C3'" . DT B 2 3  ? -2.05811  -3.78449  19.36783  1.000 616.25691 ? 3  DT B "C3'" 1 
ATOM 313 O "O3'" . DT B 2 3  ? -2.28987  -2.74829  20.31416  1.000 610.52320 ? 3  DT B "O3'" 1 
ATOM 314 C "C2'" . DT B 2 3  ? -1.80689  -3.21497  17.97574  1.000 616.55586 ? 3  DT B "C2'" 1 
ATOM 315 C "C1'" . DT B 2 3  ? -0.35050  -2.80956  18.10403  1.000 620.49549 ? 3  DT B "C1'" 1 
ATOM 316 N N1    . DT B 2 3  ? 0.34481   -2.61589  16.79067  1.000 621.86243 ? 3  DT B N1    1 
ATOM 317 C C2    . DT B 2 3  ? 1.42122   -1.75567  16.71318  1.000 615.25179 ? 3  DT B C2    1 
ATOM 318 O O2    . DT B 2 3  ? 1.85278   -1.13716  17.66960  1.000 625.88425 ? 3  DT B O2    1 
ATOM 319 N N3    . DT B 2 3  ? 1.97932   -1.64865  15.46379  1.000 619.17777 ? 3  DT B N3    1 
ATOM 320 C C4    . DT B 2 3  ? 1.57462   -2.29888  14.31104  1.000 614.42737 ? 3  DT B C4    1 
ATOM 321 O O4    . DT B 2 3  ? 2.13746   -2.14099  13.23314  1.000 607.55867 ? 3  DT B O4    1 
ATOM 322 C C5    . DT B 2 3  ? 0.44067   -3.17755  14.46207  1.000 615.41684 ? 3  DT B C5    1 
ATOM 323 C C7    . DT B 2 3  ? -0.08827  -3.92938  13.27764  1.000 611.98587 ? 3  DT B C7    1 
ATOM 324 C C6    . DT B 2 3  ? -0.11416  -3.29090  15.67833  1.000 618.39135 ? 3  DT B C6    1 
ATOM 325 P P     . DG B 2 4  ? -3.77640  -2.19840  20.58171  1.000 627.47870 ? 4  DG B P     1 
ATOM 326 O OP1   . DG B 2 4  ? -4.31750  -2.93083  21.74775  1.000 630.54038 ? 4  DG B OP1   1 
ATOM 327 O OP2   . DG B 2 4  ? -4.51519  -2.21199  19.29978  1.000 629.23930 ? 4  DG B OP2   1 
ATOM 328 O "O5'" . DG B 2 4  ? -3.54345  -0.67033  20.99568  1.000 629.09589 ? 4  DG B "O5'" 1 
ATOM 329 C "C5'" . DG B 2 4  ? -2.67832  -0.35346  22.08169  1.000 631.76616 ? 4  DG B "C5'" 1 
ATOM 330 C "C4'" . DG B 2 4  ? -1.72482  0.76945   21.70826  1.000 639.25007 ? 4  DG B "C4'" 1 
ATOM 331 O "O4'" . DG B 2 4  ? -1.03529  0.43057   20.47522  1.000 637.20364 ? 4  DG B "O4'" 1 
ATOM 332 C "C3'" . DG B 2 4  ? -2.38429  2.13058   21.46981  1.000 643.74078 ? 4  DG B "C3'" 1 
ATOM 333 O "O3'" . DG B 2 4  ? -1.61601  3.16065   22.08080  1.000 655.08723 ? 4  DG B "O3'" 1 
ATOM 334 C "C2'" . DG B 2 4  ? -2.38453  2.26154   19.94968  1.000 641.08400 ? 4  DG B "C2'" 1 
ATOM 335 C "C1'" . DG B 2 4  ? -1.11617  1.51303   19.57744  1.000 640.26537 ? 4  DG B "C1'" 1 
ATOM 336 N N9    . DG B 2 4  ? -1.14037  0.98837   18.21680  1.000 634.56118 ? 4  DG B N9    1 
ATOM 337 C C8    . DG B 2 4  ? -2.02495  0.07519   17.70167  1.000 631.92455 ? 4  DG B C8    1 
ATOM 338 N N7    . DG B 2 4  ? -1.80878  -0.20875  16.44783  1.000 632.87892 ? 4  DG B N7    1 
ATOM 339 C C5    . DG B 2 4  ? -0.71698  0.57700   16.10535  1.000 635.80779 ? 4  DG B C5    1 
ATOM 340 C C6    . DG B 2 4  ? -0.03188  0.69653   14.87383  1.000 630.23031 ? 4  DG B C6    1 
ATOM 341 O O6    . DG B 2 4  ? -0.26652  0.11264   13.80727  1.000 627.84116 ? 4  DG B O6    1 
ATOM 342 N N1    . DG B 2 4  ? 1.02156   1.60402   14.95595  1.000 629.51667 ? 4  DG B N1    1 
ATOM 343 C C2    . DG B 2 4  ? 1.37010   2.30404   16.08816  1.000 635.91075 ? 4  DG B C2    1 
ATOM 344 N N2    . DG B 2 4  ? 2.41311   3.13918   15.98076  1.000 633.97233 ? 4  DG B N2    1 
ATOM 345 N N3    . DG B 2 4  ? 0.73346   2.20098   17.24795  1.000 641.59930 ? 4  DG B N3    1 
ATOM 346 C C4    . DG B 2 4  ? -0.29289  1.31979   17.18377  1.000 638.32025 ? 4  DG B C4    1 
ATOM 347 P P     . DG B 2 5  ? -2.12779  4.68411   22.03939  1.000 665.38644 ? 5  DG B P     1 
ATOM 348 O OP1   . DG B 2 5  ? -1.64181  5.34917   23.26842  1.000 674.69240 ? 5  DG B OP1   1 
ATOM 349 O OP2   . DG B 2 5  ? -3.57666  4.66796   21.73885  1.000 661.36698 ? 5  DG B OP2   1 
ATOM 350 O "O5'" . DG B 2 5  ? -1.36821  5.31401   20.77835  1.000 665.89137 ? 5  DG B "O5'" 1 
ATOM 351 C "C5'" . DG B 2 5  ? 0.04790   5.46006   20.80431  1.000 674.49168 ? 5  DG B "C5'" 1 
ATOM 352 C "C4'" . DG B 2 5  ? 0.56160   6.06527   19.50792  1.000 673.50683 ? 5  DG B "C4'" 1 
ATOM 353 O "O4'" . DG B 2 5  ? 0.39610   5.11612   18.42127  1.000 666.05708 ? 5  DG B "O4'" 1 
ATOM 354 C "C3'" . DG B 2 5  ? -0.14396  7.35519   19.05874  1.000 670.36320 ? 5  DG B "C3'" 1 
ATOM 355 O "O3'" . DG B 2 5  ? 0.82359   8.35582   18.73734  1.000 677.34868 ? 5  DG B "O3'" 1 
ATOM 356 C "C2'" . DG B 2 5  ? -0.92521  6.91716   17.81865  1.000 659.88178 ? 5  DG B "C2'" 1 
ATOM 357 C "C1'" . DG B 2 5  ? -0.02583  5.82036   17.28339  1.000 660.64971 ? 5  DG B "C1'" 1 
ATOM 358 N N9    . DG B 2 5  ? -0.69423  4.90238   16.36497  1.000 651.94414 ? 5  DG B N9    1 
ATOM 359 C C8    . DG B 2 5  ? -1.77214  4.09288   16.63054  1.000 647.19803 ? 5  DG B C8    1 
ATOM 360 N N7    . DG B 2 5  ? -2.15293  3.38342   15.60213  1.000 645.54189 ? 5  DG B N7    1 
ATOM 361 C C5    . DG B 2 5  ? -1.27333  3.75179   14.59065  1.000 644.53932 ? 5  DG B C5    1 
ATOM 362 C C6    . DG B 2 5  ? -1.19079  3.31692   13.24492  1.000 641.43016 ? 5  DG B C6    1 
ATOM 363 O O6    . DG B 2 5  ? -1.90477  2.49205   12.65856  1.000 639.49101 ? 5  DG B O6    1 
ATOM 364 N N1    . DG B 2 5  ? -0.14957  3.94520   12.56348  1.000 642.46117 ? 5  DG B N1    1 
ATOM 365 C C2    . DG B 2 5  ? 0.70313   4.87266   13.11467  1.000 647.76724 ? 5  DG B C2    1 
ATOM 366 N N2    . DG B 2 5  ? 1.64833   5.37710   12.31035  1.000 650.70140 ? 5  DG B N2    1 
ATOM 367 N N3    . DG B 2 5  ? 0.63695   5.28166   14.37145  1.000 652.47269 ? 5  DG B N3    1 
ATOM 368 C C4    . DG B 2 5  ? -0.37352  4.68655   15.04585  1.000 648.60657 ? 5  DG B C4    1 
ATOM 369 P P     . DA B 2 6  ? 0.40345   9.90779   18.67963  1.000 664.06920 ? 6  DA B P     1 
ATOM 370 O OP1   . DA B 2 6  ? 1.11686   10.59723  19.77693  1.000 673.52855 ? 6  DA B OP1   1 
ATOM 371 O OP2   . DA B 2 6  ? -1.07213  9.98516   18.60562  1.000 655.15809 ? 6  DA B OP2   1 
ATOM 372 O "O5'" . DA B 2 6  ? 0.99427   10.42139  17.28107  1.000 648.93183 ? 6  DA B "O5'" 1 
ATOM 373 C "C5'" . DA B 2 6  ? 2.28616   11.02805  17.23057  1.000 649.24553 ? 6  DA B "C5'" 1 
ATOM 374 C "C4'" . DA B 2 6  ? 2.80562   11.10596  15.80168  1.000 636.56701 ? 6  DA B "C4'" 1 
ATOM 375 O "O4'" . DA B 2 6  ? 2.44708   9.89389   15.08411  1.000 631.35215 ? 6  DA B "O4'" 1 
ATOM 376 C "C3'" . DA B 2 6  ? 2.24706   12.24944  14.95925  1.000 624.62236 ? 6  DA B "C3'" 1 
ATOM 377 O "O3'" . DA B 2 6  ? 3.22328   12.63743  13.98251  1.000 620.80082 ? 6  DA B "O3'" 1 
ATOM 378 C "C2'" . DA B 2 6  ? 1.03525   11.59333  14.31423  1.000 616.49097 ? 6  DA B "C2'" 1 
ATOM 379 C "C1'" . DA B 2 6  ? 1.60635   10.22275  13.99341  1.000 618.15062 ? 6  DA B "C1'" 1 
ATOM 380 N N9    . DA B 2 6  ? 0.59758   9.18260   13.86279  1.000 621.31025 ? 6  DA B N9    1 
ATOM 381 C C8    . DA B 2 6  ? -0.03066  8.52354   14.87863  1.000 630.77581 ? 6  DA B C8    1 
ATOM 382 N N7    . DA B 2 6  ? -0.89624  7.63095   14.47242  1.000 630.19839 ? 6  DA B N7    1 
ATOM 383 C C5    . DA B 2 6  ? -0.82445  7.70014   13.09186  1.000 616.44597 ? 6  DA B C5    1 
ATOM 384 C C6    . DA B 2 6  ? -1.49621  6.99828   12.07661  1.000 608.73233 ? 6  DA B C6    1 
ATOM 385 N N6    . DA B 2 6  ? -2.40383  6.05473   12.32588  1.000 610.90217 ? 6  DA B N6    1 
ATOM 386 N N1    . DA B 2 6  ? -1.20111  7.30702   10.79492  1.000 598.04541 ? 6  DA B N1    1 
ATOM 387 C C2    . DA B 2 6  ? -0.28690  8.25669   10.55668  1.000 598.96408 ? 6  DA B C2    1 
ATOM 388 N N3    . DA B 2 6  ? 0.41123   8.98573   11.43250  1.000 603.29177 ? 6  DA B N3    1 
ATOM 389 C C4    . DA B 2 6  ? 0.09286   8.65028   12.69564  1.000 611.57495 ? 6  DA B C4    1 
ATOM 390 P P     . DC B 2 7  ? 2.80578   13.44800  12.65544  1.000 584.70892 ? 7  DC B P     1 
ATOM 391 O OP1   . DC B 2 7  ? 4.04667   14.02480  12.09328  1.000 586.67618 ? 7  DC B OP1   1 
ATOM 392 O OP2   . DC B 2 7  ? 1.67600   14.34374  12.98940  1.000 583.82027 ? 7  DC B OP2   1 
ATOM 393 O "O5'" . DC B 2 7  ? 2.27844   12.31257  11.65356  1.000 581.82771 ? 7  DC B "O5'" 1 
ATOM 394 C "C5'" . DC B 2 7  ? 2.60363   12.36523  10.26959  1.000 580.72107 ? 7  DC B "C5'" 1 
ATOM 395 C "C4'" . DC B 2 7  ? 1.38258   12.71568  9.43559   1.000 577.98675 ? 7  DC B "C4'" 1 
ATOM 396 O "O4'" . DC B 2 7  ? 0.37535   11.67981  9.57395   1.000 576.16422 ? 7  DC B "O4'" 1 
ATOM 397 C "C3'" . DC B 2 7  ? 0.69979   14.03524  9.80954   1.000 578.21174 ? 7  DC B "C3'" 1 
ATOM 398 O "O3'" . DC B 2 7  ? 0.49757   14.82173  8.64338   1.000 577.22851 ? 7  DC B "O3'" 1 
ATOM 399 C "C2'" . DC B 2 7  ? -0.62876  13.59359  10.43156  1.000 576.72174 ? 7  DC B "C2'" 1 
ATOM 400 C "C1'" . DC B 2 7  ? -0.88814  12.28223  9.70831   1.000 574.86259 ? 7  DC B "C1'" 1 
ATOM 401 N N1    . DC B 2 7  ? -1.78137  11.34820  10.45919  1.000 574.09914 ? 7  DC B N1    1 
ATOM 402 C C2    . DC B 2 7  ? -2.61584  10.46532  9.75799   1.000 572.15699 ? 7  DC B C2    1 
ATOM 403 O O2    . DC B 2 7  ? -2.59728  10.47415  8.52128   1.000 571.04476 ? 7  DC B O2    1 
ATOM 404 N N3    . DC B 2 7  ? -3.41636  9.62213   10.46085  1.000 571.76860 ? 7  DC B N3    1 
ATOM 405 C C4    . DC B 2 7  ? -3.40205  9.64663   11.79585  1.000 573.05703 ? 7  DC B C4    1 
ATOM 406 N N4    . DC B 2 7  ? -4.20591  8.80144   12.45052  1.000 572.71059 ? 7  DC B N4    1 
ATOM 407 C C5    . DC B 2 7  ? -2.56270  10.54094  12.52258  1.000 574.99035 ? 7  DC B C5    1 
ATOM 408 C C6    . DC B 2 7  ? -1.77705  11.36340  11.82197  1.000 575.52526 ? 7  DC B C6    1 
ATOM 409 P P     . DA B 2 8  ? 1.63651   15.84123  8.14519   1.000 597.97648 ? 8  DA B P     1 
ATOM 410 O OP1   . DA B 2 8  ? 2.91244   15.46143  8.79149   1.000 600.39947 ? 8  DA B OP1   1 
ATOM 411 O OP2   . DA B 2 8  ? 1.11048   17.21358  8.31326   1.000 598.75477 ? 8  DA B OP2   1 
ATOM 412 O "O5'" . DA B 2 8  ? 1.74428   15.55094  6.57629   1.000 596.16988 ? 8  DA B "O5'" 1 
ATOM 413 C "C5'" . DA B 2 8  ? 0.96323   14.51438  5.99372   1.000 593.66470 ? 8  DA B "C5'" 1 
ATOM 414 C "C4'" . DA B 2 8  ? 0.02293   15.07447  4.94237   1.000 591.88511 ? 8  DA B "C4'" 1 
ATOM 415 O "O4'" . DA B 2 8  ? -1.26071  14.40869  5.04462   1.000 598.94480 ? 8  DA B "O4'" 1 
ATOM 416 C "C3'" . DA B 2 8  ? -0.28502  16.55600  5.08404   1.000 592.93362 ? 8  DA B "C3'" 1 
ATOM 417 O "O3'" . DA B 2 8  ? -0.63388  17.10360  3.81909   1.000 598.01196 ? 8  DA B "O3'" 1 
ATOM 418 C "C2'" . DA B 2 8  ? -1.47430  16.54736  6.03622   1.000 595.24535 ? 8  DA B "C2'" 1 
ATOM 419 C "C1'" . DA B 2 8  ? -2.22435  15.29277  5.59126   1.000 605.88811 ? 8  DA B "C1'" 1 
ATOM 420 N N9    . DA B 2 8  ? -2.90783  14.60916  6.68576   1.000 600.20078 ? 8  DA B N9    1 
ATOM 421 C C8    . DA B 2 8  ? -2.73530  14.82494  8.02348   1.000 591.43404 ? 8  DA B C8    1 
ATOM 422 N N7    . DA B 2 8  ? -3.48434  14.06314  8.78422   1.000 590.81177 ? 8  DA B N7    1 
ATOM 423 C C5    . DA B 2 8  ? -4.19717  13.29104  7.88346   1.000 595.78238 ? 8  DA B C5    1 
ATOM 424 C C6    . DA B 2 8  ? -5.16564  12.28264  8.05741   1.000 591.26702 ? 8  DA B C6    1 
ATOM 425 N N6    . DA B 2 8  ? -5.58817  11.87141  9.25811   1.000 588.12973 ? 8  DA B N6    1 
ATOM 426 N N1    . DA B 2 8  ? -5.68160  11.71352  6.94872   1.000 594.42035 ? 8  DA B N1    1 
ATOM 427 C C2    . DA B 2 8  ? -5.25163  12.13015  5.75127   1.000 609.88028 ? 8  DA B C2    1 
ATOM 428 N N3    . DA B 2 8  ? -4.34883  13.06778  5.46293   1.000 616.85983 ? 8  DA B N3    1 
ATOM 429 C C4    . DA B 2 8  ? -3.85538  13.61465  6.58420   1.000 606.40103 ? 8  DA B C4    1 
ATOM 430 O "O5'" . DT C 3 1  ? -13.41662 17.60638  15.42530  1.000 546.78907 ? 6  DT C "O5'" 1 
ATOM 431 C "C5'" . DT C 3 1  ? -13.21694 16.20618  15.26197  1.000 545.88682 ? 6  DT C "C5'" 1 
ATOM 432 C "C4'" . DT C 3 1  ? -13.93674 15.69918  14.02418  1.000 543.69837 ? 6  DT C "C4'" 1 
ATOM 433 O "O4'" . DT C 3 1  ? -13.82897 16.67828  12.97899  1.000 542.76643 ? 6  DT C "O4'" 1 
ATOM 434 C "C3'" . DT C 3 1  ? -13.35743 14.42781  13.42842  1.000 542.74306 ? 6  DT C "C3'" 1 
ATOM 435 O "O3'" . DT C 3 1  ? -13.99614 13.29322  14.00007  1.000 543.12904 ? 6  DT C "O3'" 1 
ATOM 436 C "C2'" . DT C 3 1  ? -13.67097 14.54989  11.92964  1.000 540.71593 ? 6  DT C "C2'" 1 
ATOM 437 C "C1'" . DT C 3 1  ? -13.96247 16.04206  11.72891  1.000 540.83153 ? 6  DT C "C1'" 1 
ATOM 438 N N1    . DT C 3 1  ? -13.05155 16.72354  10.76102  1.000 540.22124 ? 6  DT C N1    1 
ATOM 439 C C2    . DT C 3 1  ? -13.22900 16.52922  9.41069   1.000 538.43413 ? 6  DT C C2    1 
ATOM 440 O O2    . DT C 3 1  ? -14.08978 15.80314  8.94651   1.000 537.36600 ? 6  DT C O2    1 
ATOM 441 N N3    . DT C 3 1  ? -12.34948 17.21456  8.61455   1.000 538.15643 ? 6  DT C N3    1 
ATOM 442 C C4    . DT C 3 1  ? -11.33609 18.06210  9.02381   1.000 539.61179 ? 6  DT C C4    1 
ATOM 443 O O4    . DT C 3 1  ? -10.59706 18.63466  8.22887   1.000 539.45588 ? 6  DT C O4    1 
ATOM 444 C C5    . DT C 3 1  ? -11.21059 18.22899  10.45196  1.000 541.55826 ? 6  DT C C5    1 
ATOM 445 C C7    . DT C 3 1  ? -10.14685 19.12407  11.01581  1.000 543.60450 ? 6  DT C C7    1 
ATOM 446 C C6    . DT C 3 1  ? -12.06601 17.56212  11.24168  1.000 541.69689 ? 6  DT C C6    1 
ATOM 447 P P     . DC C 3 2  ? -13.17152 11.93501  14.23846  1.000 584.36349 ? 7  DC C P     1 
ATOM 448 O OP1   . DC C 3 2  ? -14.14795 10.84867  14.47413  1.000 584.51657 ? 7  DC C OP1   1 
ATOM 449 O OP2   . DC C 3 2  ? -12.12761 12.21833  15.24755  1.000 586.24404 ? 7  DC C OP2   1 
ATOM 450 O "O5'" . DC C 3 2  ? -12.44025 11.67963  12.83953  1.000 585.12273 ? 7  DC C "O5'" 1 
ATOM 451 C "C5'" . DC C 3 2  ? -12.50343 10.39900  12.22311  1.000 584.29909 ? 7  DC C "C5'" 1 
ATOM 452 C "C4'" . DC C 3 2  ? -13.41310 10.43321  11.00819  1.000 582.42273 ? 7  DC C "C4'" 1 
ATOM 453 O "O4'" . DC C 3 2  ? -13.30992 11.72654  10.36551  1.000 585.83923 ? 7  DC C "O4'" 1 
ATOM 454 C "C3'" . DC C 3 2  ? -13.06870 9.43425   9.92068   1.000 581.46467 ? 7  DC C "C3'" 1 
ATOM 455 O "O3'" . DC C 3 2  ? -14.21783 9.18515   9.12247   1.000 578.60854 ? 7  DC C "O3'" 1 
ATOM 456 C "C2'" . DC C 3 2  ? -11.99763 10.18657  9.13793   1.000 584.89035 ? 7  DC C "C2'" 1 
ATOM 457 C "C1'" . DC C 3 2  ? -12.52899 11.61756  9.18649   1.000 587.65055 ? 7  DC C "C1'" 1 
ATOM 458 N N1    . DC C 3 2  ? -11.46205 12.65962  9.23890   1.000 594.17286 ? 7  DC C N1    1 
ATOM 459 C C2    . DC C 3 2  ? -10.96900 13.21276  8.05228   1.000 610.43982 ? 7  DC C C2    1 
ATOM 460 O O2    . DC C 3 2  ? -11.41786 12.81737  6.96960   1.000 615.85253 ? 7  DC C O2    1 
ATOM 461 N N3    . DC C 3 2  ? -10.00654 14.16684  8.12456   1.000 610.98764 ? 7  DC C N3    1 
ATOM 462 C C4    . DC C 3 2  ? -9.54914  14.56568  9.31362   1.000 605.98039 ? 7  DC C C4    1 
ATOM 463 N N4    . DC C 3 2  ? -8.60159  15.50771  9.33714   1.000 608.60241 ? 7  DC C N4    1 
ATOM 464 C C5    . DC C 3 2  ? -10.04345 14.01637  10.53112  1.000 599.07480 ? 7  DC C C5    1 
ATOM 465 C C6    . DC C 3 2  ? -10.98823 13.07664  10.44688  1.000 594.16987 ? 7  DC C C6    1 
ATOM 466 P P     . DT C 3 3  ? -14.36925 7.79852   8.32612   1.000 569.15810 ? 8  DT C P     1 
ATOM 467 O OP1   . DT C 3 3  ? -15.81108 7.47147   8.26323   1.000 568.19333 ? 8  DT C OP1   1 
ATOM 468 O OP2   . DT C 3 3  ? -13.42387 6.83403   8.92956   1.000 567.25291 ? 8  DT C OP2   1 
ATOM 469 O "O5'" . DT C 3 3  ? -13.85485 8.14776   6.85247   1.000 563.93854 ? 8  DT C "O5'" 1 
ATOM 470 C "C5'" . DT C 3 3  ? -13.99221 7.19702   5.80533   1.000 563.56171 ? 8  DT C "C5'" 1 
ATOM 471 C "C4'" . DT C 3 3  ? -12.63569 6.67333   5.37223   1.000 563.95921 ? 8  DT C "C4'" 1 
ATOM 472 O "O4'" . DT C 3 3  ? -11.59655 7.58338   5.82545   1.000 564.09953 ? 8  DT C "O4'" 1 
ATOM 473 C "C3'" . DT C 3 3  ? -12.26448 5.29144   5.92896   1.000 565.97423 ? 8  DT C "C3'" 1 
ATOM 474 O "O3'" . DT C 3 3  ? -11.74073 4.46833   4.88845   1.000 566.10079 ? 8  DT C "O3'" 1 
ATOM 475 C "C2'" . DT C 3 3  ? -11.20004 5.61000   6.97646   1.000 567.22418 ? 8  DT C "C2'" 1 
ATOM 476 C "C1'" . DT C 3 3  ? -10.53967 6.82584   6.35431   1.000 565.81994 ? 8  DT C "C1'" 1 
ATOM 477 N N1    . DT C 3 3  ? -9.76744  7.65605   7.32514   1.000 569.79517 ? 8  DT C N1    1 
ATOM 478 C C2    . DT C 3 3  ? -8.89070  8.60566   6.85277   1.000 575.61294 ? 8  DT C C2    1 
ATOM 479 O O2    . DT C 3 3  ? -8.71630  8.82256   5.66697   1.000 577.38031 ? 8  DT C O2    1 
ATOM 480 N N3    . DT C 3 3  ? -8.22522  9.30497   7.82575   1.000 582.54615 ? 8  DT C N3    1 
ATOM 481 C C4    . DT C 3 3  ? -8.34157  9.14676   9.19501   1.000 582.73641 ? 8  DT C C4    1 
ATOM 482 O O4    . DT C 3 3  ? -7.70129  9.82314   9.99494   1.000 587.90141 ? 8  DT C O4    1 
ATOM 483 C C5    . DT C 3 3  ? -9.27180  8.12787   9.62149   1.000 578.23504 ? 8  DT C C5    1 
ATOM 484 C C7    . DT C 3 3  ? -9.48399  7.86495   11.08295  1.000 579.31371 ? 8  DT C C7    1 
ATOM 485 C C6    . DT C 3 3  ? -9.92776  7.43739   8.67735   1.000 573.47238 ? 8  DT C C6    1 
ATOM 486 P P     . DG C 3 4  ? -11.81305 2.86630   5.00742   1.000 538.60270 ? 9  DG C P     1 
ATOM 487 O OP1   . DG C 3 4  ? -11.50742 2.30093   3.67453   1.000 539.27251 ? 9  DG C OP1   1 
ATOM 488 O OP2   . DG C 3 4  ? -13.09165 2.52756   5.67016   1.000 542.86398 ? 9  DG C OP2   1 
ATOM 489 O "O5'" . DG C 3 4  ? -10.62892 2.49523   6.02056   1.000 544.53283 ? 9  DG C "O5'" 1 
ATOM 490 C "C5'" . DG C 3 4  ? -9.42200  1.90263   5.53570   1.000 545.76509 ? 9  DG C "C5'" 1 
ATOM 491 C "C4'" . DG C 3 4  ? -8.54366  2.93674   4.85506   1.000 546.73084 ? 9  DG C "C4'" 1 
ATOM 492 O "O4'" . DG C 3 4  ? -8.84738  4.25183   5.38959   1.000 548.92536 ? 9  DG C "O4'" 1 
ATOM 493 C "C3'" . DG C 3 4  ? -7.05458  2.77210   5.09508   1.000 550.12493 ? 9  DG C "C3'" 1 
ATOM 494 O "O3'" . DG C 3 4  ? -6.47024  1.76877   4.19726   1.000 548.43844 ? 9  DG C "O3'" 1 
ATOM 495 C "C2'" . DG C 3 4  ? -6.55132  4.18730   4.86423   1.000 552.85824 ? 9  DG C "C2'" 1 
ATOM 496 C "C1'" . DG C 3 4  ? -7.65043  5.00673   5.51992   1.000 554.08560 ? 9  DG C "C1'" 1 
ATOM 497 N N9    . DG C 3 4  ? -7.39745  5.25992   6.93455   1.000 559.77892 ? 9  DG C N9    1 
ATOM 498 C C8    . DG C 3 4  ? -7.94626  4.59748   8.00683   1.000 561.44900 ? 9  DG C C8    1 
ATOM 499 N N7    . DG C 3 4  ? -7.52001  5.03255   9.16012   1.000 566.18318 ? 9  DG C N7    1 
ATOM 500 C C5    . DG C 3 4  ? -6.62518  6.04610   8.83262   1.000 570.31586 ? 9  DG C C5    1 
ATOM 501 C C6    . DG C 3 4  ? -5.85120  6.88241   9.67264   1.000 575.82281 ? 9  DG C C6    1 
ATOM 502 O O6    . DG C 3 4  ? -5.80187  6.89283   10.90910  1.000 577.22154 ? 9  DG C O6    1 
ATOM 503 N N1    . DG C 3 4  ? -5.07525  7.77736   8.93591   1.000 578.21471 ? 9  DG C N1    1 
ATOM 504 C C2    . DG C 3 4  ? -5.05271  7.85198   7.56280   1.000 577.22558 ? 9  DG C C2    1 
ATOM 505 N N2    . DG C 3 4  ? -4.24340  8.77764   7.02481   1.000 576.51619 ? 9  DG C N2    1 
ATOM 506 N N3    . DG C 3 4  ? -5.77522  7.07191   6.76521   1.000 565.35048 ? 9  DG C N3    1 
ATOM 507 C C4    . DG C 3 4  ? -6.53623  6.19484   7.46954   1.000 565.00870 ? 9  DG C C4    1 
ATOM 508 P P     . DT C 3 5  ? -5.92433  2.08773   2.70843   1.000 537.85672 ? 10 DT C P     1 
ATOM 509 O OP1   . DT C 3 5  ? -6.36930  3.38237   2.14949   1.000 534.50643 ? 10 DT C OP1   1 
ATOM 510 O OP2   . DT C 3 5  ? -6.28147  0.87766   1.94064   1.000 538.43406 ? 10 DT C OP2   1 
ATOM 511 O "O5'" . DT C 3 5  ? -4.32349  2.03629   2.84803   1.000 538.21406 ? 10 DT C "O5'" 1 
ATOM 512 C "C5'" . DT C 3 5  ? -3.63351  2.86014   3.79637   1.000 540.21587 ? 10 DT C "C5'" 1 
ATOM 513 C "C4'" . DT C 3 5  ? -3.40925  4.25838   3.23884   1.000 539.65482 ? 10 DT C "C4'" 1 
ATOM 514 O "O4'" . DT C 3 5  ? -3.80598  5.26619   4.19587   1.000 544.75246 ? 10 DT C "O4'" 1 
ATOM 515 C "C3'" . DT C 3 5  ? -1.98157  4.59378   2.86496   1.000 539.51931 ? 10 DT C "C3'" 1 
ATOM 516 O "O3'" . DT C 3 5  ? -1.97840  5.48482   1.73229   1.000 540.07218 ? 10 DT C "O3'" 1 
ATOM 517 C "C2'" . DT C 3 5  ? -1.42406  5.24301   4.14786   1.000 544.11057 ? 10 DT C "C2'" 1 
ATOM 518 C "C1'" . DT C 3 5  ? -2.67335  5.80584   4.84671   1.000 546.34490 ? 10 DT C "C1'" 1 
ATOM 519 N N1    . DT C 3 5  ? -2.79511  5.46605   6.31630   1.000 556.10638 ? 10 DT C N1    1 
ATOM 520 C C2    . DT C 3 5  ? -2.08805  6.18265   7.26420   1.000 563.13862 ? 10 DT C C2    1 
ATOM 521 O O2    . DT C 3 5  ? -1.31849  7.08539   6.98793   1.000 562.74553 ? 10 DT C O2    1 
ATOM 522 N N3    . DT C 3 5  ? -2.31160  5.77707   8.56308   1.000 570.96040 ? 10 DT C N3    1 
ATOM 523 C C4    . DT C 3 5  ? -3.16023  4.76772   8.99078   1.000 574.07572 ? 10 DT C C4    1 
ATOM 524 O O4    . DT C 3 5  ? -3.29843  4.47188   10.17089  1.000 584.35635 ? 10 DT C O4    1 
ATOM 525 C C5    . DT C 3 5  ? -3.87072  4.07877   7.94963   1.000 562.44488 ? 10 DT C C5    1 
ATOM 526 C C7    . DT C 3 5  ? -4.81657  2.96592   8.29155   1.000 563.61415 ? 10 DT C C7    1 
ATOM 527 C C6    . DT C 3 5  ? -3.66263  4.46128   6.68803   1.000 557.24301 ? 10 DT C C6    1 
ATOM 528 P P     . DG C 3 6  ? -3.12618  5.34722   0.60630   1.000 540.02833 ? 11 DG C P     1 
ATOM 529 O OP1   . DG C 3 6  ? -4.25898  6.21129   1.00516   1.000 538.50749 ? 11 DG C OP1   1 
ATOM 530 O OP2   . DG C 3 6  ? -3.33428  3.91621   0.28716   1.000 539.80946 ? 11 DG C OP2   1 
ATOM 531 O "O5'" . DG C 3 6  ? -2.48890  5.95926   -0.72623  1.000 536.40973 ? 11 DG C "O5'" 1 
ATOM 532 C "C5'" . DG C 3 6  ? -2.46484  5.16538   -1.92505  1.000 537.32269 ? 11 DG C "C5'" 1 
ATOM 533 C "C4'" . DG C 3 6  ? -3.64950  5.46781   -2.84323  1.000 533.72500 ? 11 DG C "C4'" 1 
ATOM 534 O "O4'" . DG C 3 6  ? -3.96027  4.28298   -3.63053  1.000 535.84573 ? 11 DG C "O4'" 1 
ATOM 535 C "C3'" . DG C 3 6  ? -4.95560  5.85182   -2.14763  1.000 531.13297 ? 11 DG C "C3'" 1 
ATOM 536 O "O3'" . DG C 3 6  ? -5.67153  6.80101   -2.93055  1.000 529.65391 ? 11 DG C "O3'" 1 
ATOM 537 C "C2'" . DG C 3 6  ? -5.69457  4.52194   -2.06354  1.000 531.94138 ? 11 DG C "C2'" 1 
ATOM 538 C "C1'" . DG C 3 6  ? -5.28845  3.86325   -3.37248  1.000 533.06609 ? 11 DG C "C1'" 1 
ATOM 539 N N9    . DG C 3 6  ? -5.31542  2.40371   -3.31021  1.000 539.60787 ? 11 DG C N9    1 
ATOM 540 C C8    . DG C 3 6  ? -4.87178  1.61596   -2.27588  1.000 544.48502 ? 11 DG C C8    1 
ATOM 541 N N7    . DG C 3 6  ? -5.02651  0.34003   -2.49032  1.000 548.65080 ? 11 DG C N7    1 
ATOM 542 C C5    . DG C 3 6  ? -5.61230  0.27391   -3.74751  1.000 545.56389 ? 11 DG C C5    1 
ATOM 543 C C6    . DG C 3 6  ? -6.00925  -0.85135  -4.50760  1.000 542.29715 ? 11 DG C C6    1 
ATOM 544 O O6    . DG C 3 6  ? -5.91984  -2.04871  -4.20487  1.000 546.17965 ? 11 DG C O6    1 
ATOM 545 N N1    . DG C 3 6  ? -6.56135  -0.47987  -5.73092  1.000 541.92733 ? 11 DG C N1    1 
ATOM 546 C C2    . DG C 3 6  ? -6.70881  0.81717   -6.16586  1.000 539.68430 ? 11 DG C C2    1 
ATOM 547 N N2    . DG C 3 6  ? -7.26317  0.98447   -7.37547  1.000 539.11922 ? 11 DG C N2    1 
ATOM 548 N N3    . DG C 3 6  ? -6.33868  1.88205   -5.46185  1.000 536.73652 ? 11 DG C N3    1 
ATOM 549 C C4    . DG C 3 6  ? -5.79875  1.53542   -4.26735  1.000 539.42900 ? 11 DG C C4    1 
ATOM 550 P P     . DG C 3 7  ? -7.14313  7.27677   -2.48793  1.000 513.54376 ? 12 DG C P     1 
ATOM 551 O OP1   . DG C 3 7  ? -7.31764  8.66382   -2.97157  1.000 511.97529 ? 12 DG C OP1   1 
ATOM 552 O OP2   . DG C 3 7  ? -7.32137  6.98212   -1.04838  1.000 514.77819 ? 12 DG C OP2   1 
ATOM 553 O "O5'" . DG C 3 7  ? -8.11930  6.32214   -3.32272  1.000 513.06997 ? 12 DG C "O5'" 1 
ATOM 554 C "C5'" . DG C 3 7  ? -8.05072  6.32150   -4.74234  1.000 512.16546 ? 12 DG C "C5'" 1 
ATOM 555 C "C4'" . DG C 3 7  ? -8.97960  5.28041   -5.34445  1.000 512.31026 ? 12 DG C "C4'" 1 
ATOM 556 O "O4'" . DG C 3 7  ? -8.53634  3.94820   -4.98834  1.000 514.41932 ? 12 DG C "O4'" 1 
ATOM 557 C "C3'" . DG C 3 7  ? -10.45165 5.37196   -4.91228  1.000 511.72692 ? 12 DG C "C3'" 1 
ATOM 558 O "O3'" . DG C 3 7  ? -11.27401 5.51069   -6.06983  1.000 510.62409 ? 12 DG C "O3'" 1 
ATOM 559 C "C2'" . DG C 3 7  ? -10.70366 4.03773   -4.19187  1.000 513.64977 ? 12 DG C "C2'" 1 
ATOM 560 C "C1'" . DG C 3 7  ? -9.67214  3.13957   -4.84776  1.000 514.94460 ? 12 DG C "C1'" 1 
ATOM 561 N N9    . DG C 3 7  ? -9.32218  1.95674   -4.06396  1.000 517.36683 ? 12 DG C N9    1 
ATOM 562 C C8    . DG C 3 7  ? -8.74448  1.92397   -2.81758  1.000 518.58686 ? 12 DG C C8    1 
ATOM 563 N N7    . DG C 3 7  ? -8.54594  0.71384   -2.36951  1.000 521.01112 ? 12 DG C N7    1 
ATOM 564 C C5    . DG C 3 7  ? -9.02171  -0.10763  -3.38477  1.000 521.47388 ? 12 DG C C5    1 
ATOM 565 C C6    . DG C 3 7  ? -9.07109  -1.52087  -3.47020  1.000 524.10428 ? 12 DG C C6    1 
ATOM 566 O O6    . DG C 3 7  ? -8.69102  -2.35417  -2.63614  1.000 530.60010 ? 12 DG C O6    1 
ATOM 567 N N1    . DG C 3 7  ? -9.63038  -1.94549  -4.67383  1.000 523.92559 ? 12 DG C N1    1 
ATOM 568 C C2    . DG C 3 7  ? -10.08391 -1.10958  -5.66777  1.000 521.46005 ? 12 DG C C2    1 
ATOM 569 N N2    . DG C 3 7  ? -10.59340 -1.69464  -6.76048  1.000 521.87032 ? 12 DG C N2    1 
ATOM 570 N N3    . DG C 3 7  ? -10.04240 0.21382   -5.59817  1.000 519.02440 ? 12 DG C N3    1 
ATOM 571 C C4    . DG C 3 7  ? -9.50134  0.64292   -4.43357  1.000 519.20490 ? 12 DG C C4    1 
ATOM 572 P P     . DC C 3 8  ? -12.83586 5.87564   -5.94664  1.000 487.99101 ? 13 DC C P     1 
ATOM 573 O OP1   . DC C 3 8  ? -13.02464 7.20066   -6.57600  1.000 486.38360 ? 13 DC C OP1   1 
ATOM 574 O OP2   . DC C 3 8  ? -13.28297 5.66505   -4.55206  1.000 488.90028 ? 13 DC C OP2   1 
ATOM 575 O "O5'" . DC C 3 8  ? -13.54193 4.77282   -6.86432  1.000 488.71554 ? 13 DC C "O5'" 1 
ATOM 576 C "C5'" . DC C 3 8  ? -12.98838 3.46451   -6.93656  1.000 490.40124 ? 13 DC C "C5'" 1 
ATOM 577 C "C4'" . DC C 3 8  ? -13.85236 2.54589   -7.77907  1.000 491.30289 ? 13 DC C "C4'" 1 
ATOM 578 O "O4'" . DC C 3 8  ? -13.53113 1.17334   -7.45813  1.000 493.60962 ? 13 DC C "O4'" 1 
ATOM 579 C "C3'" . DC C 3 8  ? -15.34247 2.65838   -7.52464  1.000 491.34795 ? 13 DC C "C3'" 1 
ATOM 580 O "O3'" . DC C 3 8  ? -16.06557 2.16701   -8.64615  1.000 491.83710 ? 13 DC C "O3'" 1 
ATOM 581 C "C2'" . DC C 3 8  ? -15.52511 1.76009   -6.30669  1.000 493.23666 ? 13 DC C "C2'" 1 
ATOM 582 C "C1'" . DC C 3 8  ? -14.49183 0.65568   -6.55341  1.000 494.85996 ? 13 DC C "C1'" 1 
ATOM 583 N N1    . DC C 3 8  ? -13.78652 0.21822   -5.31114  1.000 496.20202 ? 13 DC C N1    1 
ATOM 584 C C2    . DC C 3 8  ? -13.54745 -1.14275  -5.09104  1.000 498.87382 ? 13 DC C C2    1 
ATOM 585 O O2    . DC C 3 8  ? -13.92307 -1.96151  -5.93806  1.000 500.10154 ? 13 DC C O2    1 
ATOM 586 N N3    . DC C 3 8  ? -12.90817 -1.52096  -3.95424  1.000 500.30266 ? 13 DC C N3    1 
ATOM 587 C C4    . DC C 3 8  ? -12.52248 -0.60009  -3.06740  1.000 499.10157 ? 13 DC C C4    1 
ATOM 588 N N4    . DC C 3 8  ? -11.89613 -1.01436  -1.96084  1.000 500.75531 ? 13 DC C N4    1 
ATOM 589 C C5    . DC C 3 8  ? -12.76001 0.78947   -3.27596  1.000 496.43993 ? 13 DC C C5    1 
ATOM 590 C C6    . DC C 3 8  ? -13.38972 1.14906   -4.39744  1.000 495.10485 ? 13 DC C C6    1 
ATOM 591 P P     . DT D 4 1  ? 14.60803  5.20690   -23.22429 1.000 596.74104 ? 1  DT D P     1 
ATOM 592 O OP1   . DT D 4 1  ? 14.93279  5.84847   -24.51817 1.000 608.44787 ? 1  DT D OP1   1 
ATOM 593 O OP2   . DT D 4 1  ? 13.74490  5.90614   -22.24633 1.000 585.22692 ? 1  DT D OP2   1 
ATOM 594 O "O5'" . DT D 4 1  ? 13.97469  3.76377   -23.50210 1.000 601.22373 ? 1  DT D "O5'" 1 
ATOM 595 C "C5'" . DT D 4 1  ? 14.38747  3.01471   -24.63893 1.000 614.02327 ? 1  DT D "C5'" 1 
ATOM 596 C "C4'" . DT D 4 1  ? 13.92707  1.57111   -24.53424 1.000 619.64472 ? 1  DT D "C4'" 1 
ATOM 597 O "O4'" . DT D 4 1  ? 14.51086  0.95952   -23.36055 1.000 616.62898 ? 1  DT D "O4'" 1 
ATOM 598 C "C3'" . DT D 4 1  ? 12.41161  1.38143   -24.41576 1.000 631.81165 ? 1  DT D "C3'" 1 
ATOM 599 O "O3'" . DT D 4 1  ? 11.93972  0.57414   -25.48810 1.000 645.15347 ? 1  DT D "O3'" 1 
ATOM 600 C "C2'" . DT D 4 1  ? 12.21203  0.69853   -23.05476 1.000 634.44608 ? 1  DT D "C2'" 1 
ATOM 601 C "C1'" . DT D 4 1  ? 13.57712  0.08860   -22.77619 1.000 631.74501 ? 1  DT D "C1'" 1 
ATOM 602 N N1    . DT D 4 1  ? 13.88793  -0.01443  -21.32293 1.000 627.32223 ? 1  DT D N1    1 
ATOM 603 C C2    . DT D 4 1  ? 14.39011  -1.19299  -20.81742 1.000 650.09877 ? 1  DT D C2    1 
ATOM 604 O O2    . DT D 4 1  ? 14.59717  -2.17961  -21.50090 1.000 656.05914 ? 1  DT D O2    1 
ATOM 605 N N3    . DT D 4 1  ? 14.64060  -1.17427  -19.46896 1.000 659.52729 ? 1  DT D N3    1 
ATOM 606 C C4    . DT D 4 1  ? 14.44353  -0.11648  -18.59741 1.000 651.65384 ? 1  DT D C4    1 
ATOM 607 O O4    . DT D 4 1  ? 14.69862  -0.19315  -17.40074 1.000 657.89417 ? 1  DT D O4    1 
ATOM 608 C C5    . DT D 4 1  ? 13.91650  1.08616   -19.19428 1.000 630.52965 ? 1  DT D C5    1 
ATOM 609 C C7    . DT D 4 1  ? 13.66086  2.29775   -18.34724 1.000 623.36743 ? 1  DT D C7    1 
ATOM 610 C C6    . DT D 4 1  ? 13.66478  1.07809   -20.51075 1.000 620.17870 ? 1  DT D C6    1 
ATOM 611 P P     . DG D 4 2  ? 10.37514  0.23332   -25.62493 1.000 653.14154 ? 2  DG D P     1 
ATOM 612 O OP1   . DG D 4 2  ? 10.06916  0.12990   -27.06894 1.000 665.04625 ? 2  DG D OP1   1 
ATOM 613 O OP2   . DG D 4 2  ? 9.61278   1.18263   -24.78345 1.000 646.22993 ? 2  DG D OP2   1 
ATOM 614 O "O5'" . DG D 4 2  ? 10.25067  -1.22009  -24.97272 1.000 666.80062 ? 2  DG D "O5'" 1 
ATOM 615 C "C5'" . DG D 4 2  ? 11.04242  -2.28748  -25.47755 1.000 676.19725 ? 2  DG D "C5'" 1 
ATOM 616 C "C4'" . DG D 4 2  ? 10.85412  -3.54303  -24.64683 1.000 685.96735 ? 2  DG D "C4'" 1 
ATOM 617 O "O4'" . DG D 4 2  ? 11.59207  -3.42244  -23.40640 1.000 675.81971 ? 2  DG D "O4'" 1 
ATOM 618 C "C3'" . DG D 4 2  ? 9.40459   -3.85489  -24.26283 1.000 699.54578 ? 2  DG D "C3'" 1 
ATOM 619 O "O3'" . DG D 4 2  ? 9.08654   -5.18935  -24.62755 1.000 724.83720 ? 2  DG D "O3'" 1 
ATOM 620 C "C2'" . DG D 4 2  ? 9.37029   -3.65794  -22.74307 1.000 694.22487 ? 2  DG D "C2'" 1 
ATOM 621 C "C1'" . DG D 4 2  ? 10.81446  -3.92858  -22.35173 1.000 686.47592 ? 2  DG D "C1'" 1 
ATOM 622 N N9    . DG D 4 2  ? 11.22289  -3.25633  -21.12061 1.000 674.49492 ? 2  DG D N9    1 
ATOM 623 C C8    . DG D 4 2  ? 11.19932  -1.90545  -20.87087 1.000 662.83454 ? 2  DG D C8    1 
ATOM 624 N N7    . DG D 4 2  ? 11.62680  -1.58927  -19.68039 1.000 667.27133 ? 2  DG D N7    1 
ATOM 625 C C5    . DG D 4 2  ? 11.96355  -2.80746  -19.10469 1.000 686.83931 ? 2  DG D C5    1 
ATOM 626 C C6    . DG D 4 2  ? 12.48600  -3.09370  -17.82188 1.000 695.31066 ? 2  DG D C6    1 
ATOM 627 O O6    . DG D 4 2  ? 12.76439  -2.29855  -16.91442 1.000 688.86816 ? 2  DG D O6    1 
ATOM 628 N N1    . DG D 4 2  ? 12.68293  -4.46030  -17.63762 1.000 700.64196 ? 2  DG D N1    1 
ATOM 629 C C2    . DG D 4 2  ? 12.40872  -5.42843  -18.57617 1.000 705.97346 ? 2  DG D C2    1 
ATOM 630 N N2    . DG D 4 2  ? 12.66198  -6.69703  -18.22122 1.000 717.91049 ? 2  DG D N2    1 
ATOM 631 N N3    . DG D 4 2  ? 11.91828  -5.17181  -19.78377 1.000 699.27231 ? 2  DG D N3    1 
ATOM 632 C C4    . DG D 4 2  ? 11.72157  -3.84450  -19.97781 1.000 687.53848 ? 2  DG D C4    1 
ATOM 633 P P     . DT D 4 3  ? 7.58845   -5.74274  -24.45315 1.000 714.00993 ? 3  DT D P     1 
ATOM 634 O OP1   . DT D 4 3  ? 7.38422   -6.80622  -25.46153 1.000 723.88951 ? 3  DT D OP1   1 
ATOM 635 O OP2   . DT D 4 3  ? 6.67258   -4.58182  -24.40878 1.000 712.01573 ? 3  DT D OP2   1 
ATOM 636 O "O5'" . DT D 4 3  ? 7.60023   -6.41126  -23.00222 1.000 688.79144 ? 3  DT D "O5'" 1 
ATOM 637 C "C5'" . DT D 4 3  ? 8.56513   -7.40981  -22.69495 1.000 685.37471 ? 3  DT D "C5'" 1 
ATOM 638 C "C4'" . DT D 4 3  ? 8.49171   -7.80309  -21.23152 1.000 665.14465 ? 3  DT D "C4'" 1 
ATOM 639 O "O4'" . DT D 4 3  ? 9.10249   -6.77711  -20.41896 1.000 665.13462 ? 3  DT D "O4'" 1 
ATOM 640 C "C3'" . DT D 4 3  ? 7.07200   -7.98499  -20.68273 1.000 663.52261 ? 3  DT D "C3'" 1 
ATOM 641 O "O3'" . DT D 4 3  ? 6.85588   -9.34408  -20.32221 1.000 666.79548 ? 3  DT D "O3'" 1 
ATOM 642 C "C2'" . DT D 4 3  ? 7.00696   -7.05216  -19.46134 1.000 649.63495 ? 3  DT D "C2'" 1 
ATOM 643 C "C1'" . DT D 4 3  ? 8.47282   -6.78295  -19.16839 1.000 644.06289 ? 3  DT D "C1'" 1 
ATOM 644 N N1    . DT D 4 3  ? 8.70758   -5.47474  -18.50090 1.000 650.79710 ? 3  DT D N1    1 
ATOM 645 C C2    . DT D 4 3  ? 9.25778   -5.45560  -17.23943 1.000 649.62546 ? 3  DT D C2    1 
ATOM 646 O O2    . DT D 4 3  ? 9.57920   -6.46447  -16.63591 1.000 640.58627 ? 3  DT D O2    1 
ATOM 647 N N3    . DT D 4 3  ? 9.42573   -4.20498  -16.70706 1.000 646.57078 ? 3  DT D N3    1 
ATOM 648 C C4    . DT D 4 3  ? 9.09966   -2.99635  -17.29665 1.000 645.11576 ? 3  DT D C4    1 
ATOM 649 O O4    . DT D 4 3  ? 9.28875   -1.92070  -16.73803 1.000 648.51825 ? 3  DT D O4    1 
ATOM 650 C C5    . DT D 4 3  ? 8.52077   -3.08797  -18.61679 1.000 650.65149 ? 3  DT D C5    1 
ATOM 651 C C7    . DT D 4 3  ? 8.12674   -1.84191  -19.35270 1.000 652.31986 ? 3  DT D C7    1 
ATOM 652 C C6    . DT D 4 3  ? 8.35149   -4.30883  -19.14871 1.000 654.54231 ? 3  DT D C6    1 
ATOM 653 P P     . DA D 4 4  ? 5.45496   -9.79516  -19.67841 1.000 602.95325 ? 4  DA D P     1 
ATOM 654 O OP1   . DA D 4 4  ? 5.26023   -11.23005 -19.99071 1.000 612.78826 ? 4  DA D OP1   1 
ATOM 655 O OP2   . DA D 4 4  ? 4.42428   -8.81131  -20.08411 1.000 604.07019 ? 4  DA D OP2   1 
ATOM 656 O "O5'" . DA D 4 4  ? 5.69846   -9.62467  -18.10757 1.000 589.22747 ? 4  DA D "O5'" 1 
ATOM 657 C "C5'" . DA D 4 4  ? 6.85320   -10.19948 -17.50602 1.000 584.87584 ? 4  DA D "C5'" 1 
ATOM 658 C "C4'" . DA D 4 4  ? 6.89282   -9.91285  -16.01486 1.000 572.69772 ? 4  DA D "C4'" 1 
ATOM 659 O "O4'" . DA D 4 4  ? 7.36612   -8.55641  -15.77454 1.000 564.09499 ? 4  DA D "O4'" 1 
ATOM 660 C "C3'" . DA D 4 4  ? 5.54621   -10.02194 -15.29775 1.000 571.08006 ? 4  DA D "C3'" 1 
ATOM 661 O "O3'" . DA D 4 4  ? 5.72337   -10.69706 -14.04983 1.000 565.63384 ? 4  DA D "O3'" 1 
ATOM 662 C "C2'" . DA D 4 4  ? 5.15651   -8.55895  -15.09580 1.000 563.62956 ? 4  DA D "C2'" 1 
ATOM 663 C "C1'" . DA D 4 4  ? 6.51522   -7.94320  -14.83670 1.000 556.43920 ? 4  DA D "C1'" 1 
ATOM 664 N N9    . DA D 4 4  ? 6.55444   -6.49885  -15.03552 1.000 551.42679 ? 4  DA D N9    1 
ATOM 665 C C8    . DA D 4 4  ? 6.15232   -5.80583  -16.14322 1.000 556.84272 ? 4  DA D C8    1 
ATOM 666 N N7    . DA D 4 4  ? 6.30503   -4.50608  -16.03790 1.000 550.45612 ? 4  DA D N7    1 
ATOM 667 C C5    . DA D 4 4  ? 6.84296   -4.33604  -14.77247 1.000 540.26425 ? 4  DA D C5    1 
ATOM 668 C C6    . DA D 4 4  ? 7.23722   -3.18877  -14.05357 1.000 530.50871 ? 4  DA D C6    1 
ATOM 669 N N6    . DA D 4 4  ? 7.14053   -1.94816  -14.53866 1.000 529.11513 ? 4  DA D N6    1 
ATOM 670 N N1    . DA D 4 4  ? 7.73462   -3.36833  -12.81162 1.000 522.79324 ? 4  DA D N1    1 
ATOM 671 C C2    . DA D 4 4  ? 7.82989   -4.61326  -12.33150 1.000 524.61716 ? 4  DA D C2    1 
ATOM 672 N N3    . DA D 4 4  ? 7.49294   -5.76559  -12.91184 1.000 533.21011 ? 4  DA D N3    1 
ATOM 673 C C4    . DA D 4 4  ? 7.00159   -5.55432  -14.14184 1.000 540.82425 ? 4  DA D C4    1 
ATOM 674 P P     . DG D 4 5  ? 4.46533   -11.31255 -13.26043 1.000 557.97475 ? 5  DG D P     1 
ATOM 675 O OP1   . DG D 4 5  ? 3.99560   -12.48357 -14.03315 1.000 570.22961 ? 5  DG D OP1   1 
ATOM 676 O OP2   . DG D 4 5  ? 3.52749   -10.21120 -12.94611 1.000 552.83313 ? 5  DG D OP2   1 
ATOM 677 O "O5'" . DG D 4 5  ? 5.09848   -11.82444 -11.88337 1.000 550.66769 ? 5  DG D "O5'" 1 
ATOM 678 C "C5'" . DG D 4 5  ? 6.27555   -11.21048 -11.37424 1.000 541.90226 ? 5  DG D "C5'" 1 
ATOM 679 C "C4'" . DG D 4 5  ? 5.92650   -10.15376 -10.34328 1.000 531.81741 ? 5  DG D "C4'" 1 
ATOM 680 O "O4'" . DG D 4 5  ? 6.00041   -8.84588  -10.93977 1.000 528.71243 ? 5  DG D "O4'" 1 
ATOM 681 C "C3'" . DG D 4 5  ? 4.51592   -10.26580 -9.75901  1.000 532.42945 ? 5  DG D "C3'" 1 
ATOM 682 O "O3'" . DG D 4 5  ? 4.58375   -10.77370 -8.42194  1.000 528.11272 ? 5  DG D "O3'" 1 
ATOM 683 C "C2'" . DG D 4 5  ? 3.95482   -8.83020  -9.81188  1.000 526.79803 ? 5  DG D "C2'" 1 
ATOM 684 C "C1'" . DG D 4 5  ? 5.15721   -7.98881  -10.22059 1.000 522.34787 ? 5  DG D "C1'" 1 
ATOM 685 N N9    . DG D 4 5  ? 4.81693   -6.85801  -11.07589 1.000 522.44791 ? 5  DG D N9    1 
ATOM 686 C C8    . DG D 4 5  ? 4.22988   -6.90329  -12.31629 1.000 531.09002 ? 5  DG D C8    1 
ATOM 687 N N7    . DG D 4 5  ? 4.05171   -5.72552  -12.84856 1.000 529.23582 ? 5  DG D N7    1 
ATOM 688 C C5    . DG D 4 5  ? 4.55742   -4.84481  -11.89840 1.000 518.54570 ? 5  DG D C5    1 
ATOM 689 C C6    . DG D 4 5  ? 4.64297   -3.42993  -11.91065 1.000 512.29329 ? 5  DG D C6    1 
ATOM 690 O O6    . DG D 4 5  ? 4.27507   -2.64809  -12.79270 1.000 514.90351 ? 5  DG D O6    1 
ATOM 691 N N1    . DG D 4 5  ? 5.22691   -2.93472  -10.74779 1.000 502.61116 ? 5  DG D N1    1 
ATOM 692 C C2    . DG D 4 5  ? 5.67288   -3.70667  -9.70444  1.000 499.55506 ? 5  DG D C2    1 
ATOM 693 N N2    . DG D 4 5  ? 6.20938   -3.05540  -8.66026  1.000 490.79450 ? 5  DG D N2    1 
ATOM 694 N N3    . DG D 4 5  ? 5.59846   -5.03131  -9.68017  1.000 505.22799 ? 5  DG D N3    1 
ATOM 695 C C4    . DG D 4 5  ? 5.03213   -5.52886  -10.80460 1.000 514.46607 ? 5  DG D C4    1 
ATOM 696 P P     . DT D 4 6  ? 3.32441   -10.66657 -7.42587  1.000 549.93605 ? 6  DT D P     1 
ATOM 697 O OP1   . DT D 4 6  ? 3.50246   -11.69831 -6.38099  1.000 550.39170 ? 6  DT D OP1   1 
ATOM 698 O OP2   . DT D 4 6  ? 2.07714   -10.65955 -8.21982  1.000 557.06836 ? 6  DT D OP2   1 
ATOM 699 O "O5'" . DT D 4 6  ? 3.50861   -9.23298  -6.74335  1.000 538.88904 ? 6  DT D "O5'" 1 
ATOM 700 C "C5'" . DT D 4 6  ? 4.78946   -8.85784  -6.24553  1.000 531.98054 ? 6  DT D "C5'" 1 
ATOM 701 C "C4'" . DT D 4 6  ? 4.76417   -7.47023  -5.62934  1.000 533.08445 ? 6  DT D "C4'" 1 
ATOM 702 O "O4'" . DT D 4 6  ? 4.63213   -6.45994  -6.66799  1.000 535.39486 ? 6  DT D "O4'" 1 
ATOM 703 C "C3'" . DT D 4 6  ? 3.62368   -7.20985  -4.64948  1.000 537.87108 ? 6  DT D "C3'" 1 
ATOM 704 O "O3'" . DT D 4 6  ? 4.10816   -6.39640  -3.59457  1.000 542.31621 ? 6  DT D "O3'" 1 
ATOM 705 C "C2'" . DT D 4 6  ? 2.61651   -6.45733  -5.51725  1.000 544.20484 ? 6  DT D "C2'" 1 
ATOM 706 C "C1'" . DT D 4 6  ? 3.55699   -5.60344  -6.34375  1.000 544.16145 ? 6  DT D "C1'" 1 
ATOM 707 N N1    . DT D 4 6  ? 2.97325   -5.08031  -7.61439  1.000 546.84492 ? 6  DT D N1    1 
ATOM 708 C C2    . DT D 4 6  ? 3.02412   -3.72762  -7.87063  1.000 550.29631 ? 6  DT D C2    1 
ATOM 709 O O2    . DT D 4 6  ? 3.50980   -2.91936  -7.09935  1.000 550.56393 ? 6  DT D O2    1 
ATOM 710 N N3    . DT D 4 6  ? 2.48173   -3.35243  -9.07198  1.000 554.77006 ? 6  DT D N3    1 
ATOM 711 C C4    . DT D 4 6  ? 1.90760   -4.17746  -10.02223 1.000 554.61803 ? 6  DT D C4    1 
ATOM 712 O O4    . DT D 4 6  ? 1.44478   -3.74778  -11.07296 1.000 558.12545 ? 6  DT D O4    1 
ATOM 713 C C5    . DT D 4 6  ? 1.89155   -5.58198  -9.69336  1.000 555.26735 ? 6  DT D C5    1 
ATOM 714 C C7    . DT D 4 6  ? 1.29158   -6.57052  -10.64895 1.000 552.39398 ? 6  DT D C7    1 
ATOM 715 C C6    . DT D 4 6  ? 2.42114   -5.96177  -8.52038  1.000 550.87276 ? 6  DT D C6    1 
ATOM 716 P P     . DC D 4 7  ? 3.31598   -6.27847  -2.20308  1.000 581.37413 ? 7  DC D P     1 
ATOM 717 O OP1   . DC D 4 7  ? 3.90466   -7.27244  -1.27746  1.000 580.93928 ? 7  DC D OP1   1 
ATOM 718 O OP2   . DC D 4 7  ? 1.86182   -6.29580  -2.47946  1.000 581.79089 ? 7  DC D OP2   1 
ATOM 719 O "O5'" . DC D 4 7  ? 3.69934   -4.81170  -1.69555  1.000 574.97109 ? 7  DC D "O5'" 1 
ATOM 720 C "C5'" . DC D 4 7  ? 4.01831   -3.79482  -2.64914  1.000 574.55043 ? 7  DC D "C5'" 1 
ATOM 721 C "C4'" . DC D 4 7  ? 3.26572   -2.51530  -2.34232  1.000 568.17982 ? 7  DC D "C4'" 1 
ATOM 722 O "O4'" . DC D 4 7  ? 2.59272   -2.04722  -3.54254  1.000 568.25824 ? 7  DC D "O4'" 1 
ATOM 723 C "C3'" . DC D 4 7  ? 2.16614   -2.66517  -1.30571  1.000 564.87369 ? 7  DC D "C3'" 1 
ATOM 724 O "O3'" . DC D 4 7  ? 1.92963   -1.41627  -0.67600  1.000 558.63022 ? 7  DC D "O3'" 1 
ATOM 725 C "C2'" . DC D 4 7  ? 0.98889   -3.07769  -2.17541  1.000 568.42588 ? 7  DC D "C2'" 1 
ATOM 726 C "C1'" . DC D 4 7  ? 1.19070   -2.16097  -3.37584  1.000 568.61822 ? 7  DC D "C1'" 1 
ATOM 727 N N1    . DC D 4 7  ? 0.61085   -2.68714  -4.64429  1.000 572.89636 ? 7  DC D N1    1 
ATOM 728 C C2    . DC D 4 7  ? 0.37434   -1.81294  -5.71222  1.000 568.63499 ? 7  DC D C2    1 
ATOM 729 O O2    . DC D 4 7  ? 0.64813   -0.61419  -5.57863  1.000 562.30042 ? 7  DC D O2    1 
ATOM 730 N N3    . DC D 4 7  ? -0.14721  -2.30921  -6.86294  1.000 577.29679 ? 7  DC D N3    1 
ATOM 731 C C4    . DC D 4 7  ? -0.42560  -3.61110  -6.96215  1.000 584.95451 ? 7  DC D C4    1 
ATOM 732 N N4    . DC D 4 7  ? -0.93912  -4.05972  -8.11251  1.000 594.08471 ? 7  DC D N4    1 
ATOM 733 C C5    . DC D 4 7  ? -0.19109  -4.51339  -5.88460  1.000 585.32636 ? 7  DC D C5    1 
ATOM 734 C C6    . DC D 4 7  ? 0.32355   -4.01384  -4.75710  1.000 580.25349 ? 7  DC D C6    1 
ATOM 735 P P     . DA D 4 8  ? 2.74104   -1.00990  0.64991   1.000 534.17489 ? 8  DA D P     1 
ATOM 736 O OP1   . DA D 4 8  ? 4.18129   -1.25627  0.41813   1.000 534.21743 ? 8  DA D OP1   1 
ATOM 737 O OP2   . DA D 4 8  ? 2.06361   -1.66521  1.78987   1.000 535.54832 ? 8  DA D OP2   1 
ATOM 738 O "O5'" . DA D 4 8  ? 2.50414   0.56776   0.77410   1.000 527.00570 ? 8  DA D "O5'" 1 
ATOM 739 C "C5'" . DA D 4 8  ? 2.19380   1.33963   -0.38011  1.000 526.96496 ? 8  DA D "C5'" 1 
ATOM 740 C "C4'" . DA D 4 8  ? 0.71948   1.71000   -0.40272  1.000 527.09144 ? 8  DA D "C4'" 1 
ATOM 741 O "O4'" . DA D 4 8  ? 0.09769   1.11011   -1.55006  1.000 534.20681 ? 8  DA D "O4'" 1 
ATOM 742 C "C3'" . DA D 4 8  ? -0.08533  1.21267   0.78853   1.000 527.32542 ? 8  DA D "C3'" 1 
ATOM 743 O "O3'" . DA D 4 8  ? -0.10776  2.21013   1.80133   1.000 520.23783 ? 8  DA D "O3'" 1 
ATOM 744 C "C2'" . DA D 4 8  ? -1.49167  0.97845   0.21218   1.000 532.28242 ? 8  DA D "C2'" 1 
ATOM 745 C "C1'" . DA D 4 8  ? -1.28213  0.95963   -1.30839  1.000 536.43911 ? 8  DA D "C1'" 1 
ATOM 746 N N9    . DA D 4 8  ? -1.72105  -0.27886  -1.94440  1.000 545.51514 ? 8  DA D N9    1 
ATOM 747 C C8    . DA D 4 8  ? -1.76999  -1.52144  -1.37954  1.000 550.21163 ? 8  DA D C8    1 
ATOM 748 N N7    . DA D 4 8  ? -2.19992  -2.45682  -2.19394  1.000 558.79884 ? 8  DA D N7    1 
ATOM 749 C C5    . DA D 4 8  ? -2.45210  -1.77949  -3.37457  1.000 559.95264 ? 8  DA D C5    1 
ATOM 750 C C6    . DA D 4 8  ? -2.93117  -2.20482  -4.62986  1.000 568.29971 ? 8  DA D C6    1 
ATOM 751 N N6    . DA D 4 8  ? -3.25324  -3.47353  -4.90388  1.000 577.24049 ? 8  DA D N6    1 
ATOM 752 N N1    . DA D 4 8  ? -3.06966  -1.27192  -5.59468  1.000 567.73434 ? 8  DA D N1    1 
ATOM 753 C C2    . DA D 4 8  ? -2.74619  -0.00321  -5.31684  1.000 559.15161 ? 8  DA D C2    1 
ATOM 754 N N3    . DA D 4 8  ? -2.28796  0.51487   -4.17779  1.000 550.80767 ? 8  DA D N3    1 
ATOM 755 C C4    . DA D 4 8  ? -2.16008  -0.43579  -3.23916  1.000 551.76887 ? 8  DA D C4    1 
ATOM 756 P P     . DC D 4 9  ? 0.64500   1.97759   3.20262   1.000 543.06955 ? 9  DC D P     1 
ATOM 757 O OP1   . DC D 4 9  ? 1.33678   0.67244   3.16947   1.000 541.49540 ? 9  DC D OP1   1 
ATOM 758 O OP2   . DC D 4 9  ? -0.34531  2.22742   4.27056   1.000 546.47507 ? 9  DC D OP2   1 
ATOM 759 O "O5'" . DC D 4 9  ? 1.73076   3.15305   3.24447   1.000 537.17760 ? 9  DC D "O5'" 1 
ATOM 760 C "C5'" . DC D 4 9  ? 2.90230   3.01691   4.03879   1.000 531.00308 ? 9  DC D "C5'" 1 
ATOM 761 C "C4'" . DC D 4 9  ? 3.18223   4.29363   4.80977   1.000 525.37247 ? 9  DC D "C4'" 1 
ATOM 762 O "O4'" . DC D 4 9  ? 2.04962   4.58753   5.67103   1.000 533.95271 ? 9  DC D "O4'" 1 
ATOM 763 C "C3'" . DC D 4 9  ? 4.38123   4.22315   5.74493   1.000 521.69892 ? 9  DC D "C3'" 1 
ATOM 764 O "O3'" . DC D 4 9  ? 4.90176   5.53312   5.97145   1.000 509.46603 ? 9  DC D "O3'" 1 
ATOM 765 C "C2'" . DC D 4 9  ? 3.74540   3.65699   7.00283   1.000 534.77017 ? 9  DC D "C2'" 1 
ATOM 766 C "C1'" . DC D 4 9  ? 2.43264   4.42834   7.02463   1.000 536.56132 ? 9  DC D "C1'" 1 
ATOM 767 N N1    . DC D 4 9  ? 1.34057   3.72768   7.75428   1.000 551.12813 ? 9  DC D N1    1 
ATOM 768 C C2    . DC D 4 9  ? 1.10296   4.03663   9.09538   1.000 562.88407 ? 9  DC D C2    1 
ATOM 769 O O2    . DC D 4 9  ? 1.80987   4.88830   9.64423   1.000 563.54176 ? 9  DC D O2    1 
ATOM 770 N N3    . DC D 4 9  ? 0.10680   3.39058   9.75206   1.000 572.20749 ? 9  DC D N3    1 
ATOM 771 C C4    . DC D 4 9  ? -0.62897  2.47732   9.11480   1.000 572.67295 ? 9  DC D C4    1 
ATOM 772 N N4    . DC D 4 9  ? -1.60227  1.86478   9.79864   1.000 579.64209 ? 9  DC D N4    1 
ATOM 773 C C5    . DC D 4 9  ? -0.40007  2.15105   7.74569   1.000 561.18875 ? 9  DC D C5    1 
ATOM 774 C C6    . DC D 4 9  ? 0.58563   2.79372   7.11203   1.000 553.50265 ? 9  DC D C6    1 
ATOM 775 P P     . DC D 4 10 ? 6.38794   5.72920   6.55464   1.000 509.04473 ? 10 DC D P     1 
ATOM 776 O OP1   . DC D 4 10 ? 7.15361   6.51589   5.56283   1.000 504.39787 ? 10 DC D OP1   1 
ATOM 777 O OP2   . DC D 4 10 ? 6.88770   4.40479   6.98450   1.000 512.35649 ? 10 DC D OP2   1 
ATOM 778 O "O5'" . DC D 4 10 ? 6.17808   6.62393   7.86659   1.000 509.37246 ? 10 DC D "O5'" 1 
ATOM 779 C "C5'" . DC D 4 10 ? 5.19567   6.25718   8.82953   1.000 518.63730 ? 10 DC D "C5'" 1 
ATOM 780 C "C4'" . DC D 4 10 ? 5.80148   6.15924   10.21745  1.000 519.63001 ? 10 DC D "C4'" 1 
ATOM 781 O "O4'" . DC D 4 10 ? 4.86180   5.49399   11.10449  1.000 533.62201 ? 10 DC D "O4'" 1 
ATOM 782 C "C3'" . DC D 4 10 ? 7.07825   5.33610   10.30560  1.000 516.49594 ? 10 DC D "C3'" 1 
ATOM 783 O "O3'" . DC D 4 10 ? 7.84723   5.77105   11.41812  1.000 513.58611 ? 10 DC D "O3'" 1 
ATOM 784 C "C2'" . DC D 4 10 ? 6.52606   3.93667   10.53184  1.000 529.37600 ? 10 DC D "C2'" 1 
ATOM 785 C "C1'" . DC D 4 10 ? 5.38195   4.23408   11.49202  1.000 539.60402 ? 10 DC D "C1'" 1 
ATOM 786 N N1    . DC D 4 10 ? 4.28142   3.22970   11.44278  1.000 562.11937 ? 10 DC D N1    1 
ATOM 787 C C2    . DC D 4 10 ? 3.52855   2.97178   12.59331  1.000 574.40355 ? 10 DC D C2    1 
ATOM 788 O O2    . DC D 4 10 ? 3.79373   3.58828   13.63200  1.000 571.52717 ? 10 DC D O2    1 
ATOM 789 N N3    . DC D 4 10 ? 2.52829   2.05603   12.53125  1.000 577.49699 ? 10 DC D N3    1 
ATOM 790 C C4    . DC D 4 10 ? 2.27938   1.41690   11.38553  1.000 583.73439 ? 10 DC D C4    1 
ATOM 791 N N4    . DC D 4 10 ? 1.28619   0.52153   11.36667  1.000 585.09699 ? 10 DC D N4    1 
ATOM 792 C C5    . DC D 4 10 ? 3.04051   1.66521   10.20616  1.000 564.42114 ? 10 DC D C5    1 
ATOM 793 C C6    . DC D 4 10 ? 4.02048   2.57013   10.27982  1.000 554.16706 ? 10 DC D C6    1 
ATOM 794 P P     . DA D 4 11 ? 9.42554   5.47733   11.48946  1.000 487.01890 ? 11 DA D P     1 
ATOM 795 O OP1   . DA D 4 11 ? 10.12591  6.68602   11.00191  1.000 480.53580 ? 11 DA D OP1   1 
ATOM 796 O OP2   . DA D 4 11 ? 9.68441   4.16989   10.84671  1.000 488.23551 ? 11 DA D OP2   1 
ATOM 797 O "O5'" . DA D 4 11 ? 9.70525   5.31572   13.05586  1.000 492.11468 ? 11 DA D "O5'" 1 
ATOM 798 C "C5'" . DA D 4 11 ? 9.27973   6.32978   13.96018  1.000 488.11246 ? 11 DA D "C5'" 1 
ATOM 799 C "C4'" . DA D 4 11 ? 8.97084   5.74761   15.33044  1.000 496.32837 ? 11 DA D "C4'" 1 
ATOM 800 O "O4'" . DA D 4 11 ? 7.77599   4.92581   15.25731  1.000 507.28552 ? 11 DA D "O4'" 1 
ATOM 801 C "C3'" . DA D 4 11 ? 10.06301  4.86352   15.92171  1.000 502.28093 ? 11 DA D "C3'" 1 
ATOM 802 O "O3'" . DA D 4 11 ? 10.16885  5.09557   17.31909  1.000 485.32410 ? 11 DA D "O3'" 1 
ATOM 803 C "C2'" . DA D 4 11 ? 9.57439   3.44849   15.61725  1.000 497.01019 ? 11 DA D "C2'" 1 
ATOM 804 C "C1'" . DA D 4 11 ? 8.05906   3.60573   15.67702  1.000 503.00467 ? 11 DA D "C1'" 1 
ATOM 805 N N9    . DA D 4 11 ? 7.34761   2.69041   14.78694  1.000 531.93724 ? 11 DA D N9    1 
ATOM 806 C C8    . DA D 4 11 ? 7.60931   2.47136   13.46435  1.000 533.88714 ? 11 DA D C8    1 
ATOM 807 N N7    . DA D 4 11 ? 6.80844   1.59965   12.90174  1.000 538.70413 ? 11 DA D N7    1 
ATOM 808 C C5    . DA D 4 11 ? 5.95629   1.22040   13.92400  1.000 546.59802 ? 11 DA D C5    1 
ATOM 809 C C6    . DA D 4 11 ? 4.87787   0.31592   13.96862  1.000 558.16611 ? 11 DA D C6    1 
ATOM 810 N N6    . DA D 4 11 ? 4.46947   -0.38752  12.90911  1.000 578.48014 ? 11 DA D N6    1 
ATOM 811 N N1    . DA D 4 11 ? 4.23375   0.16386   15.14498  1.000 561.61189 ? 11 DA D N1    1 
ATOM 812 C C2    . DA D 4 11 ? 4.64899   0.87385   16.20328  1.000 559.33454 ? 11 DA D C2    1 
ATOM 813 N N3    . DA D 4 11 ? 5.65206   1.75393   16.28283  1.000 541.01723 ? 11 DA D N3    1 
ATOM 814 C C4    . DA D 4 11 ? 6.27082   1.88224   15.09605  1.000 529.75612 ? 11 DA D C4    1 
ATOM 815 P P     . DC D 4 12 ? 11.41117  4.50245   18.14703  1.000 503.74159 ? 12 DC D P     1 
ATOM 816 O OP1   . DC D 4 12 ? 11.81526  5.52001   19.14233  1.000 503.95459 ? 12 DC D OP1   1 
ATOM 817 O OP2   . DC D 4 12 ? 12.40269  3.99145   17.17473  1.000 504.42138 ? 12 DC D OP2   1 
ATOM 818 O "O5'" . DC D 4 12 ? 10.78596  3.24850   18.91465  1.000 509.17321 ? 12 DC D "O5'" 1 
ATOM 819 C "C5'" . DC D 4 12 ? 9.61269   3.41499   19.69940  1.000 509.63899 ? 12 DC D "C5'" 1 
ATOM 820 C "C4'" . DC D 4 12 ? 8.89828   2.09056   19.88625  1.000 514.53619 ? 12 DC D "C4'" 1 
ATOM 821 O "O4'" . DC D 4 12 ? 8.35555   1.65209   18.62530  1.000 512.18596 ? 12 DC D "O4'" 1 
ATOM 822 C "C3'" . DC D 4 12 ? 9.78969   0.94179   20.36870  1.000 521.11127 ? 12 DC D "C3'" 1 
ATOM 823 O "O3'" . DC D 4 12 ? 9.56240   0.62905   21.78043  1.000 527.15500 ? 12 DC D "O3'" 1 
ATOM 824 C "C2'" . DC D 4 12 ? 9.46434   -0.23664  19.42797  1.000 522.52204 ? 12 DC D "C2'" 1 
ATOM 825 C "C1'" . DC D 4 12 ? 8.23176   0.25923   18.67736  1.000 517.86216 ? 12 DC D "C1'" 1 
ATOM 826 N N1    . DC D 4 12 ? 8.10352   -0.27610  17.29049  1.000 516.39189 ? 12 DC D N1    1 
ATOM 827 C C2    . DC D 4 12 ? 7.09425   -1.19820  17.00842  1.000 519.64186 ? 12 DC D C2    1 
ATOM 828 O O2    . DC D 4 12 ? 6.33821   -1.54588  17.92149  1.000 523.65028 ? 12 DC D O2    1 
ATOM 829 N N3    . DC D 4 12 ? 6.98006   -1.68557  15.74800  1.000 519.06218 ? 12 DC D N3    1 
ATOM 830 C C4    . DC D 4 12 ? 7.82484   -1.27946  14.79824  1.000 515.39072 ? 12 DC D C4    1 
ATOM 831 N N4    . DC D 4 12 ? 7.67510   -1.78303  13.56737  1.000 515.63709 ? 12 DC D N4    1 
ATOM 832 C C5    . DC D 4 12 ? 8.86086   -0.33548  15.06775  1.000 512.08490 ? 12 DC D C5    1 
ATOM 833 C C6    . DC D 4 12 ? 8.96314   0.13376   16.31624  1.000 512.72434 ? 12 DC D C6    1 
ATOM 834 P P     . DG D 4 13 ? 8.09084   0.49377   22.43551  1.000 556.47267 ? 13 DG D P     1 
ATOM 835 O OP1   . DG D 4 13 ? 7.39500   1.79994   22.44669  1.000 544.52618 ? 13 DG D OP1   1 
ATOM 836 O OP2   . DG D 4 13 ? 8.29836   -0.18794  23.73046  1.000 562.80050 ? 13 DG D OP2   1 
ATOM 837 O "O5'" . DG D 4 13 ? 7.31256   -0.54052  21.49683  1.000 561.12705 ? 13 DG D "O5'" 1 
ATOM 838 C "C5'" . DG D 4 13 ? 6.09192   -1.12547  21.93337  1.000 581.45725 ? 13 DG D "C5'" 1 
ATOM 839 C "C4'" . DG D 4 13 ? 6.21411   -2.63800  22.00582  1.000 586.63737 ? 13 DG D "C4'" 1 
ATOM 840 O "O4'" . DG D 4 13 ? 6.20017   -3.19669  20.66426  1.000 590.36910 ? 13 DG D "O4'" 1 
ATOM 841 C "C3'" . DG D 4 13 ? 7.49534   -3.15249  22.66828  1.000 590.34050 ? 13 DG D "C3'" 1 
ATOM 842 O "O3'" . DG D 4 13 ? 7.18843   -4.21832  23.55807  1.000 600.81850 ? 13 DG D "O3'" 1 
ATOM 843 C "C2'" . DG D 4 13 ? 8.33269   -3.63339  21.48428  1.000 590.23031 ? 13 DG D "C2'" 1 
ATOM 844 C "C1'" . DG D 4 13 ? 7.25136   -4.12511  20.53933  1.000 601.24854 ? 13 DG D "C1'" 1 
ATOM 845 N N9    . DG D 4 13 ? 7.66887   -4.17448  19.14091  1.000 601.83160 ? 13 DG D N9    1 
ATOM 846 C C8    . DG D 4 13 ? 8.69070   -3.46668  18.55697  1.000 611.34530 ? 13 DG D C8    1 
ATOM 847 N N7    . DG D 4 13 ? 8.83276   -3.71340  17.28407  1.000 613.71081 ? 13 DG D N7    1 
ATOM 848 C C5    . DG D 4 13 ? 7.84227   -4.64682  17.00571  1.000 611.28469 ? 13 DG D C5    1 
ATOM 849 C C6    . DG D 4 13 ? 7.51002   -5.28773  15.78841  1.000 628.10698 ? 13 DG D C6    1 
ATOM 850 O O6    . DG D 4 13 ? 8.04346   -5.15057  14.67943  1.000 631.24080 ? 13 DG D O6    1 
ATOM 851 N N1    . DG D 4 13 ? 6.43969   -6.16625  15.94328  1.000 641.53863 ? 13 DG D N1    1 
ATOM 852 C C2    . DG D 4 13 ? 5.77706   -6.39719  17.12633  1.000 638.93911 ? 13 DG D C2    1 
ATOM 853 N N2    . DG D 4 13 ? 4.76584   -7.27684  17.08701  1.000 649.28024 ? 13 DG D N2    1 
ATOM 854 N N3    . DG D 4 13 ? 6.07735   -5.79856  18.27222  1.000 625.72254 ? 13 DG D N3    1 
ATOM 855 C C4    . DG D 4 13 ? 7.11826   -4.94191  18.13809  1.000 616.36522 ? 13 DG D C4    1 
# 
loop_
_atom_site_anisotrop.id 
_atom_site_anisotrop.type_symbol 
_atom_site_anisotrop.pdbx_label_atom_id 
_atom_site_anisotrop.pdbx_label_alt_id 
_atom_site_anisotrop.pdbx_label_comp_id 
_atom_site_anisotrop.pdbx_label_asym_id 
_atom_site_anisotrop.pdbx_label_seq_id 
_atom_site_anisotrop.pdbx_PDB_ins_code 
_atom_site_anisotrop.U[1][1] 
_atom_site_anisotrop.U[2][2] 
_atom_site_anisotrop.U[3][3] 
_atom_site_anisotrop.U[1][2] 
_atom_site_anisotrop.U[1][3] 
_atom_site_anisotrop.U[2][3] 
_atom_site_anisotrop.pdbx_auth_seq_id 
_atom_site_anisotrop.pdbx_auth_comp_id 
_atom_site_anisotrop.pdbx_auth_asym_id 
_atom_site_anisotrop.pdbx_auth_atom_id 
1   O "O5'" . DG A 1  ? 10.92970 4.55089  8.75280  -1.69628 1.61603  1.86938  6  DG A "O5'" 
2   C "C5'" . DG A 1  ? 11.07153 4.64032  8.99502  -1.69136 1.69220  1.94293  6  DG A "C5'" 
3   C "C4'" . DG A 1  ? 10.99715 4.53826  9.13209  -1.64120 1.58884  1.95666  6  DG A "C4'" 
4   O "O4'" . DG A 1  ? 10.79147 4.37112  9.23460  -1.63269 1.51300  1.84851  6  DG A "O4'" 
5   C "C3'" . DG A 1  ? 10.97726 4.51375  8.90531  -1.58740 1.46887  2.01078  6  DG A "C3'" 
6   O "O3'" . DG A 1  ? 11.05202 4.51464  9.07502  -1.54138 1.43478  2.07449  6  DG A "O3'" 
7   C "C2'" . DG A 1  ? 10.74070 4.34025  8.77831  -1.57434 1.34162  1.91287  6  DG A "C2'" 
8   C "C1'" . DG A 1  ? 10.63466 4.24377  9.06511  -1.58505 1.35767  1.82864  6  DG A "C1'" 
9   N N9    . DG A 1  ? 10.45627 4.11931  8.98312  -1.59351 1.29878  1.71395  6  DG A N9    
10  C C8    . DG A 1  ? 10.45844 4.14034  8.76766  -1.62964 1.32439  1.67249  6  DG A C8    
11  N N7    . DG A 1  ? 10.30564 4.01098  8.74640  -1.62433 1.25343  1.56472  6  DG A N7    
12  C C5    . DG A 1  ? 10.17867 3.89968  8.96036  -1.57999 1.17421  1.53149  6  DG A C5    
13  C C6    . DG A 1  ? 9.99310  3.74720  9.03861  -1.54873 1.07015  1.42074  6  DG A C6    
14  O O6    . DG A 1  ? 9.91135  3.67378  8.93547  -1.55085 1.02791  1.32890  6  DG A O6    
15  N N1    . DG A 1  ? 9.91934  3.68817  9.25453  -1.50973 1.00592  1.41931  6  DG A N1    
16  C C2    . DG A 1  ? 10.02849 3.76420  9.38277  -1.50438 1.04090  1.51356  6  DG A C2    
17  N N2    . DG A 1  ? 9.95828  3.69839  9.57410  -1.47081 0.96379  1.48995  6  DG A N2    
18  N N3    . DG A 1  ? 10.21318 3.90353  9.32035  -1.52870 1.13960  1.61978  6  DG A N3    
19  C C4    . DG A 1  ? 10.27093 3.96520  9.10574  -1.56459 1.20089  1.62190  6  DG A C4    
20  P P     . DA A 2  ? 11.08738 4.50791  8.88353  -1.46813 1.32134  2.14553  7  DA A P     
21  O OP1   . DA A 2  ? 11.30221 4.60526  9.06603  -1.43437 1.35977  2.24085  7  DA A OP1   
22  O OP2   . DA A 2  ? 11.10492 4.57858  8.53698  -1.48077 1.30688  2.15497  7  DA A OP2   
23  O "O5'" . DA A 2  ? 10.85093 4.30679  8.91318  -1.42715 1.17217  2.06929  7  DA A "O5'" 
24  C "C5'" . DA A 2  ? 10.78125 4.21929  9.21850  -1.41895 1.15245  2.03197  7  DA A "C5'" 
25  C "C4'" . DA A 2  ? 10.52693 4.03249  9.19385  -1.38384 1.00572  1.94181  7  DA A "C4'" 
26  O "O4'" . DA A 2  ? 10.37079 3.96578  9.11225  -1.42816 1.01146  1.84122  7  DA A "O4'" 
27  C "C3'" . DA A 2  ? 10.48223 3.98430  8.94345  -1.32009 0.87850  1.96637  7  DA A "C3'" 
28  O "O3'" . DA A 2  ? 10.44592 3.90510  9.09455  -1.25005 0.77917  1.97863  7  DA A "O3'" 
29  C "C2'" . DA A 2  ? 10.27012 3.87434  8.74284  -1.34526 0.80626  1.86211  7  DA A "C2'" 
30  C "C1'" . DA A 2  ? 10.17683 3.82911  8.94791  -1.39335 0.87066  1.77875  7  DA A "C1'" 
31  N N9    . DA A 2  ? 10.09328 3.80490  8.76265  -1.44003 0.88105  1.70147  7  DA A N9    
32  C C8    . DA A 2  ? 10.21299 3.92017  8.54913  -1.49145 0.96152  1.72724  7  DA A C8    
33  N N7    . DA A 2  ? 10.12016 3.86924  8.41578  -1.52750 0.94438  1.63809  7  DA A N7    
34  C C5    . DA A 2  ? 9.92343  3.70909  8.55292  -1.49120 0.84657  1.54809  7  DA A C5    
35  C C6    . DA A 2  ? 9.76732  3.59355  8.51440  -1.49416 0.77961  1.42885  7  DA A C6    
36  N N6    . DA A 2  ? 9.80031  3.62010  8.31625  -1.54233 0.80428  1.37922  7  DA A N6    
37  N N1    . DA A 2  ? 9.59009  3.45743  8.68651  -1.44305 0.67922  1.36045  7  DA A N1    
38  C C2    . DA A 2  ? 9.57434  3.43909  8.87807  -1.40078 0.64580  1.40788  7  DA A C2    
39  N N3    . DA A 2  ? 9.72500  3.53663  8.93451  -1.39590 0.70250  1.51816  7  DA A N3    
40  C C4    . DA A 2  ? 9.89589  3.66973  8.76539  -1.43926 0.80485  1.58506  7  DA A C4    
41  P P     . DG A 3  ? 10.19178 3.62530  8.64335  -1.16545 0.63417  2.00354  8  DG A P     
42  O OP1   . DG A 3  ? 10.30516 3.63482  8.84223  -1.08953 0.59700  2.06764  8  DG A OP1   
43  O OP2   . DG A 3  ? 10.31481 3.74141  8.30528  -1.18598 0.64295  2.04677  8  DG A OP2   
44  O "O5'" . DG A 3  ? 9.89260  3.44268  8.60373  -1.15998 0.51271  1.88005  8  DG A "O5'" 
45  C "C5'" . DG A 3  ? 9.72613  3.32627  8.88996  -1.15267 0.48149  1.81115  8  DG A "C5'" 
46  C "C4'" . DG A 3  ? 9.45449  3.17884  8.80636  -1.15279 0.38948  1.68831  8  DG A "C4'" 
47  O "O4'" . DG A 3  ? 9.43903  3.20680  8.66528  -1.22828 0.45660  1.64024  8  DG A "O4'" 
48  C "C3'" . DG A 3  ? 9.37246  3.12241  8.54430  -1.09645 0.25602  1.66310  8  DG A "C3'" 
49  O "O3'" . DG A 3  ? 9.14108  2.97756  8.64926  -1.04001 0.18377  1.56057  8  DG A "O3'" 
50  C "C2'" . DG A 3  ? 9.37365  3.16221  8.22640  -1.17251 0.24657  1.62802  8  DG A "C2'" 
51  C "C1'" . DG A 3  ? 9.31373  3.14249  8.39008  -1.22906 0.36151  1.57178  8  DG A "C1'" 
52  N N9    . DG A 3  ? 9.40292  3.22969  8.16246  -1.30876 0.42784  1.56765  8  DG A N9    
53  C C8    . DG A 3  ? 9.62170  3.38742  8.01502  -1.34866 0.51431  1.65965  8  DG A C8    
54  N N7    . DG A 3  ? 9.65138  3.44209  7.82330  -1.42060 0.55971  1.62686  8  DG A N7    
55  C C5    . DG A 3  ? 9.45482  3.30887  7.84351  -1.42547 0.49604  1.50624  8  DG A C5    
56  C C6    . DG A 3  ? 9.41559  3.29849  7.68894  -1.48411 0.50110  1.42176  8  DG A C6    
57  O O6    . DG A 3  ? 9.54273  3.40809  7.49937  -1.55170 0.56745  1.43693  8  DG A O6    
58  N N1    . DG A 3  ? 9.21522  3.15064  7.77696  -1.45248 0.41759  1.30792  8  DG A N1    
59  C C2    . DG A 3  ? 9.05379  3.03229  7.98763  -1.37653 0.34309  1.27792  8  DG A C2    
60  N N2    . DG A 3  ? 8.86841  2.91050  8.04449  -1.34742 0.27295  1.16094  8  DG A N2    
61  N N3    . DG A 3  ? 9.08246  3.04048  8.13401  -1.32730 0.33922  1.35532  8  DG A N3    
62  C C4    . DG A 3  ? 9.29435  3.17956  8.05149  -1.35468 0.41566  1.46818  8  DG A C4    
63  P P     . DC A 4  ? 8.97926  2.87618  8.36340  -0.97755 -0.01350 1.51896  9  DC A P     
64  O OP1   . DC A 4  ? 8.89491  2.80379  8.55713  -0.88819 -0.02926 1.47094  9  DC A OP1   
65  O OP2   . DC A 4  ? 9.17274  2.99723  8.11358  -0.98530 -0.09815 1.62287  9  DC A OP2   
66  O "O5'" . DC A 4  ? 8.77630  2.80067  8.17972  -1.02686 -0.07728 1.39430  9  DC A "O5'" 
67  C "C5'" . DC A 4  ? 8.60771  2.69565  8.33554  -1.01534 -0.00699 1.27165  9  DC A "C5'" 
68  C "C4'" . DC A 4  ? 8.48264  2.65805  8.14057  -1.06987 -0.05990 1.17813  9  DC A "C4'" 
69  O "O4'" . DC A 4  ? 8.63110  2.74476  8.04020  -1.15906 0.01252  1.23391  9  DC A "O4'" 
70  C "C3'" . DC A 4  ? 8.38138  2.64850  7.85212  -1.07034 -0.26167 1.14065  9  DC A "C3'" 
71  O "O3'" . DC A 4  ? 8.17992  2.55773  7.81827  -1.05643 -0.30582 1.00337  9  DC A "O3'" 
72  C "C2'" . DC A 4  ? 8.55049  2.75375  7.57816  -1.17239 -0.27586 1.20117  9  DC A "C2'" 
73  C "C1'" . DC A 4  ? 8.62534  2.77255  7.70731  -1.21867 -0.09689 1.20058  9  DC A "C1'" 
74  N N1    . DC A 4  ? 8.85201  2.91189  7.52665  -1.30341 -0.02497 1.28855  9  DC A N1    
75  C C2    . DC A 4  ? 8.88788  2.95111  7.32978  -1.38937 0.00364  1.23881  9  DC A C2    
76  O O2    . DC A 4  ? 8.74102  2.86370  7.31500  -1.38896 -0.04320 1.12634  9  DC A O2    
77  N N3    . DC A 4  ? 9.09200  3.09493  7.15607  -1.46518 0.08403  1.31303  9  DC A N3    
78  C C4    . DC A 4  ? 9.25567  3.19811  7.17588  -1.45039 0.13476  1.43321  9  DC A C4    
79  N N4    . DC A 4  ? 9.44744  3.35512  6.99974  -1.51909 0.22138  1.50004  9  DC A N4    
80  C C5    . DC A 4  ? 9.23972  3.15616  7.37721  -1.35782 0.09913  1.48799  9  DC A C5    
81  C C6    . DC A 4  ? 9.03540  3.01229  7.54812  -1.29053 0.01958  1.41241  9  DC A C6    
82  P P     . DC A 5  ? 8.57279  3.08093  8.17138  -1.03063 -0.51129 0.93643  10 DC A P     
83  O OP1   . DC A 5  ? 8.38311  2.99484  8.31024  -0.94850 -0.50574 0.83059  10 DC A OP1   
84  O OP2   . DC A 5  ? 8.67356  3.14969  8.06250  -1.02295 -0.63227 1.03771  10 DC A OP2   
85  O "O5'" . DC A 5  ? 8.57553  3.09669  7.90442  -1.12864 -0.56082 0.87578  10 DC A "O5'" 
86  C "C5'" . DC A 5  ? 8.48068  3.03602  7.94729  -1.12983 -0.49517 0.76642  10 DC A "C5'" 
87  C "C4'" . DC A 5  ? 8.63386  3.15327  7.75280  -1.23524 -0.52470 0.73836  10 DC A "C4'" 
88  O "O4'" . DC A 5  ? 8.88232  3.28062  7.73107  -1.31145 -0.43228 0.83908  10 DC A "O4'" 
89  C "C3'" . DC A 5  ? 8.66642  3.24191  7.49773  -1.29458 -0.70347 0.71123  10 DC A "C3'" 
90  O "O3'" . DC A 5  ? 8.60863  3.24703  7.42250  -1.30954 -0.75151 0.58843  10 DC A "O3'" 
91  C "C2'" . DC A 5  ? 8.96763  3.43751  7.33847  -1.41533 -0.69655 0.80478  10 DC A "C2'" 
92  C "C1'" . DC A 5  ? 9.06790  3.44138  7.46682  -1.42319 -0.50948 0.84702  10 DC A "C1'" 
93  N N1    . DC A 5  ? 9.29605  3.57382  7.40110  -1.48297 -0.44023 0.97542  10 DC A N1    
94  C C2    . DC A 5  ? 9.51377  3.73084  7.22403  -1.59798 -0.37408 0.99348  10 DC A C2    
95  O O2    . DC A 5  ? 9.48632  3.71326  7.09118  -1.64933 -0.38454 0.90150  10 DC A O2    
96  N N3    . DC A 5  ? 9.72625  3.92461  7.19343  -1.63064 -0.29370 1.10324  10 DC A N3    
97  C C4    . DC A 5  ? 9.64231  3.88861  7.25010  -1.54088 -0.28236 1.18799  10 DC A C4    
98  N N4    . DC A 5  ? 9.75025  4.04621  7.13433  -1.54530 -0.19812 1.28031  10 DC A N4    
99  C C5    . DC A 5  ? 9.45566  3.68751  7.42360  -1.44095 -0.35982 1.18084  10 DC A C5    
100 C C6    . DC A 5  ? 9.26987  3.52210  7.48309  -1.41872 -0.43359 1.07352  10 DC A C6    
101 P P     . DT A 6  ? 8.93175  3.49030  7.52785  -1.38303 -0.67232 0.53997  11 DT A P     
102 O OP1   . DT A 6  ? 8.97385  3.44787  7.73507  -1.35273 -0.50590 0.57509  11 DT A OP1   
103 O OP2   . DT A 6  ? 8.82316  3.46379  7.46815  -1.35917 -0.74979 0.41861  11 DT A OP2   
104 O "O5'" . DT A 6  ? 9.14318  3.63151  7.20578  -1.53370 -0.71725 0.59382  11 DT A "O5'" 
105 C "C5'" . DT A 6  ? 9.30405  3.70207  7.05411  -1.62578 -0.64237 0.57813  11 DT A "C5'" 
106 C "C4'" . DT A 6  ? 9.48894  3.87219  6.73036  -1.78183 -0.71670 0.59323  11 DT A "C4'" 
107 O "O4'" . DT A 6  ? 9.70926  4.03429  6.73932  -1.84359 -0.65237 0.71652  11 DT A "O4'" 
108 C "C3'" . DT A 6  ? 9.35070  3.83994  6.53305  -1.81116 -0.89296 0.55393  11 DT A "C3'" 
109 O "O3'" . DT A 6  ? 9.40342  3.90025  6.16768  -1.95484 -0.95113 0.49360  11 DT A "O3'" 
110 C "C2'" . DT A 6  ? 9.41810  3.93139  6.54717  -1.82013 -0.91946 0.66700  11 DT A "C2'" 
111 C "C1'" . DT A 6  ? 9.64338  4.12313  6.51251  -1.88053 -0.76941 0.73941  11 DT A "C1'" 
112 N N1    . DT A 6  ? 9.66339  4.26090  6.60529  -1.80077 -0.70565 0.85066  11 DT A N1    
113 C C2    . DT A 6  ? 9.89896  4.54172  6.55005  -1.85678 -0.59954 0.91589  11 DT A C2    
114 O O2    . DT A 6  ? 9.98226  4.58033  6.32092  -1.97383 -0.55284 0.88726  11 DT A O2    
115 N N3    . DT A 6  ? 10.01494 4.74233  6.73840  -1.76969 -0.55116 1.01609  11 DT A N3    
116 C C4    . DT A 6  ? 9.91801  4.67366  6.95547  -1.63844 -0.59736 1.05744  11 DT A C4    
117 O O4    . DT A 6  ? 9.97910  4.77987  7.02413  -1.56648 -0.54988 1.14910  11 DT A O4    
118 C C5    . DT A 6  ? 9.68411  4.39570  7.02247  -1.59104 -0.70729 0.98457  11 DT A C5    
119 C C7    . DT A 6  ? 9.54855  4.27553  7.23062  -1.45479 -0.76666 1.01934  11 DT A C7    
120 C C6    . DT A 6  ? 9.59437  4.23655  6.87643  -1.67166 -0.75572 0.88553  11 DT A C6    
121 P P     . DG A 7  ? 9.06978  3.68558  5.83927  -1.95638 -1.09423 0.37891  12 DG A P     
122 O OP1   . DG A 7  ? 8.95380  3.56481  6.00176  -1.83325 -1.04563 0.30415  12 DG A OP1   
123 O OP2   . DG A 7  ? 8.94801  3.67070  5.85473  -1.93198 -1.22870 0.39625  12 DG A OP2   
124 O "O5'" . DG A 7  ? 9.26333  3.87491  5.47963  -2.15384 -1.11999 0.34276  12 DG A "O5'" 
125 C "C5'" . DG A 7  ? 9.43068  3.92846  5.39833  -2.20891 -1.01016 0.32813  12 DG A "C5'" 
126 C "C4'" . DG A 7  ? 9.66294  4.12500  5.16048  -2.39803 -0.96758 0.38068  12 DG A "C4'" 
127 O "O4'" . DG A 7  ? 9.66138  4.15794  5.28455  -2.35556 -0.90835 0.49475  12 DG A "O4'" 
128 C "C3'" . DG A 7  ? 9.71412  4.31821  4.85172  -2.57297 -1.08513 0.33322  12 DG A "C3'" 
129 O "O3'" . DG A 7  ? 9.92992  4.52793  4.60850  -2.73479 -1.01465 0.33301  12 DG A "O3'" 
130 C "C2'" . DG A 7  ? 9.62372  4.54442  4.97986  -2.46980 -1.12158 0.39653  12 DG A "C2'" 
131 C "C1'" . DG A 7  ? 9.63322  4.46761  5.11583  -2.38447 -0.97337 0.50611  12 DG A "C1'" 
132 N N9    . DG A 7  ? 9.61250  4.59541  5.43851  -2.22533 -0.98289 0.58150  12 DG A N9    
133 C C8    . DG A 7  ? 9.42734  4.41744  5.63699  -2.10044 -1.07163 0.56960  12 DG A C8    
134 N N7    . DG A 7  ? 9.40691  4.51612  5.83402  -1.97516 -1.05773 0.65056  12 DG A N7    
135 C C5    . DG A 7  ? 9.66654  4.85295  5.84125  -2.01443 -0.95333 0.72092  12 DG A C5    
136 C C6    . DG A 7  ? 9.80323  5.10396  6.02603  -1.92041 -0.89665 0.82236  12 DG A C6    
137 O O6    . DG A 7  ? 9.71470  5.05895  6.21196  -1.78261 -0.92828 0.87233  12 DG A O6    
138 N N1    . DG A 7  ? 9.95318  5.30108  5.84403  -2.00112 -0.79522 0.86531  12 DG A N1    
139 C C2    . DG A 7  ? 10.01967 5.31060  5.57438  -2.15867 -0.75261 0.81623  12 DG A C2    
140 N N2    . DG A 7  ? 10.20443 5.55638  5.46845  -2.21816 -0.65355 0.86823  12 DG A N2    
141 N N3    . DG A 7  ? 9.94390  5.10939  5.43455  -2.25131 -0.80509 0.72193  12 DG A N3    
142 C C4    . DG A 7  ? 9.75267  4.87272  5.56527  -2.16896 -0.90521 0.67917  12 DG A C4    
143 P P     . DA A 8  ? 9.89915  4.70136  4.15259  -2.92167 -1.10041 0.25182  13 DA A P     
144 O OP1   . DA A 8  ? 9.80231  4.50558  3.82531  -2.94496 -1.02857 0.22665  13 DA A OP1   
145 O OP2   . DA A 8  ? 9.74077  4.79666  4.19744  -2.86599 -1.24265 0.20665  13 DA A OP2   
146 O "O5'" . DA A 8  ? 10.13007 5.21593  4.16497  -2.96830 -1.02329 0.31797  13 DA A "O5'" 
147 C "C5'" . DA A 8  ? 10.28582 5.21467  4.12298  -3.01143 -0.87825 0.37643  13 DA A "C5'" 
148 C "C4'" . DA A 8  ? 10.50908 5.73944  4.26815  -2.99282 -0.81845 0.45337  13 DA A "C4'" 
149 O "O4'" . DA A 8  ? 10.37115 5.71023  4.54738  -2.79530 -0.82263 0.53142  13 DA A "O4'" 
150 C "C3'" . DA A 8  ? 10.59133 6.20303  4.06542  -3.11025 -0.89820 0.39851  13 DA A "C3'" 
151 O "O3'" . DA A 8  ? 10.76646 6.56340  4.11257  -3.13776 -0.78738 0.43841  13 DA A "O3'" 
152 C "C2'" . DA A 8  ? 10.47351 6.36302  4.29686  -2.95253 -1.00173 0.41226  13 DA A "C2'" 
153 C "C1'" . DA A 8  ? 10.46672 6.19722  4.63855  -2.76772 -0.91189 0.52488  13 DA A "C1'" 
154 N N9    . DA A 8  ? 10.30066 6.07468  4.90263  -2.59557 -0.99609 0.54029  13 DA A N9    
155 C C8    . DA A 8  ? 10.11437 5.76597  4.94103  -2.56466 -1.09113 0.47770  13 DA A C8    
156 N N7    . DA A 8  ? 10.01792 5.73924  5.22232  -2.39962 -1.15049 0.50984  13 DA A N7    
157 C C5    . DA A 8  ? 10.13010 6.01505  5.34543  -2.31456 -1.09121 0.60104  13 DA A C5    
158 C C6    . DA A 8  ? 10.06060 6.05397  5.56204  -2.13753 -1.11242 0.67308  13 DA A C6    
159 N N6    . DA A 8  ? 9.89344  5.85739  5.75118  -2.01613 -1.20130 0.66253  13 DA A N6    
160 N N1    . DA A 8  ? 10.25277 6.37097  5.64311  -2.08936 -1.04058 0.75570  13 DA A N1    
161 C C2    . DA A 8  ? 10.34623 6.49699  5.38159  -2.21168 -0.95181 0.76434  13 DA A C2    
162 N N3    . DA A 8  ? 10.37024 6.43605  5.11887  -2.38717 -0.92157 0.70121  13 DA A N3    
163 C C4    . DA A 8  ? 10.31013 6.23373  5.16188  -2.43011 -0.99558 0.62107  13 DA A C4    
164 P P     . DC A 9  ? 10.70069 7.01440  4.19535  -3.16840 -0.76266 0.36139  14 DC A P     
165 O OP1   . DC A 9  ? 10.89558 7.11755  4.27889  -3.26549 -0.64539 0.34048  14 DC A OP1   
166 O OP2   . DC A 9  ? 10.48751 7.01121  4.17595  -3.16284 -0.85323 0.29262  14 DC A OP2   
167 O "O5'" . DC A 9  ? 10.59641 7.24508  4.13890  -3.05027 -0.76443 0.42098  14 DC A "O5'" 
168 C "C5'" . DC A 9  ? 10.72477 7.13502  4.15772  -2.96708 -0.73924 0.54832  14 DC A "C5'" 
169 C "C4'" . DC A 9  ? 10.58662 7.33483  4.10159  -2.83422 -0.79192 0.59669  14 DC A "C4'" 
170 O "O4'" . DC A 9  ? 10.50942 7.17068  4.28858  -2.69644 -0.88598 0.63502  14 DC A "O4'" 
171 C "C3'" . DC A 9  ? 10.38681 7.68016  4.07345  -2.81092 -0.84090 0.48672  14 DC A "C3'" 
172 O "O3'" . DC A 9  ? 10.36512 7.95084  4.04570  -2.70454 -0.81263 0.52877  14 DC A "O3'" 
173 C "C2'" . DC A 9  ? 10.19920 7.56987  4.04094  -2.75444 -0.98962 0.44819  14 DC A "C2'" 
174 C "C1'" . DC A 9  ? 10.32530 7.36516  4.12794  -2.65828 -1.02551 0.57527  14 DC A "C1'" 
175 N N1    . DC A 9  ? 10.28663 7.24366  4.44102  -2.56263 -1.13224 0.54369  14 DC A N1    
176 C C2    . DC A 9  ? 10.27817 7.30948  4.76570  -2.35536 -1.18445 0.60004  14 DC A C2    
177 O O2    . DC A 9  ? 10.31589 7.46271  4.79158  -2.25003 -1.14137 0.67741  14 DC A O2    
178 N N3    . DC A 9  ? 10.23180 7.18550  5.03516  -2.27440 -1.28159 0.56826  14 DC A N3    
179 C C4    . DC A 9  ? 10.19107 7.00650  4.98407  -2.38641 -1.32819 0.48390  14 DC A C4    
180 N N4    . DC A 9  ? 10.14584 6.89312  5.25722  -2.29704 -1.42573 0.45377  14 DC A N4    
181 C C5    . DC A 9  ? 10.20675 6.93213  4.64545  -2.59450 -1.27903 0.42582  14 DC A C5    
182 C C6    . DC A 9  ? 10.25288 7.05209  4.38287  -2.67795 -1.18137 0.45841  14 DC A C6    
183 P P     . DT A 10 ? 10.04810 8.18003  3.85697  -2.67067 -0.80684 0.43122  15 DT A P     
184 O OP1   . DT A 10 ? 10.12402 8.42624  3.85920  -2.55840 -0.76380 0.49369  15 DT A OP1   
185 O OP2   . DT A 10 ? 10.04311 8.16183  3.86488  -2.81469 -0.73982 0.35343  15 DT A OP2   
186 O "O5'" . DT A 10 ? 9.84664  8.26426  3.85401  -2.58413 -0.94155 0.36395  15 DT A "O5'" 
187 C "C5'" . DT A 10 ? 9.75369  8.60193  3.85367  -2.43235 -0.99236 0.33643  15 DT A "C5'" 
188 C "C4'" . DT A 10 ? 9.81690  8.56902  3.85794  -2.29405 -1.06719 0.43683  15 DT A "C4'" 
189 O "O4'" . DT A 10 ? 9.89715  8.17410  3.86979  -2.35259 -1.10415 0.51492  15 DT A "O4'" 
190 C "C3'" . DT A 10 ? 9.66598  8.76417  3.87139  -2.13149 -1.19701 0.38628  15 DT A "C3'" 
191 O "O3'" . DT A 10 ? 9.67639  9.14519  3.86966  -2.00279 -1.17897 0.36171  15 DT A "O3'" 
192 C "C2'" . DT A 10 ? 9.75286  8.52533  3.89459  -2.06245 -1.29057 0.50578  15 DT A "C2'" 
193 C "C1'" . DT A 10 ? 9.85142  8.12306  3.89509  -2.22506 -1.24517 0.55553  15 DT A "C1'" 
194 N N1    . DT A 10 ? 9.71558  7.88373  3.91345  -2.27940 -1.34318 0.48497  15 DT A N1    
195 C C2    . DT A 10 ? 9.83905  7.93374  4.23632  -2.15049 -1.47095 0.51182  15 DT A C2    
196 O O2    . DT A 10 ? 9.73947  7.86911  4.29924  -1.96014 -1.48249 0.58577  15 DT A O2    
197 N N3    . DT A 10 ? 9.78136  7.78466  4.32416  -2.20804 -1.55155 0.43650  15 DT A N3    
198 C C4    . DT A 10 ? 9.56543  7.52576  4.07388  -2.36861 -1.50655 0.34760  15 DT A C4    
199 O O4    . DT A 10 ? 9.44202  7.31193  4.10551  -2.39195 -1.57602 0.28830  15 DT A O4    
200 C C5    . DT A 10 ? 9.62677  7.66318  4.00548  -2.46853 -1.34808 0.33246  15 DT A C5    
201 C C7    . DT A 10 ? 9.69008  7.67438  4.09518  -2.60864 -1.26861 0.25552  15 DT A C7    
202 C C6    . DT A 10 ? 9.65632  7.79811  3.89985  -2.42147 -1.27945 0.39520  15 DT A C6    
203 P P     . DA A 11 ? 9.54910  9.49699  3.92924  -1.84818 -1.27036 0.24168  16 DA A P     
204 O OP1   . DA A 11 ? 9.62170  9.85818  3.93113  -1.75655 -1.21996 0.21172  16 DA A OP1   
205 O OP2   . DA A 11 ? 9.38904  9.39052  3.94031  -1.94451 -1.28294 0.14197  16 DA A OP2   
206 O "O5'" . DA A 11 ? 9.53888  9.45089  3.95319  -1.68343 -1.41057 0.30080  16 DA A "O5'" 
207 C "C5'" . DA A 11 ? 9.71980  9.46411  3.95774  -1.59155 -1.41742 0.43370  16 DA A "C5'" 
208 C "C4'" . DA A 11 ? 9.71778  9.31982  4.00456  -1.47106 -1.56757 0.50494  16 DA A "C4'" 
209 O "O4'" . DA A 11 ? 9.76457  9.01735  4.11921  -1.59913 -1.61250 0.52877  16 DA A "O4'" 
210 C "C3'" . DA A 11 ? 9.56204  9.57381  4.03785  -1.28245 -1.69033 0.39691  16 DA A "C3'" 
211 O "O3'" . DA A 11 ? 9.66031  9.56039  4.09305  -1.11377 -1.80905 0.50115  16 DA A "O3'" 
212 C "C2'" . DA A 11 ? 9.54427  9.54856  4.23777  -1.37448 -1.73831 0.30683  16 DA A "C2'" 
213 C "C1'" . DA A 11 ? 9.66464  9.12662  4.26111  -1.52286 -1.73860 0.43314  16 DA A "C1'" 
214 N N9    . DA A 11 ? 9.61876  8.95396  4.32639  -1.68914 -1.71453 0.36259  16 DA A N9    
215 C C8    . DA A 11 ? 9.67130  8.95679  4.32077  -1.85971 -1.58174 0.31861  16 DA A C8    
216 N N7    . DA A 11 ? 9.70424  8.84470  4.46317  -1.97152 -1.59239 0.26508  16 DA A N7    
217 C C5    . DA A 11 ? 9.66514  8.76912  4.58184  -1.87009 -1.74166 0.26827  16 DA A C5    
218 C C6    . DA A 11 ? 9.60876  8.57613  4.70854  -1.90175 -1.82282 0.22221  16 DA A C6    
219 N N6    . DA A 11 ? 9.65328  8.48215  4.78189  -2.04786 -1.75604 0.16722  16 DA A N6    
220 N N1    . DA A 11 ? 9.60626  8.57251  4.86506  -1.76505 -1.97671 0.23813  16 DA A N1    
221 C C2    . DA A 11 ? 9.65260  8.73029  4.86888  -1.60447 -2.04712 0.30377  16 DA A C2    
222 N N3    . DA A 11 ? 9.69741  8.89966  4.72493  -1.55381 -1.97933 0.35561  16 DA A N3    
223 C C4    . DA A 11 ? 9.64817  8.86532  4.53885  -1.69654 -1.82302 0.33068  16 DA A C4    
224 P P     . DC A 12 ? 10.24697 10.54349 4.69623  -0.85005 -1.88723 0.44411  17 DC A P     
225 O OP1   . DC A 12 ? 10.50350 10.57411 4.72019  -0.75179 -1.88591 0.60612  17 DC A OP1   
226 O OP2   . DC A 12 ? 10.16209 10.84400 4.66528  -0.83583 -1.82349 0.27508  17 DC A OP2   
227 O "O5'" . DC A 12 ? 10.09385 10.45660 4.77077  -0.72623 -2.05588 0.40314  17 DC A "O5'" 
228 C "C5'" . DC A 12 ? 9.85887  10.37553 4.77079  -0.79716 -2.07232 0.26545  17 DC A "C5'" 
229 C "C4'" . DC A 12 ? 9.74403  10.21237 4.85910  -0.69112 -2.22898 0.27095  17 DC A "C4'" 
230 O "O4'" . DC A 12 ? 9.62433  9.83614  4.87043  -0.87212 -2.23192 0.27083  17 DC A "O4'" 
231 C "C3'" . DC A 12 ? 9.59289  10.47208 4.89257  -0.50434 -2.30072 0.10161  17 DC A "C3'" 
232 O "O3'" . DC A 12 ? 9.53363  10.38307 4.98838  -0.35571 -2.44551 0.14177  17 DC A "O3'" 
233 C "C2'" . DC A 12 ? 9.41362  10.34479 4.86375  -0.66753 -2.23460 -0.01763 17 DC A "C2'" 
234 C "C1'" . DC A 12 ? 9.39548  9.92330  4.86996  -0.85757 -2.23372 0.10092  17 DC A "C1'" 
235 N N1    . DC A 12 ? 9.34086  9.76006  4.81105  -1.08657 -2.11368 0.05719  17 DC A N1    
236 C C2    . DC A 12 ? 9.18015  9.49237  4.84126  -1.17595 -2.13875 0.00653  17 DC A C2    
237 O O2    . DC A 12 ? 9.06782  9.39564  4.91859  -1.06635 -2.25773 -0.00703 17 DC A O2    
238 N N3    . DC A 12 ? 9.16071  9.34945  4.79431  -1.37115 -2.02920 -0.02522 17 DC A N3    
239 C C4    . DC A 12 ? 9.28452  9.46051  4.72667  -1.47918 -1.90233 -0.00769 17 DC A C4    
240 N N4    . DC A 12 ? 9.27655  9.31298  4.69444  -1.66247 -1.80129 -0.03364 17 DC A N4    
241 C C5    . DC A 12 ? 9.43182  9.72699  4.69909  -1.39495 -1.87305 0.03978  17 DC A C5    
242 C C6    . DC A 12 ? 9.45949  9.86816  4.73955  -1.19873 -1.97964 0.07110  17 DC A C6    
243 P P     . DA A 13 ? 9.96522  11.13650 5.54616  -0.08718 -2.55806 -0.00836 18 DA A P     
244 O OP1   . DA A 13 ? 10.07314 11.32151 5.62091  0.10022  -2.61427 0.10738  18 DA A OP1   
245 O OP2   . DA A 13 ? 10.05032 11.25673 5.52969  -0.13670 -2.52415 -0.14828 18 DA A OP2   
246 O "O5'" . DA A 13 ? 9.71407  10.93111 5.62389  -0.11907 -2.61444 -0.04779 18 DA A "O5'" 
247 C "C5'" . DA A 13 ? 9.58977  10.60257 5.58991  -0.35781 -2.55239 -0.04719 18 DA A "C5'" 
248 C "C4'" . DA A 13 ? 9.41515  10.62959 5.59079  -0.34403 -2.54301 -0.23418 18 DA A "C4'" 
249 O "O4'" . DA A 13 ? 9.34959  10.42758 5.51357  -0.58788 -2.42629 -0.24769 18 DA A "O4'" 
250 C "C3'" . DA A 13 ? 9.56661  10.85541 5.60709  -0.22150 -2.58415 -0.35369 18 DA A "C3'" 
251 O "O3'" . DA A 13 ? 9.54472  10.80290 5.76323  -0.15916 -2.67191 -0.43175 18 DA A "O3'" 
252 C "C2'" . DA A 13 ? 9.57183  10.88836 5.52009  -0.42576 -2.43024 -0.38556 18 DA A "C2'" 
253 C "C1'" . DA A 13 ? 9.37335  10.60004 5.48887  -0.59509 -2.36857 -0.37214 18 DA A "C1'" 
254 N N9    . DA A 13 ? 9.41078  10.53843 5.41048  -0.82244 -2.22217 -0.34278 18 DA A N9    
255 C C8    . DA A 13 ? 9.57245  10.68706 5.35374  -0.88898 -2.13302 -0.28950 18 DA A C8    
256 N N7    . DA A 13 ? 9.57900  10.57867 5.29991  -1.09726 -2.00988 -0.27562 18 DA A N7    
257 C C5    . DA A 13 ? 9.42324  10.34291 5.32086  -1.17116 -2.02057 -0.32027 18 DA A C5    
258 C C6    . DA A 13 ? 9.37945  10.13371 5.29345  -1.36839 -1.92954 -0.32681 18 DA A C6    
259 N N6    . DA A 13 ? 9.48915  10.13122 5.23959  -1.53543 -1.80772 -0.28919 18 DA A N6    
260 N N1    . DA A 13 ? 9.23058  9.92771  5.33052  -1.37798 -1.96883 -0.37350 18 DA A N1    
261 C C2    . DA A 13 ? 9.11699  9.93183  5.39238  -1.20585 -2.08820 -0.41530 18 DA A C2    
262 N N3    . DA A 13 ? 9.14336  10.11571 5.42747  -1.01285 -2.18509 -0.41562 18 DA A N3    
263 C C4    . DA A 13 ? 9.30844  10.31703 5.38757  -1.00479 -2.14668 -0.36398 18 DA A C4    
264 P P     . DC B 1  ? 8.84434  6.99531  11.16126 3.23891  -1.83849 -1.74420 1  DC B P     
265 O OP1   . DC B 1  ? 8.74870  6.92136  11.10231 3.21600  -1.84400 -1.76765 1  DC B OP1   
266 O OP2   . DC B 1  ? 8.86551  6.92350  11.14077 3.25088  -1.75863 -1.75104 1  DC B OP2   
267 O "O5'" . DC B 1  ? 8.59645  6.77165  10.88923 3.20054  -1.91909 -1.78147 1  DC B "O5'" 
268 C "C5'" . DC B 1  ? 8.43954  6.55421  10.68385 3.17478  -1.90652 -1.82511 1  DC B "C5'" 
269 C "C4'" . DC B 1  ? 8.33273  6.42594  10.54598 3.20876  -1.89170 -1.78879 1  DC B "C4'" 
270 O "O4'" . DC B 1  ? 8.47436  6.64049  10.71476 3.24601  -1.93309 -1.72892 1  DC B "O4'" 
271 C "C3'" . DC B 1  ? 8.17382  6.24539  10.34250 3.18100  -1.92662 -1.82536 1  DC B "C3'" 
272 O "O3'" . DC B 1  ? 8.05940  6.08093  10.19349 3.20954  -1.88222 -1.80274 1  DC B "O3'" 
273 C "C2'" . DC B 1  ? 8.12154  6.26661  10.30404 3.18015  -2.01295 -1.80804 1  DC B "C2'" 
274 C "C1'" . DC B 1  ? 8.32669  6.51864  10.54489 3.23310  -2.00121 -1.73721 1  DC B "C1'" 
275 N N1    . DC B 1  ? 8.36117  6.64200  10.61732 3.23695  -2.07404 -1.71431 1  DC B N1    
276 C C2    . DC B 1  ? 8.30764  6.63441  10.55696 3.25336  -2.13168 -1.68710 1  DC B C2    
277 O O2    . DC B 1  ? 8.26312  6.55452  10.47436 3.26415  -2.12123 -1.68223 1  DC B O2    
278 N N3    . DC B 1  ? 8.31286  6.72128  10.59694 3.25597  -2.19836 -1.66906 1  DC B N3    
279 C C4    . DC B 1  ? 8.31806  6.76052  10.64219 3.24360  -2.20651 -1.67590 1  DC B C4    
280 N N4    . DC B 1  ? 8.24495  6.76804  10.60232 3.24589  -2.27333 -1.65922 1  DC B N4    
281 C C5    . DC B 1  ? 8.36320  6.75869  10.69481 3.22780  -2.14747 -1.70190 1  DC B C5    
282 C C6    . DC B 1  ? 8.42153  6.73799  10.71861 3.22489  -2.08359 -1.72083 1  DC B C6    
283 P P     . DG B 2  ? 7.76553  5.72944  9.84597  3.18196  -1.87664 -1.84897 2  DG B P     
284 O OP1   . DG B 2  ? 7.84150  5.74507  9.89262  3.21807  -1.81171 -1.81928 2  DG B OP1   
285 O OP2   . DG B 2  ? 7.73792  5.68280  9.81578  3.13425  -1.87107 -1.91417 2  DG B OP2   
286 O "O5'" . DG B 2  ? 7.72364  5.73587  9.79200  3.17285  -1.96169 -1.84676 2  DG B "O5'" 
287 C "C5'" . DG B 2  ? 7.73506  5.78781  9.81073  3.21280  -1.99044 -1.78973 2  DG B "C5'" 
288 C "C4'" . DG B 2  ? 7.69776  5.78480  9.75665  3.19401  -2.07235 -1.80336 2  DG B "C4'" 
289 O "O4'" . DG B 2  ? 7.65882  5.82292  9.75799  3.20205  -2.13087 -1.77756 2  DG B "O4'" 
290 C "C3'" . DG B 2  ? 7.66303  5.72643  9.69527  3.14169  -2.09773 -1.86924 2  DG B "C3'" 
291 O "O3'" . DG B 2  ? 7.66277  5.72034  9.65640  3.13410  -2.14470 -1.87864 2  DG B "O3'" 
292 C "C2'" . DG B 2  ? 7.61048  5.72724  9.68030  3.12377  -2.14187 -1.87728 2  DG B "C2'" 
293 C "C1'" . DG B 2  ? 7.61194  5.78504  9.70258  3.15848  -2.18589 -1.82452 2  DG B "C1'" 
294 N N9    . DG B 2  ? 7.57305  5.80952  9.70899  3.15752  -2.22590 -1.81191 2  DG B N9    
295 C C8    . DG B 2  ? 7.54894  5.79783  9.72030  3.14510  -2.20527 -1.82301 2  DG B C8    
296 N N7    . DG B 2  ? 7.51662  5.82713  9.72420  3.14709  -2.25309 -1.80778 2  DG B N7    
297 C C5    . DG B 2  ? 7.52094  5.86284  9.71638  3.16143  -2.31019 -1.78653 2  DG B C5    
298 C C6    . DG B 2  ? 7.49881  5.90988  9.72011  3.16921  -2.37934 -1.76612 2  DG B C6    
299 O O6    . DG B 2  ? 7.46837  5.92826  9.73013  3.16475  -2.40357 -1.76169 2  DG B O6    
300 N N1    . DG B 2  ? 7.51797  5.93981  9.71348  3.18332  -2.42349 -1.75148 2  DG B N1    
301 C C2    . DG B 2  ? 7.55277  5.92269  9.70268  3.18930  -2.40185 -1.75523 2  DG B C2    
302 N N2    . DG B 2  ? 7.56948  5.95766  9.69902  3.20338  -2.45230 -1.74026 2  DG B N2    
303 N N3    . DG B 2  ? 7.57250  5.87771  9.69842  3.18198  -2.33615 -1.77354 2  DG B N3    
304 C C4    . DG B 2  ? 7.55545  5.85141  9.70648  3.16809  -2.29410 -1.78877 2  DG B C4    
305 P P     . DT B 3  ? 7.77843  5.77565  9.72179  3.13869  -2.11241 -1.88775 3  DT B P     
306 O OP1   . DT B 3  ? 7.83198  5.80470  9.78097  3.17889  -2.04909 -1.84672 3  DT B OP1   
307 O OP2   . DT B 3  ? 7.79680  5.75906  9.71348  3.09700  -2.10091 -1.94710 3  DT B OP2   
308 O "O5'" . DT B 3  ? 7.79273  5.80957  9.71151  3.14725  -2.17938 -1.87265 3  DT B "O5'" 
309 C "C5'" . DT B 3  ? 7.76465  5.84464  9.71464  3.17075  -2.23059 -1.83243 3  DT B "C5'" 
310 C "C4'" . DT B 3  ? 7.81259  5.90740  9.74246  3.14683  -2.30738 -1.85674 3  DT B "C4'" 
311 O "O4'" . DT B 3  ? 7.80074  5.95378  9.77284  3.14392  -2.34910 -1.84776 3  DT B "O4'" 
312 C "C3'" . DT B 3  ? 7.82594  5.87393  9.71509  3.10248  -2.30997 -1.91569 3  DT B "C3'" 
313 O "O3'" . DT B 3  ? 7.77451  5.80366  9.61894  3.09565  -2.35997 -1.92780 3  DT B "O3'" 
314 C "C2'" . DT B 3  ? 7.80925  5.88790  9.72916  3.07825  -2.32925 -1.93525 3  DT B "C2'" 
315 C "C1'" . DT B 3  ? 7.82894  5.96496  9.78210  3.10253  -2.37952 -1.89611 3  DT B "C1'" 
316 N N1    . DT B 3  ? 7.81591  5.99592  9.81610  3.09367  -2.39087 -1.89573 3  DT B N1    
317 C C2    . DT B 3  ? 7.70883  5.93770  9.73025  3.09995  -2.45321 -1.88009 3  DT B C2    
318 O O2    . DT B 3  ? 7.84571  6.08517  9.84988  3.11298  -2.50196 -1.86696 3  DT B O2    
319 N N3    . DT B 3  ? 7.73220  5.99749  9.79624  3.09041  -2.45765 -1.88199 3  DT B N3    
320 C C4    . DT B 3  ? 7.66759  5.92418  9.75367  3.07581  -2.40757 -1.89789 3  DT B C4    
321 O O4    . DT B 3  ? 7.55696  5.84697  9.68053  3.06819  -2.41606 -1.89881 3  DT B O4    
322 C C5    . DT B 3  ? 7.70528  5.91056  9.76719  3.07003  -2.34567 -1.91528 3  DT B C5    
323 C C7    . DT B 3  ? 7.65942  5.85133  9.74193  3.05434  -2.29108 -1.93704 3  DT B C7    
324 C C6    . DT B 3  ? 7.76825  5.93860  9.78920  3.07889  -2.34017 -1.91342 3  DT B C6    
325 P P     . DG B 4  ? 8.02730  5.99937  9.81466  3.06338  -2.35249 -1.97635 4  DG B P     
326 O OP1   . DG B 4  ? 8.08882  6.02273  9.84611  3.07978  -2.31889 -1.96761 4  DG B OP1   
327 O OP2   . DG B 4  ? 8.04511  6.01803  9.84510  3.03353  -2.32585 -2.01117 4  DG B OP2   
328 O "O5'" . DG B 4  ? 8.06171  6.02683  9.81424  3.05239  -2.42352 -1.98895 4  DG B "O5'" 
329 C "C5'" . DG B 4  ? 8.09564  6.06952  9.83907  3.07840  -2.46809 -1.96042 4  DG B "C5'" 
330 C "C4'" . DG B 4  ? 8.17737  6.17966  9.93155  3.07487  -2.53444 -1.95976 4  DG B "C4'" 
331 O "O4'" . DG B 4  ? 8.11409  6.16941  9.92734  3.07479  -2.52660 -1.94752 4  DG B "O4'" 
332 C "C3'" . DG B 4  ? 8.26758  6.22146  9.97017  3.04197  -2.56464 -2.00348 4  DG B "C3'" 
333 O "O3'" . DG B 4  ? 8.42129  6.36744  10.10160 3.04989  -2.63089 -2.00064 4  DG B "O3'" 
334 C "C2'" . DG B 4  ? 8.21452  6.19357  9.95017  3.02051  -2.55407 -2.01856 4  DG B "C2'" 
335 C "C1'" . DG B 4  ? 8.15864  6.20595  9.96260  3.04592  -2.55754 -1.97879 4  DG B "C1'" 
336 N N9    . DG B 4  ? 8.06195  6.13820  9.91028  3.03395  -2.52291 -1.98332 4  DG B N9    
337 C C8    . DG B 4  ? 8.02966  6.09439  9.88621  3.02431  -2.46064 -1.99573 4  DG B C8    
338 N N7    . DG B 4  ? 8.01809  6.11229  9.91614  3.01493  -2.44363 -1.99946 4  DG B N7    
339 C C5    . DG B 4  ? 8.03679  6.16520  9.95581  3.01797  -2.49715 -1.98792 4  DG B C5    
340 C C6    . DG B 4  ? 7.93781  6.10634  9.90174  3.01109  -2.50668 -1.98624 4  DG B C6    
341 O O6    . DG B 4  ? 7.89363  6.07402  9.88745  3.00071  -2.46835 -1.99503 4  DG B O6    
342 N N1    . DG B 4  ? 7.91710  6.11209  9.88958  3.01749  -2.56915 -1.97488 4  DG B N1    
343 C C2    . DG B 4  ? 8.01247  6.19564  9.95360  3.02955  -2.61797 -1.96757 4  DG B C2    
344 N N2    . DG B 4  ? 7.97287  6.18622  9.92896  3.03451  -2.67845 -1.96020 4  DG B N2    
345 N N3    . DG B 4  ? 8.11236  6.25565  10.00984 3.03623  -2.60953 -1.96933 4  DG B N3    
346 C C4    . DG B 4  ? 8.08183  6.20027  9.97116  3.02977  -2.54728 -1.97871 4  DG B C4    
347 P P     . DG B 5  ? 8.59624  6.48345  10.20195 3.00955  -2.65866 -2.03658 5  DG B P     
348 O OP1   . DG B 5  ? 8.73529  6.63133  10.26863 2.96918  -2.68008 -2.00928 5  DG B OP1   
349 O OP2   . DG B 5  ? 8.57128  6.40878  10.14888 2.99709  -2.61567 -2.07136 5  DG B OP2   
350 O "O5'" . DG B 5  ? 8.58155  6.50598  10.21331 2.98795  -2.68365 -2.03784 5  DG B "O5'" 
351 C "C5'" . DG B 5  ? 8.65850  6.66744  10.30168 2.95997  -2.70882 -1.99270 5  DG B "C5'" 
352 C "C4'" . DG B 5  ? 8.63135  6.66108  10.29777 2.94132  -2.72818 -2.00347 5  DG B "C4'" 
353 O "O4'" . DG B 5  ? 8.50378  6.54799  10.25537 2.98517  -2.70531 -2.01457 5  DG B "O4'" 
354 C "C3'" . DG B 5  ? 8.63916  6.58944  10.24214 2.91424  -2.74028 -2.04730 5  DG B "C3'" 
355 O "O3'" . DG B 5  ? 8.72914  6.70814  10.29889 2.86319  -2.77129 -2.03443 5  DG B "O3'" 
356 C "C2'" . DG B 5  ? 8.49560  6.41975  10.15714 2.95384  -2.72001 -2.08395 5  DG B "C2'" 
357 C "C1'" . DG B 5  ? 8.44831  6.45482  10.19855 2.97682  -2.71288 -2.05345 5  DG B "C1'" 
358 N N9    . DG B 5  ? 8.31863  6.34771  10.10456 2.97050  -2.65575 -2.05752 5  DG B N9    
359 C C8    . DG B 5  ? 8.26684  6.28188  10.04186 2.96778  -2.60153 -2.06265 5  DG B C8    
360 N N7    . DG B 5  ? 8.22487  6.26678  10.03600 2.95817  -2.55883 -2.06771 5  DG B N7    
361 C C5    . DG B 5  ? 8.18873  6.26448  10.03635 2.95383  -2.58505 -2.06427 5  DG B C5    
362 C C6    . DG B 5  ? 8.12195  6.23358  10.01589 2.94362  -2.56083 -2.06820 5  DG B C6    
363 O O6    . DG B 5  ? 8.08859  6.20844  10.00071 2.93637  -2.51092 -2.07737 5  DG B O6    
364 N N1    . DG B 5  ? 8.11783  6.25543  10.03734 2.94233  -2.60228 -2.06286 5  DG B N1    
365 C C2    . DG B 5  ? 8.19295  6.32311  10.09615 2.95029  -2.66136 -2.05640 5  DG B C2    
366 N N2    . DG B 5  ? 8.21040  6.36918  10.14411 2.94774  -2.69624 -2.05403 5  DG B N2    
367 N N3    . DG B 5  ? 8.27870  6.37402  10.13827 2.96033  -2.68602 -2.05447 5  DG B N3    
368 C C4    . DG B 5  ? 8.24718  6.31644  10.08046 2.96123  -2.64460 -2.05794 5  DG B C4    
369 P P     . DA B 6  ? 8.62197  6.51635  10.09329 2.81939  -2.78464 -2.06530 6  DA B P     
370 O OP1   . DA B 6  ? 8.76274  6.67125  10.15703 2.76311  -2.80373 -2.03988 6  DA B OP1   
371 O OP2   . DA B 6  ? 8.54541  6.35018  9.99742  2.85353  -2.76056 -2.10688 6  DA B OP2   
372 O "O5'" . DA B 6  ? 8.41504  6.32963  9.91178  2.80319  -2.79993 -2.07295 6  DA B "O5'" 
373 C "C5'" . DA B 6  ? 8.40749  6.37905  9.88183  2.74863  -2.82715 -2.04607 6  DA B "C5'" 
374 C "C4'" . DA B 6  ? 8.21845  6.22244  9.74575  2.74919  -2.83570 -2.05146 6  DA B "C4'" 
375 O "O4'" . DA B 6  ? 8.10946  6.14206  9.73698  2.80970  -2.81592 -2.05621 6  DA B "O4'" 
376 C "C3'" . DA B 6  ? 8.11493  6.03105  9.58683  2.73361  -2.83638 -2.08959 6  DA B "C3'" 
377 O "O3'" . DA B 6  ? 8.04540  6.00609  9.53611  2.70374  -2.85456 -2.08162 6  DA B "O3'" 
378 C "C2'" . DA B 6  ? 8.00669  5.88478  9.53239  2.79641  -2.81122 -2.12038 6  DA B "C2'" 
379 C "C1'" . DA B 6  ? 7.96061  5.93193  9.59435  2.82956  -2.80620 -2.09674 6  DA B "C1'" 
380 N N9    . DA B 6  ? 7.98700  5.94297  9.67700  2.88666  -2.77713 -2.11559 6  DA B N9    
381 C C8    . DA B 6  ? 8.11353  6.05339  9.79969  2.91151  -2.75858 -2.11345 6  DA B C8    
382 N N7    . DA B 6  ? 8.09089  6.04630  9.80747  2.92018  -2.71107 -2.11860 6  DA B N7    
383 C C5    . DA B 6  ? 7.89737  5.87999  9.64477  2.90605  -2.70182 -2.12642 6  DA B C5    
384 C C6    . DA B 6  ? 7.77734  5.79411  9.55760  2.89525  -2.65469 -2.13188 6  DA B C6    
385 N N6    . DA B 6  ? 7.79915  5.82615  9.58620  2.89690  -2.60642 -2.13164 6  DA B N6    
386 N N1    . DA B 6  ? 7.62701  5.66423  9.43176  2.88303  -2.66035 -2.13998 6  DA B N1    
387 C C2    . DA B 6  ? 7.64663  5.66859  9.44268  2.88138  -2.70881 -2.14224 6  DA B C2    
388 N N3    . DA B 6  ? 7.72322  5.71044  9.48868  2.89058  -2.75655 -2.13976 6  DA B N3    
389 C C4    . DA B 6  ? 7.84133  5.81170  9.58403  2.90310  -2.75075 -2.13159 6  DA B C4    
390 P P     . DC B 7  ? 7.61559  5.51154  9.08915  2.70389  -2.85234 -2.11577 7  DC B P     
391 O OP1   . DC B 7  ? 7.62780  5.57074  9.09248  2.65238  -2.87483 -2.09997 7  DC B OP1   
392 O OP2   . DC B 7  ? 7.67300  5.45347  9.05605  2.70473  -2.83745 -2.14573 7  DC B OP2   
393 O "O5'" . DC B 7  ? 7.53253  5.45893  9.11536  2.76814  -2.83585 -2.12857 7  DC B "O5'" 
394 C "C5'" . DC B 7  ? 7.49580  5.44367  9.12529  2.77160  -2.84031 -2.13769 7  DC B "C5'" 
395 C "C4'" . DC B 7  ? 7.48967  5.36322  9.10797  2.80273  -2.82335 -2.17727 7  DC B "C4'" 
396 O "O4'" . DC B 7  ? 7.44770  5.32564  9.11828  2.85312  -2.79737 -2.18983 7  DC B "O4'" 
397 C "C3'" . DC B 7  ? 7.56470  5.33552  9.06920  2.78161  -2.81968 -2.19590 7  DC B "C3'" 
398 O "O3'" . DC B 7  ? 7.57323  5.30276  9.05607  2.77898  -2.81844 -2.21548 7  DC B "O3'" 
399 C "C2'" . DC B 7  ? 7.55984  5.29075  9.06221  2.82604  -2.79572 -2.21361 7  DC B "C2'" 
400 C "C1'" . DC B 7  ? 7.47537  5.29417  9.07262  2.84355  -2.76842 -2.20565 7  DC B "C1'" 
401 N N1    . DC B 7  ? 7.45414  5.29862  9.06039  2.85071  -2.73015 -2.19704 7  DC B N1    
402 C C2    . DC B 7  ? 7.39742  5.29790  9.04404  2.84704  -2.68337 -2.19572 7  DC B C2    
403 O O2    . DC B 7  ? 7.36361  5.29454  9.03893  2.83840  -2.67532 -2.20076 7  DC B O2    
404 N N3    . DC B 7  ? 7.38551  5.30186  9.03725  2.85323  -2.64917 -2.19132 7  DC B N3    
405 C C4    . DC B 7  ? 7.42439  5.30572  9.04345  2.86293  -2.65950 -2.18581 7  DC B C4    
406 N N4    . DC B 7  ? 7.41391  5.30889  9.03760  2.86870  -2.62397 -2.18229 7  DC B N4    
407 C C5    . DC B 7  ? 7.48052  5.30752  9.05898  2.86731  -2.70776 -2.18633 7  DC B C5    
408 C C6    . DC B 7  ? 7.49496  5.30416  9.06823  2.86083  -2.74197 -2.19325 7  DC B C6    
409 P P     . DA B 8  ? 7.85459  5.57891  9.28689  2.72005  -2.83872 -2.20510 8  DA B P     
410 O OP1   . DA B 8  ? 7.85117  5.65648  9.30480  2.68142  -2.85949 -2.17262 8  DA B OP1   
411 O OP2   . DA B 8  ? 7.94164  5.55433  9.25398  2.69772  -2.82812 -2.22035 8  DA B OP2   
412 O "O5'" . DA B 8  ? 7.79506  5.55505  9.30163  2.74202  -2.83966 -2.21608 8  DA B "O5'" 
413 C "C5'" . DA B 8  ? 7.72291  5.51567  9.31798  2.79890  -2.82415 -2.23086 8  DA B "C5'" 
414 C "C4'" . DA B 8  ? 7.72142  5.48248  9.28504  2.80062  -2.79786 -2.24664 8  DA B "C4'" 
415 O "O4'" . DA B 8  ? 7.79597  5.59547  9.36574  2.80440  -2.75038 -2.24087 8  DA B "O4'" 
416 C "C3'" . DA B 8  ? 7.80983  5.45516  9.26378  2.79445  -2.80289 -2.26262 8  DA B "C3'" 
417 O "O3'" . DA B 8  ? 7.88242  5.52022  9.31909  2.78814  -2.78573 -2.26731 8  DA B "O3'" 
418 C "C2'" . DA B 8  ? 7.86491  5.48385  9.26785  2.80098  -2.77003 -2.25959 8  DA B "C2'" 
419 C "C1'" . DA B 8  ? 7.93922  5.66350  9.41826  2.80589  -2.73308 -2.24780 8  DA B "C1'" 
420 N N9    . DA B 8  ? 7.86135  5.60160  9.34195  2.81400  -2.71246 -2.24130 8  DA B N9    
421 C C8    . DA B 8  ? 7.78194  5.46904  9.22081  2.81861  -2.72876 -2.24148 8  DA B C8    
422 N N7    . DA B 8  ? 7.76071  5.47628  9.21116  2.82578  -2.70245 -2.23484 8  DA B N7    
423 C C5    . DA B 8  ? 7.78147  5.57152  9.28402  2.82519  -2.66677 -2.23234 8  DA B C5    
424 C C6    . DA B 8  ? 7.69551  5.53936  9.23058  2.82991  -2.62774 -2.22981 8  DA B C6    
425 N N6    . DA B 8  ? 7.66498  5.49664  9.18463  2.83678  -2.61677 -2.22618 8  DA B N6    
426 N N1    . DA B 8  ? 7.69870  5.60559  9.28097  2.82714  -2.60107 -2.23387 8  DA B N1    
427 C C2    . DA B 8  ? 7.88598  5.80403  9.48268  2.82065  -2.61250 -2.23752 8  DA B C2    
428 N N3    . DA B 8  ? 7.99869  5.87085  9.56832  2.81587  -2.64690 -2.23811 8  DA B N3    
429 C C4    . DA B 8  ? 7.90369  5.71100  9.42578  2.81821  -2.67304 -2.23635 8  DA B C4    
430 O "O5'" . DT C 1  ? 8.57516  7.45593  4.74441  0.59946  0.54688  2.89247  6  DT C "O5'" 
431 C "C5'" . DT C 1  ? 8.54536  7.44285  4.75301  0.58080  0.57206  2.89658  6  DT C "C5'" 
432 C "C4'" . DT C 1  ? 8.51136  7.40306  4.74363  0.54386  0.59631  2.88810  6  DT C "C4'" 
433 O "O4'" . DT C 1  ? 8.50942  7.37191  4.74132  0.52763  0.58825  2.88570  6  DT C "O4'" 
434 C "C3'" . DT C 1  ? 8.48778  7.37442  4.75956  0.51540  0.62302  2.89394  6  DT C "C3'" 
435 O "O3'" . DT C 1  ? 8.48575  7.39408  4.75659  0.51638  0.64160  2.89162  6  DT C "O3'" 
436 C "C2'" . DT C 1  ? 8.46243  7.32939  4.75292  0.47675  0.63642  2.88681  6  DT C "C2'" 
437 C "C1'" . DT C 1  ? 8.47662  7.33118  4.74133  0.48806  0.61201  2.88244  6  DT C "C1'" 
438 N N1    . DT C 1  ? 8.47571  7.29652  4.75372  0.46923  0.60544  2.88817  6  DT C N1    
439 C C2    . DT C 1  ? 8.44931  7.25725  4.75147  0.43210  0.62240  2.88351  6  DT C C2    
440 O O2    . DT C 1  ? 8.42745  7.25044  4.73957  0.41220  0.64298  2.87481  6  DT C O2    
441 N N3    . DT C 1  ? 8.45273  7.23050  4.76427  0.41661  0.61476  2.88991  6  DT C N3    
442 C C4    . DT C 1  ? 8.48223  7.24150  4.77905  0.43175  0.59265  2.90106  6  DT C C4    
443 O O4    . DT C 1  ? 8.48655  7.21942  4.79089  0.41236  0.58826  2.90731  6  DT C O4    
444 C C5    . DT C 1  ? 8.51112  7.28571  4.77991  0.46967  0.57542  2.90532  6  DT C C5    
445 C C7    . DT C 1  ? 8.55026  7.30916  4.79507  0.48546  0.55097  2.91782  6  DT C C7    
446 C C6    . DT C 1  ? 8.50521  7.30961  4.76719  0.48753  0.58236  2.89834  6  DT C C6    
447 P P     . DC C 2  ? 9.00165  7.90610  5.29540  0.51278  0.66235  2.90296  7  DC C P     
448 O OP1   . DC C 2  ? 9.00262  7.91786  5.28849  0.50077  0.68556  2.89727  7  DC C OP1   
449 O OP2   . DC C 2  ? 9.02389  7.93840  5.31231  0.54827  0.64257  2.91613  7  DC C OP2   
450 O "O5'" . DC C 2  ? 9.00974  7.88467  5.33758  0.47818  0.67861  2.90559  7  DC C "O5'" 
451 C "C5'" . DC C 2  ? 8.99828  7.85854  5.34388  0.44995  0.71093  2.90507  7  DC C "C5'" 
452 C "C4'" . DC C 2  ? 8.97663  7.82729  5.32549  0.40928  0.72518  2.89131  7  DC C "C4'" 
453 O "O4'" . DC C 2  ? 9.02065  7.86668  5.37189  0.40641  0.70496  2.88797  7  DC C "O4'" 
454 C "C3'" . DC C 2  ? 8.96587  7.78927  5.33787  0.37258  0.75549  2.89136  7  DC C "C3'" 
455 O "O3'" . DC C 2  ? 8.93204  7.75637  5.29607  0.33541  0.77179  2.87771  7  DC C "O3'" 
456 C "C2'" . DC C 2  ? 9.00601  7.81471  5.40245  0.36920  0.74471  2.89713  7  DC C "C2'" 
457 C "C1'" . DC C 2  ? 9.04243  7.86349  5.42212  0.37893  0.71635  2.89078  7  DC C "C1'" 
458 N N1    . DC C 2  ? 9.12557  7.93971  5.51058  0.39610  0.69203  2.90063  7  DC C N1    
459 C C2    . DC C 2  ? 9.33244  8.12624  5.73525  0.37089  0.69170  2.90095  7  DC C C2    
460 O O2    . DC C 2  ? 9.40020  8.18350  5.81589  0.33643  0.71140  2.89236  7  DC C O2    
461 N N3    . DC C 2  ? 9.34182  8.12861  5.74432  0.38278  0.66999  2.91122  7  DC C N3    
462 C C4    . DC C 2  ? 9.27992  8.08053  5.66405  0.41778  0.64902  2.92033  7  DC C C4    
463 N N4    . DC C 2  ? 9.31721  8.11064  5.69627  0.42393  0.62848  2.93115  7  DC C N4    
464 C C5    . DC C 2  ? 9.19054  8.01385  5.55772  0.44574  0.64842  2.91928  7  DC C C5    
465 C C6    . DC C 2  ? 9.12609  7.95464  5.49502  0.43389  0.67031  2.90962  7  DC C C6    
466 P P     . DT C 3  ? 8.81910  7.61804  5.18827  0.29393  0.80920  2.87441  8  DT C P     
467 O OP1   . DT C 3  ? 8.80926  7.62659  5.15292  0.26828  0.82090  2.86251  8  DT C OP1   
468 O OP2   . DT C 3  ? 8.79959  7.57881  5.17462  0.31267  0.82171  2.88752  8  DT C OP2   
469 O "O5'" . DT C 3  ? 8.75111  7.52955  5.14645  0.26373  0.81472  2.87116  8  DT C "O5'" 
470 C "C5'" . DT C 3  ? 8.75272  7.50694  5.15311  0.22033  0.84565  2.86536  8  DT C "C5'" 
471 C "C4'" . DT C 3  ? 8.75949  7.48269  5.18570  0.22239  0.85883  2.87576  8  DT C "C4'" 
472 O "O4'" . DT C 3  ? 8.75206  7.48549  5.19566  0.25968  0.83270  2.88744  8  DT C "O4'" 
473 C "C3'" . DT C 3  ? 8.79572  7.49518  5.21354  0.23051  0.88353  2.88421  8  DT C "C3'" 
474 O "O3'" . DT C 3  ? 8.80495  7.46930  5.23500  0.20257  0.91211  2.88428  8  DT C "O3'" 
475 C "C2'" . DT C 3  ? 8.80407  7.51516  5.23272  0.28249  0.86433  2.90060  8  DT C "C2'" 
476 C "C1'" . DT C 3  ? 8.77447  7.49628  5.22783  0.28483  0.84260  2.90206  8  DT C "C1'" 
477 N N1    . DT C 3  ? 8.81539  7.56107  5.27315  0.32887  0.81314  2.91472  8  DT C N1    
478 C C2    . DT C 3  ? 8.88063  7.63142  5.35862  0.33218  0.79615  2.92095  8  DT C C2    
479 O O2    . DT C 3  ? 8.90214  7.63891  5.39677  0.30230  0.80377  2.91646  8  DT C O2    
480 N N3    . DT C 3  ? 8.96171  7.73561  5.43679  0.36966  0.76976  2.93309  8  DT C N3    
481 C C4    . DT C 3  ? 8.96392  7.75750  5.41990  0.40538  0.75865  2.93889  8  DT C C4    
482 O O4    . DT C 3  ? 9.02322  7.83924  5.47512  0.43591  0.73436  2.94968  8  DT C O4    
483 C C5    . DT C 3  ? 8.91522  7.70194  5.35314  0.40172  0.77783  2.93187  8  DT C C5    
484 C C7    . DT C 3  ? 8.92945  7.73661  5.34522  0.43784  0.76847  2.93763  8  DT C C7    
485 C C6    . DT C 3  ? 8.86268  7.62523  5.30142  0.36303  0.80406  2.92066  8  DT C C6    
486 P P     . DG C 4  ? 8.47639  7.10251  4.88554  0.18967  0.94809  2.88709  9  DG C P     
487 O OP1   . DG C 4  ? 8.49265  7.08570  4.91156  0.15224  0.97476  2.88230  9  DG C OP1   
488 O OP2   . DG C 4  ? 8.53842  7.17578  4.91216  0.17650  0.95046  2.87964  9  DG C OP2   
489 O "O5'" . DG C 4  ? 8.55066  7.17086  4.96824  0.24368  0.94587  2.90703  9  DG C "O5'" 
490 C "C5'" . DG C 4  ? 8.56899  7.16181  5.00579  0.25514  0.96502  2.91856  9  DG C "C5'" 
491 C "C4'" . DG C 4  ? 8.56246  7.17542  5.03540  0.26078  0.94748  2.92174  9  DG C "C4'" 
492 O "O4'" . DG C 4  ? 8.57568  7.22914  5.05185  0.27458  0.91046  2.91915  9  DG C "O4'" 
493 C "C3'" . DG C 4  ? 8.59672  7.21284  5.09268  0.30252  0.94958  2.94216  9  DG C "C3'" 
494 O "O3'" . DG C 4  ? 8.58623  7.16371  5.08822  0.29038  0.98488  2.94559  9  DG C "O3'" 
495 C "C2'" . DG C 4  ? 8.61050  7.26323  5.13236  0.30802  0.91818  2.94422  9  DG C "C2'" 
496 C "C1'" . DG C 4  ? 8.62517  7.30006  5.12750  0.30492  0.89124  2.93305  9  DG C "C1'" 
497 N N9    . DG C 4  ? 8.69106  7.39354  5.18444  0.35051  0.86981  2.94473  9  DG C N9    
498 C C8    . DG C 4  ? 8.72097  7.42288  5.18865  0.36896  0.87382  2.94613  9  DG C C8    
499 N N7    . DG C 4  ? 8.77157  7.50439  5.23642  0.41063  0.85068  2.95767  9  DG C N7    
500 C C5    . DG C 4  ? 8.80871  7.56353  5.29716  0.41856  0.83010  2.96478  9  DG C C5    
501 C C6    . DG C 4  ? 8.86442  7.65723  5.35699  0.45429  0.80075  2.97831  9  DG C C6    
502 O O6    . DG C 4  ? 8.87921  7.69595  5.35663  0.48906  0.78634  2.98618  9  DG C O6    
503 N N1    . DG C 4  ? 8.88393  7.68733  5.39826  0.44420  0.78816  2.98300  9  DG C N1    
504 C C2    . DG C 4  ? 8.87314  7.65362  5.40518  0.40650  0.80222  2.97526  9  DG C C2    
505 N N2    . DG C 4  ? 8.85338  7.64823  5.40338  0.40019  0.78724  2.98254  9  DG C N2    
506 N N3    . DG C 4  ? 8.73482  7.48151  5.26442  0.37457  0.82932  2.96175  9  DG C N3    
507 C C4    . DG C 4  ? 8.74189  7.47748  5.24839  0.38200  0.84185  2.95733  9  DG C C4    
508 P P     . DT C 5  ? 8.44529  7.01594  4.97487  0.26056  0.99435  2.94126  10 DT C P     
509 O OP1   . DT C 5  ? 8.38979  6.98676  4.93227  0.23313  0.96793  2.92924  10 DT C OP1   
510 O OP2   . DT C 5  ? 8.47540  6.99600  4.98664  0.22868  1.03281  2.93314  10 DT C OP2   
511 O "O5'" . DT C 5  ? 8.43538  7.02198  4.99231  0.30595  0.99694  2.96470  10 DT C "O5'" 
512 C "C5'" . DT C 5  ? 8.44006  7.07465  5.01103  0.34762  0.96631  2.98025  10 DT C "C5'" 
513 C "C4'" . DT C 5  ? 8.41460  7.08113  5.00870  0.32987  0.93843  2.97713  10 DT C "C4'" 
514 O "O4'" . DT C 5  ? 8.47171  7.16988  5.05651  0.34400  0.90212  2.97624  10 DT C "O4'" 
515 C "C3'" . DT C 5  ? 8.39277  7.08803  5.01848  0.34860  0.93711  2.99624  10 DT C "C3'" 
516 O "O3'" . DT C 5  ? 8.39315  7.09107  5.03606  0.30960  0.92882  2.98729  10 DT C "O3'" 
517 C "C2'" . DT C 5  ? 8.43436  7.17829  5.06107  0.39189  0.90643  3.01336  10 DT C "C2'" 
518 C "C1'" . DT C 5  ? 8.47272  7.21294  5.07296  0.38206  0.88265  2.99708  10 DT C "C1'" 
519 N N1    . DT C 5  ? 8.59761  7.35389  5.17800  0.42330  0.87312  3.00553  10 DT C N1    
520 C C2    . DT C 5  ? 8.66965  7.47350  5.25354  0.45830  0.84483  3.02163  10 DT C C2    
521 O O2    . DT C 5  ? 8.64881  7.48286  5.25009  0.45680  0.82708  3.03090  10 DT C O2    
522 N N3    . DT C 5  ? 8.77154  7.58736  5.33499  0.49330  0.83861  3.02731  10 DT C N3    
523 C C4    . DT C 5  ? 8.82961  7.61309  5.36956  0.49524  0.85768  3.01923  10 DT C C4    
524 O O4    . DT C 5  ? 8.96121  7.75850  5.48317  0.52705  0.85062  3.02578  10 DT C O4    
525 C C5    . DT C 5  ? 8.70048  7.43399  5.23588  0.45472  0.88673  3.00317  10 DT C C5    
526 C C7    . DT C 5  ? 8.73798  7.43319  5.24360  0.44746  0.90972  2.99470  10 DT C C7    
527 C C6    . DT C 5  ? 8.63109  7.35488  5.18672  0.42167  0.89246  2.99678  10 DT C C6    
528 P P     . DG C 6  ? 8.40932  7.06756  5.04174  0.25450  0.94315  2.96181  11 DG C P     
529 O OP1   . DG C 6  ? 8.39393  7.05901  5.00789  0.24024  0.91573  2.94744  11 DG C OP1   
530 O OP2   . DG C 6  ? 8.42457  7.04184  5.04390  0.24760  0.98162  2.95763  11 DG C OP2   
531 O "O5'" . DG C 6  ? 8.35253  7.01624  5.01236  0.22542  0.94532  2.96197  11 DG C "O5'" 
532 C "C5'" . DG C 6  ? 8.37275  7.00520  5.03786  0.19564  0.97885  2.95411  11 DG C "C5'" 
533 C "C4'" . DG C 6  ? 8.33785  6.94980  4.99147  0.14276  0.97877  2.93010  11 DG C "C4'" 
534 O "O4'" . DG C 6  ? 8.38098  6.95474  5.02397  0.11647  1.01585  2.92005  11 DG C "O4'" 
535 C "C3'" . DG C 6  ? 8.31305  6.92720  4.94037  0.13630  0.95852  2.91680  11 DG C "C3'" 
536 O "O3'" . DG C 6  ? 8.29293  6.91177  4.91974  0.09972  0.94333  2.90254  11 DG C "O3'" 
537 C "C2'" . DG C 6  ? 8.34266  6.92420  4.94449  0.12443  0.98794  2.90767  11 DG C "C2'" 
538 C "C1'" . DG C 6  ? 8.36222  6.91769  4.97419  0.09468  1.01946  2.90385  11 DG C "C1'" 
539 N N9    . DG C 6  ? 8.46464  6.98132  5.05669  0.09657  1.05501  2.90445  11 DG C N9    
540 C C8    . DG C 6  ? 8.53365  7.03938  5.11492  0.14019  1.06481  2.91880  11 DG C C8    
541 N N7    . DG C 6  ? 8.60909  7.06982  5.16731  0.13121  1.09968  2.91639  11 DG C N7    
542 C C5    . DG C 6  ? 8.57675  7.02124  5.13095  0.07576  1.11336  2.89877  11 DG C C5    
543 C C6    . DG C 6  ? 8.55923  6.95708  5.08851  0.04010  1.14973  2.88874  11 DG C C6    
544 O O6    . DG C 6  ? 8.63164  6.98586  5.13484  0.05203  1.17872  2.89380  11 DG C O6    
545 N N1    . DG C 6  ? 8.55133  6.95465  5.08479  -0.01454 1.15109  2.87179  11 DG C N1    
546 C C2    . DG C 6  ? 8.50117  6.94560  5.05878  -0.02969 1.12173  2.86590  11 DG C C2    
547 N N2    . DG C 6  ? 8.49429  6.93911  5.05067  -0.08236 1.12830  2.85010  11 DG C N2    
548 N N3    . DG C 6  ? 8.44455  6.92588  5.02311  0.00429  1.08845  2.87545  11 DG C N3    
549 C C4    . DG C 6  ? 8.47976  6.96041  5.05568  0.05484  1.08601  2.89140  11 DG C C4    
550 P P     . DG C 7  ? 8.09579  6.72147  4.69506  0.08832  0.92518  2.88750  12 DG C P     
551 O OP1   . DG C 7  ? 8.06926  6.70926  4.67421  0.07571  0.89873  2.88387  12 DG C OP1   
552 O OP2   . DG C 7  ? 8.11411  6.74845  4.69667  0.12637  0.91636  2.89421  12 DG C OP2   
553 O "O5'" . DG C 7  ? 8.10300  6.70617  4.68516  0.04364  0.95466  2.87028  12 DG C "O5'" 
554 C "C5'" . DG C 7  ? 8.09133  6.68377  4.68485  0.00291  0.96965  2.86193  12 DG C "C5'" 
555 C "C4'" . DG C 7  ? 8.10746  6.68003  4.67797  -0.03857 0.99857  2.84690  12 DG C "C4'" 
556 O "O4'" . DG C 7  ? 8.14671  6.69004  4.70885  -0.02687 1.02704  2.85330  12 DG C "O4'" 
557 C "C3'" . DG C 7  ? 8.10513  6.69314  4.64503  -0.05343 0.99022  2.83468  12 DG C "C3'" 
558 O "O3'" . DG C 7  ? 8.09213  6.68564  4.62361  -0.10244 0.99797  2.81944  12 DG C "O3'" 
559 C "C2'" . DG C 7  ? 8.14501  6.71091  4.66044  -0.04935 1.01357  2.83607  12 DG C "C2'" 
560 C "C1'" . DG C 7  ? 8.16865  6.69999  4.69692  -0.05391 1.04278  2.84188  12 DG C "C1'" 
561 N N9    . DG C 7  ? 8.21427  6.71597  4.72734  -0.02997 1.06391  2.85127  12 DG C N9    
562 C C8    . DG C 7  ? 8.22734  6.73321  4.74340  0.02269  1.05297  2.86660  12 DG C C8    
563 N N7    . DG C 7  ? 8.27588  6.74738  4.77279  0.03538  1.07867  2.87318  12 DG C N7    
564 C C5    . DG C 7  ? 8.29819  6.73832  4.77712  -0.01385 1.10874  2.86111  12 DG C C5    
565 C C6    . DG C 7  ? 8.35780  6.74813  4.80766  -0.02609 1.14551  2.86171  12 DG C C6    
566 O O6    . DG C 7  ? 8.45517  6.81632  4.88890  0.00804  1.15964  2.87391  12 DG C O6    
567 N N1    . DG C 7  ? 8.36549  6.73908  4.80222  -0.08443 1.16711  2.84689  12 DG C N1    
568 C C2    . DG C 7  ? 8.31921  6.72369  4.77021  -0.12413 1.15443  2.83352  12 DG C C2    
569 N N2    . DG C 7  ? 8.33552  6.72334  4.76983  -0.17976 1.17860  2.82071  12 DG C N2    
570 N N3    . DG C 7  ? 8.26512  6.71295  4.74250  -0.11009 1.12072  2.83337  12 DG C N3    
571 C C4    . DG C 7  ? 8.25869  6.72047  4.74826  -0.05524 1.09959  2.84737  12 DG C C4    
572 P P     . DC C 8  ? 7.80550  6.42802  4.30791  -0.12263 0.98797  2.80662  13 DC C P     
573 O OP1   . DC C 8  ? 7.77365  6.41906  4.28764  -0.12588 0.96483  2.80361  13 DC C OP1   
574 O OP2   . DC C 8  ? 7.82012  6.45232  4.30355  -0.09158 0.97912  2.81118  13 DC C OP2   
575 O "O5'" . DC C 8  ? 7.82689  6.43606  4.30602  -0.17984 1.02160  2.79306  13 DC C "O5'" 
576 C "C5'" . DC C 8  ? 7.86262  6.43358  4.33680  -0.19012 1.05205  2.79595  13 DC C "C5'" 
577 C "C4'" . DC C 8  ? 7.88678  6.44918  4.33131  -0.25035 1.08071  2.78202  13 DC C "C4'" 
578 O "O4'" . DC C 8  ? 7.93487  6.45695  4.36310  -0.25381 1.10950  2.78670  13 DC C "O4'" 
579 C "C3'" . DC C 8  ? 7.88772  6.48328  4.29798  -0.27531 1.07571  2.77133  13 DC C "C3'" 
580 O "O3'" . DC C 8  ? 7.90032  6.49893  4.28832  -0.33758 1.09755  2.75728  13 DC C "O3'" 
581 C "C2'" . DC C 8  ? 7.92483  6.50446  4.31145  -0.25842 1.08453  2.77787  13 DC C "C2'" 
582 C "C1'" . DC C 8  ? 7.96044  6.48852  4.35346  -0.25916 1.11223  2.78496  13 DC C "C1'" 
583 N N1    . DC C 8  ? 7.98461  6.48868  4.38012  -0.20725 1.11130  2.80013  13 DC C N1    
584 C C2    . DC C 8  ? 8.04107  6.49930  4.41455  -0.21310 1.14198  2.80523  13 DC C C2    
585 O O2    . DC C 8  ? 8.07009  6.50855  4.42294  -0.26378 1.16913  2.79692  13 DC C O2    
586 N N3    . DC C 8  ? 8.06633  6.50308  4.43982  -0.16225 1.14137  2.81988  13 DC C N3    
587 C C4    . DC C 8  ? 8.03465  6.49894  4.43001  -0.11123 1.11089  2.82869  13 DC C C4    
588 N N4    . DC C 8  ? 8.06207  6.50873  4.45562  -0.06256 1.11113  2.84349  13 DC C N4    
589 C C5    . DC C 8  ? 7.97812  6.48857  4.39576  -0.10724 1.07918  2.82346  13 DC C C5    
590 C C6    . DC C 8  ? 7.95624  6.48279  4.37268  -0.15410 1.08099  2.80956  13 DC C C6    
591 P P     . DT D 1  ? 10.05772 4.35965  8.25607  1.64467  0.90458  -1.72405 1  DT D P     
592 O OP1   . DT D 1  ? 10.29496 4.56959  8.25368  1.83828  1.04579  -1.67929 1  DT D OP1   
593 O OP2   . DT D 1  ? 9.89574  4.27754  8.06267  1.53129  0.83665  -1.75654 1  DT D OP2   
594 O "O5'" . DT D 1  ? 10.09951 4.40445  8.33982  1.65823  0.71568  -1.85616 1  DT D "O5'" 
595 C "C5'" . DT D 1  ? 10.29625 4.54368  8.49016  1.79814  0.73852  -1.87186 1  DT D "C5'" 
596 C "C4'" . DT D 1  ? 10.32047 4.57227  8.65093  1.74948  0.55813  -1.97866 1  DT D "C4'" 
597 O "O4'" . DT D 1  ? 10.18214 4.40233  8.84462  1.55288  0.51555  -1.93062 1  DT D "O4'" 
598 C "C3'" . DT D 1  ? 10.48040 4.84131  8.68425  1.73829  0.36795  -2.11466 1  DT D "C3'" 
599 O "O3'" . DT D 1  ? 10.69039 5.05518  8.76731  1.87158  0.28755  -2.20360 1  DT D "O3'" 
600 C "C2'" . DT D 1  ? 10.40688 4.80433  8.89485  1.51929  0.21425  -2.13469 1  DT D "C2'" 
601 C "C1'" . DT D 1  ? 10.32098 4.60523  9.07722  1.44586  0.30297  -2.03542 1  DT D "C1'" 
602 N N1    . DT D 1  ? 10.16639 4.45906  9.20993  1.21189  0.24299  -1.97522 1  DT D N1    
603 C C2    . DT D 1  ? 10.31260 4.67503  9.71317  1.06213  0.15510  -1.94085 1  DT D C2    
604 O O2    . DT D 1  ? 10.41543 4.68621  9.82562  1.14835  0.11966  -1.98973 1  DT D O2    
605 N N3    . DT D 1  ? 10.23327 4.82958  9.99618  0.79674  0.11868  -1.83156 1  DT D N3    
606 C C4    . DT D 1  ? 10.07637 4.81717  9.86635  0.67699  0.15382  -1.76356 1  DT D C4    
607 O O4    . DT D 1  ? 9.98081  4.92205  10.09412 0.45075  0.11108  -1.67023 1  DT D O4    
608 C C5    . DT D 1  ? 9.97358  4.60813  9.37556  0.84495  0.24273  -1.81152 1  DT D C5    
609 C C7    . DT D 1  ? 9.83775  4.61257  9.23479  0.73702  0.28501  -1.74790 1  DT D C7    
610 C C6    . DT D 1  ? 10.03789 4.44376  9.08230  1.10387  0.28293  -1.91520 1  DT D C6    
611 P P     . DG D 2  ? 10.79150 5.28405  8.74085  1.88887  0.07413  -2.34368 2  DG D P     
612 O OP1   . DG D 2  ? 11.03530 5.50772  8.72570  2.09129  0.08409  -2.38952 2  DG D OP1   
613 O OP2   . DG D 2  ? 10.68353 5.28101  8.58925  1.79775  0.03362  -2.35163 2  DG D OP2   
614 O "O5'" . DG D 2  ? 10.85666 5.37895  9.09978  1.75308  -0.11120 -2.40126 2  DG D "O5'" 
615 C "C5'" . DG D 2  ? 10.96901 5.39555  9.32785  1.79154  -0.09154 -2.38870 2  DG D "C5'" 
616 C "C4'" . DG D 2  ? 10.96277 5.45932  9.64154  1.62632  -0.28359 -2.43094 2  DG D "C4'" 
617 O "O4'" . DG D 2  ? 10.74462 5.23300  9.70045  1.43233  -0.24928 -2.33565 2  DG D "O4'" 
618 C "C3'" . DG D 2  ? 11.05615 5.74243  9.78096  1.56221  -0.51979 -2.54709 2  DG D "C3'" 
619 O "O3'" . DG D 2  ? 11.31548 6.04913  10.17590 1.57382  -0.67737 -2.62614 2  DG D "O3'" 
620 C "C2'" . DG D 2  ? 10.85731 5.65146  9.86861  1.32734  -0.58644 -2.50226 2  DG D "C2'" 
621 C "C1'" . DG D 2  ? 10.73088 5.40197  9.95011  1.24523  -0.46079 -2.38337 2  DG D "C1'" 
622 N N9    . DG D 2  ? 10.50155 5.21238  9.91380  1.06428  -0.42220 -2.29198 2  DG D N9    
623 C C8    . DG D 2  ? 10.42622 5.10193  9.65654  1.08149  -0.31066 -2.25149 2  DG D C8    
624 N N7    . DG D 2  ? 10.34796 5.15688  9.84842  0.86779  -0.28595 -2.13482 2  DG D N7    
625 C C5    . DG D 2  ? 10.42944 5.35495  10.31237 0.70418  -0.38754 -2.09952 2  DG D C5    
626 C C6    . DG D 2  ? 10.33844 5.46239  10.61781 0.44658  -0.40269 -1.96725 2  DG D C6    
627 O O6    . DG D 2  ? 10.18663 5.42608  10.56114 0.31015  -0.33356 -1.85699 2  DG D O6    
628 N N1    . DG D 2  ? 10.28718 5.46851  10.86552 0.35681  -0.51482 -1.97399 2  DG D N1    
629 C C2    . DG D 2  ? 10.41448 5.47947  10.92982 0.49490  -0.60518 -2.09709 2  DG D C2    
630 N N2    . DG D 2  ? 10.42622 5.57706  11.27405 0.37508  -0.70413 -2.08014 2  DG D N2    
631 N N3    . DG D 2  ? 10.51033 5.40996  10.64887 0.73559  -0.59254 -2.21622 2  DG D N3    
632 C C4    . DG D 2  ? 10.48929 5.30705  10.32699 0.83387  -0.48714 -2.21919 2  DG D C4    
633 P P     . DT D 3  ? 11.07822 6.01854  10.03236 1.53245  -0.92888 -2.75417 3  DT D P     
634 O OP1   . DT D 3  ? 11.21878 6.14000  10.14572 1.65765  -1.02085 -2.83557 3  DT D OP1   
635 O OP2   . DT D 3  ? 11.10199 6.11774  9.83361  1.56940  -0.92668 -2.78173 3  DT D OP2   
636 O "O5'" . DT D 3  ? 10.55730 5.64768  9.96596  1.27004  -1.05547 -2.72439 3  DT D "O5'" 
637 C "C5'" . DT D 3  ? 10.43075 5.48345  10.12690 1.17293  -1.04975 -2.66464 3  DT D "C5'" 
638 C "C4'" . DT D 3  ? 9.96876  5.20922  10.09449 0.90560  -1.15179 -2.61030 3  DT D "C4'" 
639 O "O4'" . DT D 3  ? 9.97516  5.18400  10.11292 0.80294  -1.02431 -2.50255 3  DT D "O4'" 
640 C "C3'" . DT D 3  ? 9.82073  5.29870  10.09141 0.81449  -1.34299 -2.69026 3  DT D "C3'" 
641 O "O3'" . DT D 3  ? 9.68924  5.31577  10.33018 0.69816  -1.48915 -2.70546 3  DT D "O3'" 
642 C "C2'" . DT D 3  ? 9.57925  5.15635  9.94756  0.64210  -1.30833 -2.60986 3  DT D "C2'" 
643 C "C1'" . DT D 3  ? 9.53821  4.97207  9.96117  0.58872  -1.13981 -2.48032 3  DT D "C1'" 
644 N N1    . DT D 3  ? 9.65820  5.07385  9.99528  0.52626  -1.03198 -2.40700 3  DT D N1    
645 C C2    . DT D 3  ? 9.49224  5.03943  10.15114 0.29578  -1.00970 -2.27393 3  DT D C2    
646 O O2    . DT D 3  ? 9.22480  4.88007  10.23449 0.14429  -1.07525 -2.21970 3  DT D O2    
647 N N3    . DT D 3  ? 9.47881  5.06844  10.01949 0.24708  -0.89115 -2.18027 3  DT D N3    
648 C C4    . DT D 3  ? 9.62551  5.10401  9.78194  0.40458  -0.80321 -2.22469 3  DT D C4    
649 O O4    . DT D 3  ? 9.67318  5.20279  9.76477  0.34348  -0.69990 -2.13393 3  DT D O4    
650 C C5    . DT D 3  ? 9.86439  5.15873  9.69868  0.65326  -0.84481 -2.38879 3  DT D C5    
651 C C7    . DT D 3  ? 10.07208 5.24782  9.46528  0.84331  -0.74606 -2.43597 3  DT D C7    
652 C C6    . DT D 3  ? 9.87664  5.18135  9.81163  0.69563  -0.94750 -2.45433 3  DT D C6    
653 P P     . DA D 4  ? 8.70793  4.60358  9.59797  0.58382  -1.68240 -2.76734 4  DA D P     
654 O OP1   . DA D 4  ? 8.72569  4.69528  9.86218  0.58467  -1.80896 -2.81934 4  DA D OP1   
655 O OP2   . DA D 4  ? 8.81898  4.72746  9.40548  0.70257  -1.70334 -2.85186 4  DA D OP2   
656 O "O5'" . DA D 4  ? 8.37166  4.43217  9.58412  0.31853  -1.66461 -2.63182 4  DA D "O5'" 
657 C "C5'" . DA D 4  ? 8.23123  4.28797  9.70342  0.17950  -1.59823 -2.50450 4  DA D "C5'" 
658 C "C4'" . DA D 4  ? 7.92474  4.17682  9.65835  -0.05938 -1.58495 -2.36945 4  DA D "C4'" 
659 O "O4'" . DA D 4  ? 7.92167  4.06794  9.44343  -0.05685 -1.45543 -2.31580 4  DA D "O4'" 
660 C "C3'" . DA D 4  ? 7.76673  4.27161  9.66011  -0.15894 -1.71409 -2.39277 4  DA D "C3'" 
661 O "O3'" . DA D 4  ? 7.50027  4.22536  9.76587  -0.37576 -1.72779 -2.25040 4  DA D "O3'" 
662 C "C2'" . DA D 4  ? 7.76962  4.24465  9.40109  -0.13665 -1.66151 -2.40418 4  DA D "C2'" 
663 C "C1'" . DA D 4  ? 7.74359  4.07666  9.32190  -0.17699 -1.50368 -2.29100 4  DA D "C1'" 
664 N N9    . DA D 4  ? 7.83244  4.03225  9.08700  -0.09184 -1.40830 -2.31092 4  DA D N9    
665 C C8    . DA D 4  ? 8.08683  4.12038  8.95027  0.12795  -1.38211 -2.43101 4  DA D C8    
666 N N7    . DA D 4  ? 8.11071  4.06469  8.73942  0.16145  -1.27679 -2.40589 4  DA D N7    
667 C C5    . DA D 4  ? 7.84348  3.95978  8.72430  -0.05645 -1.22313 -2.24004 4  DA D C5    
668 C C6    . DA D 4  ? 7.72433  3.89652  8.53606  -0.13730 -1.10032 -2.11722 4  DA D C6    
669 N N6    . DA D 4  ? 7.85849  3.92596  8.31951  -0.00799 -0.99676 -2.13857 4  DA D N6    
670 N N1    . DA D 4  ? 7.46931  3.80661  8.58784  -0.35064 -1.09065 -1.97390 4  DA D N1    
671 C C2    . DA D 4  ? 7.34455  3.78094  8.80757  -0.47376 -1.18796 -1.94877 4  DA D C2    
672 N N3    . DA D 4  ? 7.42844  3.82886  9.00226  -0.42240 -1.30004 -2.04955 4  DA D N3    
673 C C4    . DA D 4  ? 7.68024  3.91848  8.95015  -0.21009 -1.31559 -2.19756 4  DA D C4    
674 P P     . DG D 5  ? 7.22026  4.22876  9.75147  -0.48600 -1.84922 -2.24048 5  DG D P     
675 O OP1   . DG D 5  ? 7.33355  4.35021  9.98237  -0.39484 -1.95902 -2.34577 5  DG D OP1   
676 O OP2   . DG D 5  ? 7.18786  4.25998  9.55730  -0.48689 -1.86376 -2.27330 5  DG D OP2   
677 O "O5'" . DG D 5  ? 6.96348  4.15873  9.80065  -0.69726 -1.79314 -2.04026 5  DG D "O5'" 
678 C "C5'" . DG D 5  ? 6.88939  4.02304  9.67739  -0.77086 -1.66608 -1.91514 5  DG D "C5'" 
679 C "C4'" . DG D 5  ? 6.73798  3.99467  9.47399  -0.87443 -1.62788 -1.83252 5  DG D "C4'" 
680 O "O4'" . DG D 5  ? 6.86571  3.93456  9.28839  -0.77296 -1.57791 -1.91165 5  DG D "O4'" 
681 C "C3'" . DG D 5  ? 6.64305  4.11222  9.47463  -0.92403 -1.71988 -1.84907 5  DG D "C3'" 
682 O "O3'" . DG D 5  ? 6.43571  4.12742  9.50275  -1.08274 -1.69432 -1.68256 5  DG D "O3'" 
683 C "C2'" . DG D 5  ? 6.67678  4.09689  9.24227  -0.88311 -1.70742 -1.90822 5  DG D "C2'" 
684 C "C1'" . DG D 5  ? 6.76104  3.96157  9.12424  -0.83453 -1.59531 -1.89464 5  DG D "C1'" 
685 N N9    . DG D 5  ? 6.93559  3.95503  8.96004  -0.68781 -1.58306 -2.02590 5  DG D N9    
686 C C8    . DG D 5  ? 7.16029  4.04211  8.97660  -0.50112 -1.64099 -2.19519 5  DG D C8    
687 N N7    . DG D 5  ? 7.29533  4.03490  8.77832  -0.38105 -1.59618 -2.27206 5  DG D N7    
688 C C5    . DG D 5  ? 7.14180  3.92072  8.63985  -0.50592 -1.50994 -2.15333 5  DG D C5    
689 C C6    . DG D 5  ? 7.18200  3.89375  8.38906  -0.45484 -1.40931 -2.13810 5  DG D C6    
690 O O6    . DG D 5  ? 7.37266  3.95665  8.23468  -0.28247 -1.37576 -2.23471 5  DG D O6    
691 N N1    . DG D 5  ? 6.97705  3.80862  8.31126  -0.61898 -1.33222 -1.97643 5  DG D N1    
692 C C2    . DG D 5  ? 6.77293  3.74313  8.46475  -0.80398 -1.36140 -1.85991 5  DG D C2    
693 N N2    . DG D 5  ? 6.60904  3.67574  8.36317  -0.93139 -1.28672 -1.71884 5  DG D N2    
694 N N3    . DG D 5  ? 6.73634  3.79401  8.66600  -0.84325 -1.43161 -1.84938 5  DG D N3    
695 C C4    . DG D 5  ? 6.92146  3.87694  8.74896  -0.69368 -1.50354 -2.00026 5  DG D C4    
696 P P     . DT D 6  ? 6.60611  4.52572  9.76323  -1.16485 -1.73781 -1.63860 6  DT D P     
697 O OP1   . DT D 6  ? 6.46792  4.56423  9.88023  -1.27621 -1.71635 -1.49319 6  DT D OP1   
698 O OP2   . DT D 6  ? 6.71890  4.62414  9.82302  -1.06116 -1.84206 -1.80024 6  DT D OP2   
699 O "O5'" . DT D 6  ? 6.52682  4.45341  9.49510  -1.22091 -1.66422 -1.57141 6  DT D "O5'" 
700 C "C5'" . DT D 6  ? 6.46220  4.34808  9.40256  -1.28257 -1.56103 -1.45122 6  DT D "C5'" 
701 C "C4'" . DT D 6  ? 6.52681  4.43105  9.29692  -1.32566 -1.50875 -1.40602 6  DT D "C4'" 
702 O "O4'" . DT D 6  ? 6.70606  4.41251  9.22400  -1.21081 -1.51199 -1.54586 6  DT D "O4'" 
703 C "C3'" . DT D 6  ? 6.50940  4.61616  9.31110  -1.39725 -1.54363 -1.36223 6  DT D "C3'" 
704 O "O3'" . DT D 6  ? 6.55978  4.73904  9.30672  -1.48407 -1.46979 -1.23726 6  DT D "O3'" 
705 C "C2'" . DT D 6  ? 6.68039  4.70349  9.29342  -1.29726 -1.60770 -1.52443 6  DT D "C2'" 
706 C "C1'" . DT D 6  ? 6.82901  4.61863  9.22802  -1.21735 -1.54843 -1.58327 6  DT D "C1'" 
707 N N1    . DT D 6  ? 6.99984  4.61546  9.16231  -1.06053 -1.59574 -1.77006 6  DT D N1    
708 C C2    . DT D 6  ? 7.17471  4.66773  9.06632  -1.00395 -1.55045 -1.82029 6  DT D C2    
709 O O2    . DT D 6  ? 7.17688  4.70231  9.03973  -1.08692 -1.48033 -1.72035 6  DT D O2    
710 N N3    . DT D 6  ? 7.36929  4.70096  9.00849  -0.83266 -1.58703 -1.99214 6  DT D N3    
711 C C4    . DT D 6  ? 7.38151  4.67148  9.01997  -0.71524 -1.66988 -2.11609 6  DT D C4    
712 O O4    . DT D 6  ? 7.56170  4.71410  8.93043  -0.54510 -1.69158 -2.25958 6  DT D O4    
713 C C5    . DT D 6  ? 7.23626  4.66144  9.19994  -0.79447 -1.72345 -2.05956 6  DT D C5    
714 C C7    . DT D 6  ? 7.19201  4.59086  9.20559  -0.67868 -1.82110 -2.18626 6  DT D C7    
715 C C6    . DT D 6  ? 7.05078  4.62694  9.25293  -0.96050 -1.67972 -1.89004 6  DT D C6    
716 P P     . DC D 7  ? 6.95865  5.36319  9.76773  -1.58201 -1.47270 -1.13204 7  DC D P     
717 O OP1   . DC D 7  ? 6.85448  5.37184  9.84673  -1.65431 -1.43545 -0.99587 7  DC D OP1   
718 O OP2   . DC D 7  ? 6.94519  5.40924  9.75098  -1.54768 -1.55425 -1.22877 7  DC D OP2   
719 O "O5'" . DC D 7  ? 6.94586  5.33248  9.56795  -1.61260 -1.41368 -1.08754 7  DC D "O5'" 
720 C "C5'" . DC D 7  ? 7.06976  5.26714  9.49340  -1.53701 -1.39792 -1.18768 7  DC D "C5'" 
721 C "C4'" . DC D 7  ? 7.03626  5.26939  9.28260  -1.54259 -1.40738 -1.21595 7  DC D "C4'" 
722 O "O4'" . DC D 7  ? 7.14318  5.23350  9.21454  -1.42827 -1.45794 -1.38704 7  DC D "O4'" 
723 C "C3'" . DC D 7  ? 6.89691  5.34760  9.21812  -1.61273 -1.44547 -1.15723 7  DC D "C3'" 
724 O "O3'" . DC D 7  ? 6.85162  5.35027  9.02351  -1.64596 -1.42366 -1.12729 7  DC D "O3'" 
725 C "C2'" . DC D 7  ? 6.94740  5.38254  9.26765  -1.53705 -1.53266 -1.29565 7  DC D "C2'" 
726 C "C1'" . DC D 7  ? 7.10049  5.32312  9.18129  -1.42670 -1.53422 -1.43562 7  DC D "C1'" 
727 N N1    . DC D 7  ? 7.20212  5.31797  9.24736  -1.30426 -1.60652 -1.59671 7  DC D N1    
728 C C2    . DC D 7  ? 7.29772  5.23898  9.06885  -1.17298 -1.61996 -1.74809 7  DC D C2    
729 O O2    . DC D 7  ? 7.30421  5.18046  8.88018  -1.16900 -1.56832 -1.74313 7  DC D O2    
730 N N3    . DC D 7  ? 7.45843  5.30457  9.17164  -1.04128 -1.68612 -1.89656 7  DC D N3    
731 C C4    . DC D 7  ? 7.45191  5.37441  9.39929  -1.05057 -1.74397 -1.89810 7  DC D C4    
732 N N4    . DC D 7  ? 7.61908  5.44937  9.50407  -0.91121 -1.81465 -2.04862 7  DC D N4    
733 C C5    . DC D 7  ? 7.30124  5.39651  9.54198  -1.19026 -1.72786 -1.74471 7  DC D C5    
734 C C6    . DC D 7  ? 7.19972  5.38378  9.46349  -1.30716 -1.65608 -1.59815 7  DC D C6    
735 P P     . DA D 8  ? 6.49925  5.09803  8.69892  -1.73674 -1.35285 -0.96932 8  DA D P     
736 O OP1   . DA D 8  ? 6.52056  5.01032  8.76694  -1.73127 -1.29047 -0.92518 8  DA D OP1   
737 O OP2   . DA D 8  ? 6.40449  5.20170  8.74220  -1.80367 -1.36926 -0.87858 8  DA D OP2   
738 O "O5'" . DA D 8  ? 6.48959  5.06186  8.47236  -1.73143 -1.34161 -0.99748 8  DA D "O5'" 
739 C "C5'" . DA D 8  ? 6.60674  5.01632  8.39921  -1.64339 -1.36368 -1.13985 8  DA D "C5'" 
740 C "C4'" . DA D 8  ? 6.61290  5.10733  8.30684  -1.62277 -1.43169 -1.21597 8  DA D "C4'" 
741 O "O4'" . DA D 8  ? 6.73456  5.14522  8.41765  -1.53004 -1.49138 -1.35362 8  DA D "O4'" 
742 C "C3'" . DA D 8  ? 6.49198  5.21397  8.33001  -1.70628 -1.45289 -1.11848 8  DA D "C3'" 
743 O "O3'" . DA D 8  ? 6.40127  5.21495  8.15045  -1.76276 -1.42438 -1.03889 8  DA D "O3'" 
744 C "C2'" . DA D 8  ? 6.55008  5.30645  8.36778  -1.65275 -1.52908 -1.23235 8  DA D "C2'" 
745 C "C1'" . DA D 8  ? 6.70896  5.26060  8.41268  -1.53408 -1.55423 -1.38585 8  DA D "C1'" 
746 N N9    . DA D 8  ? 6.77285  5.32337  8.63086  -1.48946 -1.60924 -1.44954 8  DA D N9    
747 C C8    . DA D 8  ? 6.70613  5.37514  8.82425  -1.55187 -1.61595 -1.36428 8  DA D C8    
748 N N7    . DA D 8  ? 6.79270  5.42711  9.01201  -1.48729 -1.67413 -1.45492 8  DA D N7    
749 C C5    . DA D 8  ? 6.93226  5.41530  8.92809  -1.36672 -1.70881 -1.61298 8  DA D C5    
750 C C6    . DA D 8  ? 7.08733  5.46641  9.03906  -1.23854 -1.77664 -1.77059 8  DA D C6    
751 N N6    . DA D 8  ? 7.11324  5.53425  9.28502  -1.22365 -1.82970 -1.79363 8  DA D N6    
752 N N1    . DA D 8  ? 7.22820  5.45567  8.88745  -1.11387 -1.78540 -1.90507 8  DA D N1    
753 C C2    . DA D 8  ? 7.20703  5.38840  8.64976  -1.12562 -1.72852 -1.88240 8  DA D C2    
754 N N3    . DA D 8  ? 7.05743  5.32949  8.54127  -1.24945 -1.67035 -1.74283 8  DA D N3    
755 C C4    . DA D 8  ? 6.92570  5.35037  8.68863  -1.36447 -1.66455 -1.61129 8  DA D C4    
756 P P     . DC D 9  ? 6.60627  5.54402  8.48388  -1.84927 -1.37096 -0.87325 9  DC D P     
757 O OP1   . DC D 9  ? 6.52507  5.45381  8.59548  -1.85943 -1.35297 -0.82559 9  DC D OP1   
758 O OP2   . DC D 9  ? 6.59029  5.70056  8.47272  -1.89549 -1.39070 -0.81801 9  DC D OP2   
759 O "O5'" . DC D 9  ? 6.61084  5.44992  8.34954  -1.84711 -1.31689 -0.85119 9  DC D "O5'" 
760 C "C5'" . DC D 9  ? 6.49284  5.35915  8.32370  -1.88801 -1.26075 -0.73862 9  DC D "C5'" 
761 C "C4'" . DC D 9  ? 6.44925  5.35090  8.16161  -1.91112 -1.23665 -0.69030 9  DC D "C4'" 
762 O "O4'" . DC D 9  ? 6.51916  5.57577  8.19283  -1.94025 -1.27709 -0.66340 9  DC D "O4'" 
763 C "C3'" . DC D 9  ? 6.35799  5.29916  8.16502  -1.94289 -1.18799 -0.58072 9  DC D "C3'" 
764 O "O3'" . DC D 9  ? 6.25615  5.15791  7.94332  -1.94078 -1.16048 -0.57298 9  DC D "O3'" 
765 C "C2'" . DC D 9  ? 6.43304  5.55395  8.33184  -1.98460 -1.21805 -0.49649 9  DC D "C2'" 
766 C "C1'" . DC D 9  ? 6.48141  5.66016  8.24532  -1.98387 -1.26195 -0.54388 9  DC D "C1'" 
767 N N1    . DC D 9  ? 6.58773  5.91031  8.44232  -2.01129 -1.29917 -0.50328 9  DC D N1    
768 C C2    . DC D 9  ? 6.69570  6.14046  8.55087  -2.04346 -1.30935 -0.40929 9  DC D C2    
769 O O2    . DC D 9  ? 6.73261  6.17021  8.50922  -2.04618 -1.29523 -0.36786 9  DC D O2    
770 N N3    . DC D 9  ? 6.74478  6.30368  8.69282  -2.06798 -1.33679 -0.36601 9  DC D N3    
771 C C4    . DC D 9  ? 6.71524  6.27846  8.76528  -2.06253 -1.35221 -0.41791 9  DC D C4    
772 N N4    . DC D 9  ? 6.72962  6.40292  8.89121  -2.08892 -1.37217 -0.37024 9  DC D N4    
773 C C5    . DC D 9  ? 6.60966  6.05587  8.65708  -2.02636 -1.35142 -0.52030 9  DC D C5    
774 C C6    . DC D 9  ? 6.58790  5.91224  8.53045  -2.00088 -1.32533 -0.55759 9  DC D C6    
775 P P     . DC D 10 ? 6.23160  5.11338  7.99641  -1.95006 -1.10451 -0.49704 10 DC D P     
776 O OP1   . DC D 10 ? 6.25659  4.95888  7.94934  -1.91422 -1.05167 -0.55457 10 DC D OP1   
777 O OP2   . DC D 10 ? 6.19760  5.13309  8.13652  -1.96487 -1.09940 -0.43298 10 DC D OP2   
778 O "O5'" . DC D 10 ? 6.21259  5.22339  7.91786  -1.97661 -1.12850 -0.43456 10 DC D "O5'" 
779 C "C5'" . DC D 10 ? 6.27336  5.43762  7.99487  -2.00340 -1.18158 -0.38552 10 DC D "C5'" 
780 C "C4'" . DC D 10 ? 6.22865  5.48624  8.02868  -2.02351 -1.19244 -0.28337 10 DC D "C4'" 
781 O "O4'" . DC D 10 ? 6.34775  5.73224  8.19522  -2.04853 -1.23961 -0.22439 10 DC D "O4'" 
782 C "C3'" . DC D 10 ? 6.15337  5.36865  8.10247  -2.01927 -1.15815 -0.24299 10 DC D "C3'" 
783 O "O3'" . DC D 10 ? 6.09407  5.35383  8.06604  -2.02406 -1.17137 -0.17646 10 DC D "O3'" 
784 C "C2'" . DC D 10 ? 6.25518  5.53613  8.32257  -2.03542 -1.18031 -0.20773 10 DC D "C2'" 
785 C "C1'" . DC D 10 ? 6.36201  5.76525  8.37525  -2.05789 -1.23365 -0.16547 10 DC D "C1'" 
786 N N1    . DC D 10 ? 6.60148  6.06691  8.68958  -2.07337 -1.25539 -0.16158 10 DC D N1    
787 C C2    . DC D 10 ? 6.70797  6.28695  8.82979  -2.10005 -1.29494 -0.08067 10 DC D C2    
788 O O2    . DC D 10 ? 6.67399  6.29616  8.74528  -2.10894 -1.32045 -0.01365 10 DC D O2    
789 N N3    . DC D 10 ? 6.69835  6.33066  8.91325  -2.11483 -1.30687 -0.07703 10 DC D N3    
790 C C4    . DC D 10 ? 6.77709  6.35725  9.04491  -2.10124 -1.29083 -0.15689 10 DC D C4    
791 N N4    . DC D 10 ? 6.73879  6.37601  9.11622  -2.11480 -1.30630 -0.15570 10 DC D N4    
792 C C5    . DC D 10 ? 6.58951  6.04927  8.80664  -2.07180 -1.26139 -0.23946 10 DC D C5    
793 C C6    . DC D 10 ? 6.50701  5.91131  8.63750  -2.06026 -1.23964 -0.23521 10 DC D C6    
794 P P     . DA D 11 ? 5.74030  4.93623  7.82796  -2.00993 -1.13322 -0.15123 11 DA D P     
795 O OP1   . DA D 11 ? 5.70900  4.81632  7.73285  -1.99030 -1.09170 -0.19732 11 DA D OP1   
796 O OP2   . DA D 11 ? 5.73368  4.88693  7.93011  -2.00671 -1.10545 -0.15542 11 DA D OP2   
797 O "O5'" . DA D 11 ? 5.75188  5.04856  7.89768  -2.02326 -1.19281 -0.05892 11 DA D "O5'" 
798 C "C5'" . DA D 11 ? 5.71135  5.07516  7.75954  -2.03049 -1.24600 -0.03382 11 DA D "C5'" 
799 C "C4'" . DA D 11 ? 5.76707  5.22994  7.86122  -2.05068 -1.31893 0.06234  11 DA D "C4'" 
800 O "O4'" . DA D 11 ? 5.88500  5.40248  7.98706  -2.07188 -1.32835 0.08095  11 DA D "O4'" 
801 C "C3'" . DA D 11 ? 5.79636  5.24910  8.03893  -2.04624 -1.33110 0.11928  11 DA D "C3'" 
802 O "O3'" . DA D 11 ? 5.56138  5.07635  7.80238  -2.05488 -1.41449 0.19765  11 DA D "O3'" 
803 C "C2'" . DA D 11 ? 5.69444  5.16113  8.02855  -2.05984 -1.31290 0.14038  11 DA D "C2'" 
804 C "C1'" . DA D 11 ? 5.77665  5.31142  8.02381  -2.08120 -1.33581 0.14302  11 DA D "C1'" 
805 N N9    . DA D 11 ? 6.12920  5.65557  8.42642  -2.08686 -1.29940 0.10593  11 DA D N9    
806 C C8    . DA D 11 ? 6.17779  5.62092  8.48657  -2.06971 -1.24304 0.02329  11 DA D C8    
807 N N7    . DA D 11 ? 6.21819  5.67212  8.57799  -2.07744 -1.23513 0.00064  11 DA D N7    
808 C C5    . DA D 11 ? 6.27318  5.82669  8.66837  -2.10283 -1.27884 0.07543  11 DA D C5    
809 C C6    . DA D 11 ? 6.37345  5.98490  8.84942  -2.12177 -1.28940 0.09326  11 DA D C6    
810 N N6    . DA D 11 ? 6.62296  6.20161  9.15504  -2.11510 -1.26573 0.02519  11 DA D N6    
811 N N1    . DA D 11 ? 6.37804  6.07804  8.88262  -2.14755 -1.32882 0.18586  11 DA D N1    
812 C C2    . DA D 11 ? 6.36210  6.08817  8.80188  -2.15319 -1.36691 0.25502  11 DA D C2    
813 N N3    . DA D 11 ? 6.17185  5.85220  8.53214  -2.13472 -1.37138 0.23845  11 DA D N3    
814 C C4    . DA D 11 ? 6.06112  5.65662  8.41058  -2.10985 -1.31983 0.14600  11 DA D C4    
815 P P     . DC D 12 ? 5.75356  5.25537  8.13095  -2.04524 -1.45367 0.25595  12 DC D P     
816 O OP1   . DC D 12 ? 5.76487  5.28797  8.09514  -2.03748 -1.53109 0.27843  12 DC D OP1   
817 O OP2   . DC D 12 ? 5.75708  5.17784  8.23080  -2.02481 -1.37704 0.20486  12 DC D OP2   
818 O "O5'" . DC D 12 ? 5.77829  5.34040  8.22757  -2.07220 -1.49695 0.35201  12 DC D "O5'" 
819 C "C5'" . DC D 12 ? 5.78429  5.42482  8.15485  -2.10059 -1.55466 0.41575  12 DC D "C5'" 
820 C "C4'" . DC D 12 ? 5.80174  5.48124  8.26705  -2.12591 -1.54893 0.48297  12 DC D "C4'" 
821 O "O4'" . DC D 12 ? 5.77463  5.43246  8.25364  -2.12285 -1.46798 0.40678  12 DC D "O4'" 
822 C "C3'" . DC D 12 ? 5.83930  5.49780  8.46276  -2.12281 -1.56407 0.54561  12 DC D "C3'" 
823 O "O3'" . DC D 12 ? 5.88782  5.59945  8.54222  -2.14802 -1.65301 0.67281  12 DC D "O3'" 
824 C "C2'" . DC D 12 ? 5.83072  5.47316  8.54957  -2.12455 -1.48748 0.51469  12 DC D "C2'" 
825 C "C1'" . DC D 12 ? 5.79662  5.46445  8.41534  -2.13410 -1.45259 0.45350  12 DC D "C1'" 
826 N N1    . DC D 12 ? 5.78168  5.40338  8.43548  -2.12215 -1.37674 0.36238  12 DC D N1    
827 C C2    . DC D 12 ? 5.78755  5.44447  8.51200  -2.13926 -1.35850 0.36919  12 DC D C2    
828 O O2    . DC D 12 ? 5.80194  5.52795  8.56643  -2.16489 -1.39412 0.45608  12 DC D O2    
829 N N3    . DC D 12 ? 5.78545  5.39654  8.54001  -2.12760 -1.30584 0.28355  12 DC D N3    
830 C C4    . DC D 12 ? 5.78139  5.31055  8.49057  -2.10232 -1.26786 0.20439  12 DC D C4    
831 N N4    . DC D 12 ? 5.79371  5.27120  8.52696  -2.09209 -1.22749 0.12851  12 DC D N4    
832 C C5    . DC D 12 ? 5.77299  5.26516  8.41875  -2.08607 -1.27296 0.20183  12 DC D C5    
833 C C6    . DC D 12 ? 5.77135  5.31406  8.39578  -2.09548 -1.32980 0.27666  12 DC D C6    
834 P P     . DG D 13 ? 6.24468  6.04042  8.85834  -2.18949 -1.68263 0.76184  13 DG D P     
835 O OP1   . DG D 13 ? 6.14074  5.97066  8.57812  -2.19551 -1.70494 0.72814  13 DG D OP1   
836 O OP2   . DG D 13 ? 6.28636  6.10756  8.98995  -2.21124 -1.75843 0.90088  13 DG D OP2   
837 O "O5'" . DG D 13 ? 6.27153  6.07328  8.97546  -2.19586 -1.59437 0.72803  13 DG D "O5'" 
838 C "C5'" . DG D 13 ? 6.49056  6.36023  9.24194  -2.22972 -1.59463 0.80823  13 DG D "C5'" 
839 C "C4'" . DG D 13 ? 6.49485  6.35865  9.43605  -2.23432 -1.56386 0.86345  13 DG D "C4'" 
840 O "O4'" . DG D 13 ? 6.53765  6.36226  9.53144  -2.21439 -1.48545 0.75053  13 DG D "O4'" 
841 C "C3'" . DG D 13 ? 6.52677  6.35016  9.55332  -2.22274 -1.60421 0.92421  13 DG D "C3'" 
842 O "O3'" . DG D 13 ? 6.60224  6.45981  9.76632  -2.24683 -1.62041 1.05737  13 DG D "O3'" 
843 C "C2'" . DG D 13 ? 6.53071  6.28524  9.61012  -2.18965 -1.53760 0.81263  13 DG D "C2'" 
844 C "C1'" . DG D 13 ? 6.65373  6.42814  9.76284  -2.19707 -1.46930 0.75427  13 DG D "C1'" 
845 N N9    . DG D 13 ? 6.68642  6.40032  9.78012  -2.17068 -1.40758 0.62484  13 DG D N9    
846 C C8    . DG D 13 ? 6.85315  6.50388  9.87131  -2.14333 -1.39472 0.54733  13 DG D C8    
847 N N7    . DG D 13 ? 6.89871  6.49919  9.92032  -2.12701 -1.33549 0.45104  13 DG D N7    
848 C C5    . DG D 13 ? 6.82909  6.46326  9.93368  -2.14293 -1.31611 0.45646  13 DG D C5    
849 C C6    . DG D 13 ? 7.03856  6.64185  10.18480 -2.13562 -1.27085 0.37531  13 DG D C6    
850 O O6    . DG D 13 ? 7.11446  6.64816  10.22166 -2.11431 -1.23695 0.28812  13 DG D O6    
851 N N1    . DG D 13 ? 7.15542  6.81307  10.40706 -2.15584 -1.27116 0.40775  13 DG D N1    
852 C C2    . DG D 13 ? 7.07801  6.80818  10.39058 -2.18133 -1.30013 0.51443  13 DG D C2    
853 N N2    . DG D 13 ? 7.15372  6.92750  10.58848 -2.19770 -1.28679 0.53298  13 DG D N2    
854 N N3    . DG D 13 ? 6.91844  6.67389  10.18228 -2.19016 -1.34293 0.60106  13 DG D N3    
855 C C4    . DG D 13 ? 6.85181  6.55716  10.01010 -2.16935 -1.35373 0.56186  13 DG D C4    
# 
